data_7HLK
# 
_entry.id   7HLK 
# 
_audit_conform.dict_name       mmcif_pdbx.dic 
_audit_conform.dict_version    5.399 
_audit_conform.dict_location   http://mmcif.pdb.org/dictionaries/ascii/mmcif_pdbx.dic 
# 
loop_
_database_2.database_id 
_database_2.database_code 
_database_2.pdbx_database_accession 
_database_2.pdbx_DOI 
PDB   7HLK         pdb_00007hlk 10.2210/pdb7hlk/pdb 
WWPDB D_1001407626 ?            ?                   
# 
_pdbx_audit_revision_history.ordinal             1 
_pdbx_audit_revision_history.data_content_type   'Structure model' 
_pdbx_audit_revision_history.major_revision      1 
_pdbx_audit_revision_history.minor_revision      0 
_pdbx_audit_revision_history.revision_date       2024-11-27 
# 
_pdbx_audit_revision_details.ordinal             1 
_pdbx_audit_revision_details.revision_ordinal    1 
_pdbx_audit_revision_details.data_content_type   'Structure model' 
_pdbx_audit_revision_details.provider            repository 
_pdbx_audit_revision_details.type                'Initial release' 
_pdbx_audit_revision_details.description         ? 
_pdbx_audit_revision_details.details             ? 
# 
_pdbx_database_status.entry_id                        7HLK 
_pdbx_database_status.status_code                     REL 
_pdbx_database_status.status_code_sf                  REL 
_pdbx_database_status.status_code_mr                  ? 
_pdbx_database_status.status_code_cs                  ? 
_pdbx_database_status.recvd_initial_deposition_date   2024-11-04 
_pdbx_database_status.status_code_nmr_data            ? 
_pdbx_database_status.deposit_site                    RCSB 
_pdbx_database_status.process_site                    RCSB 
_pdbx_database_status.SG_entry                        ? 
_pdbx_database_status.pdb_format_compatible           Y 
_pdbx_database_status.methods_development_category    ? 
# 
_pdbx_contact_author.id                 1 
_pdbx_contact_author.email              knapp@pharmchem.uni-frankfurt.de 
_pdbx_contact_author.name_first         Stefan 
_pdbx_contact_author.name_last          Knapp 
_pdbx_contact_author.role               'principal investigator/group leader' 
_pdbx_contact_author.identifier_ORCID   0000-0001-5995-6494 
_pdbx_contact_author.name_mi            ? 
# 
loop_
_audit_author.name 
_audit_author.pdbx_ordinal 
'Kim, Y.'                              1 
'Marples, P.'                          2 
'Fearon, D.'                           3 
'von Delft, F.'                        4 
'Knapp, S.'                            5 
'Kraemer, A.'                          6 
'Structural Genomics Consortium (SGC)' 7 
# 
_citation.id                        primary 
_citation.title                     'PanDDA analysis group deposition' 
_citation.journal_abbrev            'To Be Published' 
_citation.journal_volume            ? 
_citation.page_first                ? 
_citation.page_last                 ? 
_citation.year                      ? 
_citation.journal_id_ASTM           ? 
_citation.country                   ? 
_citation.journal_id_ISSN           ? 
_citation.journal_id_CSD            0353 
_citation.book_publisher            ? 
_citation.pdbx_database_id_PubMed   ? 
_citation.pdbx_database_id_DOI      ? 
# 
loop_
_citation_author.citation_id 
_citation_author.name 
_citation_author.identifier_ORCID 
_citation_author.ordinal 
primary 'Kim, Y.'                              ? 1 
primary 'Marples, P.'                          ? 2 
primary 'Fearon, D.'                           ? 3 
primary 'von Delft, F.'                        ? 4 
primary 'Knapp, S.'                            ? 5 
primary 'Kraemer, A.'                          ? 6 
primary 'Structural Genomics Consortium (SGC)' ? 7 
# 
loop_
_entity.id 
_entity.type 
_entity.src_method 
_entity.pdbx_description 
_entity.formula_weight 
_entity.pdbx_number_of_molecules 
_entity.pdbx_ec 
_entity.pdbx_mutation 
_entity.pdbx_fragment 
_entity.details 
1 polymer     man 'E3 ubiquitin-protein ligase TRIM21'                   21596.361 1  2.3.2.27 ? ? ? 
2 non-polymer syn 1,2-ETHANEDIOL                                         62.068    2  ?        ? ? ? 
3 non-polymer syn '4-(2-HYDROXYETHYL)-1-PIPERAZINE ETHANESULFONIC ACID'  238.305   1  ?        ? ? ? 
4 non-polymer syn 'SULFATE ION'                                          96.063    1  ?        ? ? ? 
5 non-polymer syn 'N-cyclopropylpyrazolo[1,5-a]pyrimidine-3-carboxamide' 202.213   1  ?        ? ? ? 
6 water       nat water                                                  18.015    33 ?        ? ? ? 
# 
_entity_name_com.entity_id   1 
_entity_name_com.name        
;52 kDa Ro protein,52 kDa ribonucleoprotein autoantigen Ro/SS-A,Ro(SS-A),Sjoegren syndrome type A antigen,SS-A,Tripartite motif-containing protein 21
;
# 
_entity_poly.entity_id                      1 
_entity_poly.type                           'polypeptide(L)' 
_entity_poly.nstd_linkage                   no 
_entity_poly.nstd_monomer                   no 
_entity_poly.pdbx_seq_one_letter_code       
;MHHHHHHMVHITLDRNTANSWLIISKDRRQVRMGDTHQNVSDNKERFSNYPMVLGAQRFSSGKMYWEVDVTQKEAWDLGV
CRDSVQRKGQFSLSPENGFWTIWLWQDSYEAGTSPQTTLHIQVPPCQIGIFVDYEAGVVSFYNITDHGSLIYTFSECVFA
GPLRPFFNVGFNYSGGNAAPLKLCPLKM
;
_entity_poly.pdbx_seq_one_letter_code_can   
;MHHHHHHMVHITLDRNTANSWLIISKDRRQVRMGDTHQNVSDNKERFSNYPMVLGAQRFSSGKMYWEVDVTQKEAWDLGV
CRDSVQRKGQFSLSPENGFWTIWLWQDSYEAGTSPQTTLHIQVPPCQIGIFVDYEAGVVSFYNITDHGSLIYTFSECVFA
GPLRPFFNVGFNYSGGNAAPLKLCPLKM
;
_entity_poly.pdbx_strand_id                 B 
_entity_poly.pdbx_target_identifier         ? 
# 
loop_
_pdbx_entity_nonpoly.entity_id 
_pdbx_entity_nonpoly.name 
_pdbx_entity_nonpoly.comp_id 
2 1,2-ETHANEDIOL                                         EDO 
3 '4-(2-HYDROXYETHYL)-1-PIPERAZINE ETHANESULFONIC ACID'  EPE 
4 'SULFATE ION'                                          SO4 
5 'N-cyclopropylpyrazolo[1,5-a]pyrimidine-3-carboxamide' UUP 
6 water                                                  HOH 
# 
loop_
_entity_poly_seq.entity_id 
_entity_poly_seq.num 
_entity_poly_seq.mon_id 
_entity_poly_seq.hetero 
1 1   MET n 
1 2   HIS n 
1 3   HIS n 
1 4   HIS n 
1 5   HIS n 
1 6   HIS n 
1 7   HIS n 
1 8   MET n 
1 9   VAL n 
1 10  HIS n 
1 11  ILE n 
1 12  THR n 
1 13  LEU n 
1 14  ASP n 
1 15  ARG n 
1 16  ASN n 
1 17  THR n 
1 18  ALA n 
1 19  ASN n 
1 20  SER n 
1 21  TRP n 
1 22  LEU n 
1 23  ILE n 
1 24  ILE n 
1 25  SER n 
1 26  LYS n 
1 27  ASP n 
1 28  ARG n 
1 29  ARG n 
1 30  GLN n 
1 31  VAL n 
1 32  ARG n 
1 33  MET n 
1 34  GLY n 
1 35  ASP n 
1 36  THR n 
1 37  HIS n 
1 38  GLN n 
1 39  ASN n 
1 40  VAL n 
1 41  SER n 
1 42  ASP n 
1 43  ASN n 
1 44  LYS n 
1 45  GLU n 
1 46  ARG n 
1 47  PHE n 
1 48  SER n 
1 49  ASN n 
1 50  TYR n 
1 51  PRO n 
1 52  MET n 
1 53  VAL n 
1 54  LEU n 
1 55  GLY n 
1 56  ALA n 
1 57  GLN n 
1 58  ARG n 
1 59  PHE n 
1 60  SER n 
1 61  SER n 
1 62  GLY n 
1 63  LYS n 
1 64  MET n 
1 65  TYR n 
1 66  TRP n 
1 67  GLU n 
1 68  VAL n 
1 69  ASP n 
1 70  VAL n 
1 71  THR n 
1 72  GLN n 
1 73  LYS n 
1 74  GLU n 
1 75  ALA n 
1 76  TRP n 
1 77  ASP n 
1 78  LEU n 
1 79  GLY n 
1 80  VAL n 
1 81  CYS n 
1 82  ARG n 
1 83  ASP n 
1 84  SER n 
1 85  VAL n 
1 86  GLN n 
1 87  ARG n 
1 88  LYS n 
1 89  GLY n 
1 90  GLN n 
1 91  PHE n 
1 92  SER n 
1 93  LEU n 
1 94  SER n 
1 95  PRO n 
1 96  GLU n 
1 97  ASN n 
1 98  GLY n 
1 99  PHE n 
1 100 TRP n 
1 101 THR n 
1 102 ILE n 
1 103 TRP n 
1 104 LEU n 
1 105 TRP n 
1 106 GLN n 
1 107 ASP n 
1 108 SER n 
1 109 TYR n 
1 110 GLU n 
1 111 ALA n 
1 112 GLY n 
1 113 THR n 
1 114 SER n 
1 115 PRO n 
1 116 GLN n 
1 117 THR n 
1 118 THR n 
1 119 LEU n 
1 120 HIS n 
1 121 ILE n 
1 122 GLN n 
1 123 VAL n 
1 124 PRO n 
1 125 PRO n 
1 126 CYS n 
1 127 GLN n 
1 128 ILE n 
1 129 GLY n 
1 130 ILE n 
1 131 PHE n 
1 132 VAL n 
1 133 ASP n 
1 134 TYR n 
1 135 GLU n 
1 136 ALA n 
1 137 GLY n 
1 138 VAL n 
1 139 VAL n 
1 140 SER n 
1 141 PHE n 
1 142 TYR n 
1 143 ASN n 
1 144 ILE n 
1 145 THR n 
1 146 ASP n 
1 147 HIS n 
1 148 GLY n 
1 149 SER n 
1 150 LEU n 
1 151 ILE n 
1 152 TYR n 
1 153 THR n 
1 154 PHE n 
1 155 SER n 
1 156 GLU n 
1 157 CYS n 
1 158 VAL n 
1 159 PHE n 
1 160 ALA n 
1 161 GLY n 
1 162 PRO n 
1 163 LEU n 
1 164 ARG n 
1 165 PRO n 
1 166 PHE n 
1 167 PHE n 
1 168 ASN n 
1 169 VAL n 
1 170 GLY n 
1 171 PHE n 
1 172 ASN n 
1 173 TYR n 
1 174 SER n 
1 175 GLY n 
1 176 GLY n 
1 177 ASN n 
1 178 ALA n 
1 179 ALA n 
1 180 PRO n 
1 181 LEU n 
1 182 LYS n 
1 183 LEU n 
1 184 CYS n 
1 185 PRO n 
1 186 LEU n 
1 187 LYS n 
1 188 MET n 
# 
_entity_src_gen.entity_id                          1 
_entity_src_gen.pdbx_src_id                        1 
_entity_src_gen.pdbx_alt_source_flag               sample 
_entity_src_gen.pdbx_seq_type                      'Biological sequence' 
_entity_src_gen.pdbx_beg_seq_num                   1 
_entity_src_gen.pdbx_end_seq_num                   188 
_entity_src_gen.gene_src_common_name               'house mouse' 
_entity_src_gen.gene_src_genus                     ? 
_entity_src_gen.pdbx_gene_src_gene                 'Trim21, Ro52, Ssa1' 
_entity_src_gen.gene_src_species                   ? 
_entity_src_gen.gene_src_strain                    ? 
_entity_src_gen.gene_src_tissue                    ? 
_entity_src_gen.gene_src_tissue_fraction           ? 
_entity_src_gen.gene_src_details                   ? 
_entity_src_gen.pdbx_gene_src_fragment             ? 
_entity_src_gen.pdbx_gene_src_scientific_name      'Mus musculus' 
_entity_src_gen.pdbx_gene_src_ncbi_taxonomy_id     10090 
_entity_src_gen.pdbx_gene_src_variant              ? 
_entity_src_gen.pdbx_gene_src_cell_line            ? 
_entity_src_gen.pdbx_gene_src_atcc                 ? 
_entity_src_gen.pdbx_gene_src_organ                ? 
_entity_src_gen.pdbx_gene_src_organelle            ? 
_entity_src_gen.pdbx_gene_src_cell                 ? 
_entity_src_gen.pdbx_gene_src_cellular_location    ? 
_entity_src_gen.host_org_common_name               ? 
_entity_src_gen.pdbx_host_org_scientific_name      'Escherichia coli' 
_entity_src_gen.pdbx_host_org_ncbi_taxonomy_id     562 
_entity_src_gen.host_org_genus                     ? 
_entity_src_gen.pdbx_host_org_gene                 ? 
_entity_src_gen.pdbx_host_org_organ                ? 
_entity_src_gen.host_org_species                   ? 
_entity_src_gen.pdbx_host_org_tissue               ? 
_entity_src_gen.pdbx_host_org_tissue_fraction      ? 
_entity_src_gen.pdbx_host_org_strain               ? 
_entity_src_gen.pdbx_host_org_variant              ? 
_entity_src_gen.pdbx_host_org_cell_line            ? 
_entity_src_gen.pdbx_host_org_atcc                 ? 
_entity_src_gen.pdbx_host_org_culture_collection   ? 
_entity_src_gen.pdbx_host_org_cell                 ? 
_entity_src_gen.pdbx_host_org_organelle            ? 
_entity_src_gen.pdbx_host_org_cellular_location    ? 
_entity_src_gen.pdbx_host_org_vector_type          ? 
_entity_src_gen.pdbx_host_org_vector               ? 
_entity_src_gen.host_org_details                   ? 
_entity_src_gen.expression_system_id               ? 
_entity_src_gen.plasmid_name                       ? 
_entity_src_gen.plasmid_details                    ? 
_entity_src_gen.pdbx_description                   ? 
# 
loop_
_chem_comp.id 
_chem_comp.type 
_chem_comp.mon_nstd_flag 
_chem_comp.name 
_chem_comp.pdbx_synonyms 
_chem_comp.formula 
_chem_comp.formula_weight 
ALA 'L-peptide linking' y ALANINE                                                ?                 'C3 H7 N O2'     89.093  
ARG 'L-peptide linking' y ARGININE                                               ?                 'C6 H15 N4 O2 1' 175.209 
ASN 'L-peptide linking' y ASPARAGINE                                             ?                 'C4 H8 N2 O3'    132.118 
ASP 'L-peptide linking' y 'ASPARTIC ACID'                                        ?                 'C4 H7 N O4'     133.103 
CYS 'L-peptide linking' y CYSTEINE                                               ?                 'C3 H7 N O2 S'   121.158 
EDO non-polymer         . 1,2-ETHANEDIOL                                         'ETHYLENE GLYCOL' 'C2 H6 O2'       62.068  
EPE non-polymer         . '4-(2-HYDROXYETHYL)-1-PIPERAZINE ETHANESULFONIC ACID'  HEPES             'C8 H18 N2 O4 S' 238.305 
GLN 'L-peptide linking' y GLUTAMINE                                              ?                 'C5 H10 N2 O3'   146.144 
GLU 'L-peptide linking' y 'GLUTAMIC ACID'                                        ?                 'C5 H9 N O4'     147.129 
GLY 'peptide linking'   y GLYCINE                                                ?                 'C2 H5 N O2'     75.067  
HIS 'L-peptide linking' y HISTIDINE                                              ?                 'C6 H10 N3 O2 1' 156.162 
HOH non-polymer         . WATER                                                  ?                 'H2 O'           18.015  
ILE 'L-peptide linking' y ISOLEUCINE                                             ?                 'C6 H13 N O2'    131.173 
LEU 'L-peptide linking' y LEUCINE                                                ?                 'C6 H13 N O2'    131.173 
LYS 'L-peptide linking' y LYSINE                                                 ?                 'C6 H15 N2 O2 1' 147.195 
MET 'L-peptide linking' y METHIONINE                                             ?                 'C5 H11 N O2 S'  149.211 
PHE 'L-peptide linking' y PHENYLALANINE                                          ?                 'C9 H11 N O2'    165.189 
PRO 'L-peptide linking' y PROLINE                                                ?                 'C5 H9 N O2'     115.130 
SER 'L-peptide linking' y SERINE                                                 ?                 'C3 H7 N O3'     105.093 
SO4 non-polymer         . 'SULFATE ION'                                          ?                 'O4 S -2'        96.063  
THR 'L-peptide linking' y THREONINE                                              ?                 'C4 H9 N O3'     119.119 
TRP 'L-peptide linking' y TRYPTOPHAN                                             ?                 'C11 H12 N2 O2'  204.225 
TYR 'L-peptide linking' y TYROSINE                                               ?                 'C9 H11 N O3'    181.189 
UUP non-polymer         . 'N-cyclopropylpyrazolo[1,5-a]pyrimidine-3-carboxamide' ?                 'C10 H10 N4 O'   202.213 
VAL 'L-peptide linking' y VALINE                                                 ?                 'C5 H11 N O2'    117.146 
# 
loop_
_pdbx_poly_seq_scheme.asym_id 
_pdbx_poly_seq_scheme.entity_id 
_pdbx_poly_seq_scheme.seq_id 
_pdbx_poly_seq_scheme.mon_id 
_pdbx_poly_seq_scheme.ndb_seq_num 
_pdbx_poly_seq_scheme.pdb_seq_num 
_pdbx_poly_seq_scheme.auth_seq_num 
_pdbx_poly_seq_scheme.pdb_mon_id 
_pdbx_poly_seq_scheme.auth_mon_id 
_pdbx_poly_seq_scheme.pdb_strand_id 
_pdbx_poly_seq_scheme.pdb_ins_code 
_pdbx_poly_seq_scheme.hetero 
A 1 1   MET 1   7   ?   ?   ?   B . n 
A 1 2   HIS 2   8   8   HIS HIS B . n 
A 1 3   HIS 3   9   9   HIS HIS B . n 
A 1 4   HIS 4   10  10  HIS HIS B . n 
A 1 5   HIS 5   11  11  HIS HIS B . n 
A 1 6   HIS 6   12  12  HIS HIS B . n 
A 1 7   HIS 7   13  13  HIS HIS B . n 
A 1 8   MET 8   14  14  MET MET B . n 
A 1 9   VAL 9   15  15  VAL VAL B . n 
A 1 10  HIS 10  16  16  HIS HIS B . n 
A 1 11  ILE 11  17  17  ILE ILE B . n 
A 1 12  THR 12  18  18  THR THR B . n 
A 1 13  LEU 13  19  19  LEU LEU B . n 
A 1 14  ASP 14  20  20  ASP ASP B . n 
A 1 15  ARG 15  21  21  ARG ARG B . n 
A 1 16  ASN 16  22  22  ASN ASN B . n 
A 1 17  THR 17  23  23  THR THR B . n 
A 1 18  ALA 18  24  24  ALA ALA B . n 
A 1 19  ASN 19  25  25  ASN ASN B . n 
A 1 20  SER 20  26  26  SER SER B . n 
A 1 21  TRP 21  27  27  TRP TRP B . n 
A 1 22  LEU 22  28  28  LEU LEU B . n 
A 1 23  ILE 23  29  29  ILE ILE B . n 
A 1 24  ILE 24  30  30  ILE ILE B . n 
A 1 25  SER 25  31  31  SER SER B . n 
A 1 26  LYS 26  32  32  LYS LYS B . n 
A 1 27  ASP 27  33  33  ASP ASP B . n 
A 1 28  ARG 28  34  34  ARG ARG B . n 
A 1 29  ARG 29  35  35  ARG ARG B . n 
A 1 30  GLN 30  36  36  GLN GLN B . n 
A 1 31  VAL 31  37  37  VAL VAL B . n 
A 1 32  ARG 32  38  38  ARG ARG B . n 
A 1 33  MET 33  39  39  MET MET B . n 
A 1 34  GLY 34  40  40  GLY GLY B . n 
A 1 35  ASP 35  41  41  ASP ASP B . n 
A 1 36  THR 36  42  42  THR THR B . n 
A 1 37  HIS 37  43  43  HIS HIS B . n 
A 1 38  GLN 38  44  44  GLN GLN B . n 
A 1 39  ASN 39  45  45  ASN ASN B . n 
A 1 40  VAL 40  46  46  VAL VAL B . n 
A 1 41  SER 41  47  47  SER SER B . n 
A 1 42  ASP 42  48  48  ASP ASP B . n 
A 1 43  ASN 43  49  49  ASN ASN B . n 
A 1 44  LYS 44  50  50  LYS LYS B . n 
A 1 45  GLU 45  51  51  GLU GLU B . n 
A 1 46  ARG 46  52  52  ARG ARG B . n 
A 1 47  PHE 47  53  53  PHE PHE B . n 
A 1 48  SER 48  54  54  SER SER B . n 
A 1 49  ASN 49  55  55  ASN ASN B . n 
A 1 50  TYR 50  56  56  TYR TYR B . n 
A 1 51  PRO 51  57  57  PRO PRO B . n 
A 1 52  MET 52  58  58  MET MET B . n 
A 1 53  VAL 53  59  59  VAL VAL B . n 
A 1 54  LEU 54  60  60  LEU LEU B . n 
A 1 55  GLY 55  61  61  GLY GLY B . n 
A 1 56  ALA 56  62  62  ALA ALA B . n 
A 1 57  GLN 57  63  63  GLN GLN B . n 
A 1 58  ARG 58  64  64  ARG ARG B . n 
A 1 59  PHE 59  65  65  PHE PHE B . n 
A 1 60  SER 60  66  66  SER SER B . n 
A 1 61  SER 61  67  67  SER SER B . n 
A 1 62  GLY 62  68  68  GLY GLY B . n 
A 1 63  LYS 63  69  69  LYS LYS B . n 
A 1 64  MET 64  70  70  MET MET B . n 
A 1 65  TYR 65  71  71  TYR TYR B . n 
A 1 66  TRP 66  72  72  TRP TRP B . n 
A 1 67  GLU 67  73  73  GLU GLU B . n 
A 1 68  VAL 68  74  74  VAL VAL B . n 
A 1 69  ASP 69  75  75  ASP ASP B . n 
A 1 70  VAL 70  76  76  VAL VAL B . n 
A 1 71  THR 71  77  77  THR THR B . n 
A 1 72  GLN 72  78  78  GLN GLN B . n 
A 1 73  LYS 73  79  79  LYS LYS B . n 
A 1 74  GLU 74  80  80  GLU GLU B . n 
A 1 75  ALA 75  81  81  ALA ALA B . n 
A 1 76  TRP 76  82  82  TRP TRP B . n 
A 1 77  ASP 77  83  83  ASP ASP B . n 
A 1 78  LEU 78  84  84  LEU LEU B . n 
A 1 79  GLY 79  85  85  GLY GLY B . n 
A 1 80  VAL 80  86  86  VAL VAL B . n 
A 1 81  CYS 81  87  87  CYS CYS B . n 
A 1 82  ARG 82  88  88  ARG ARG B . n 
A 1 83  ASP 83  89  89  ASP ASP B . n 
A 1 84  SER 84  90  90  SER SER B . n 
A 1 85  VAL 85  91  91  VAL VAL B . n 
A 1 86  GLN 86  92  92  GLN GLN B . n 
A 1 87  ARG 87  93  93  ARG ARG B . n 
A 1 88  LYS 88  94  94  LYS LYS B . n 
A 1 89  GLY 89  95  95  GLY GLY B . n 
A 1 90  GLN 90  96  96  GLN GLN B . n 
A 1 91  PHE 91  97  97  PHE PHE B . n 
A 1 92  SER 92  98  98  SER SER B . n 
A 1 93  LEU 93  99  99  LEU LEU B . n 
A 1 94  SER 94  100 100 SER SER B . n 
A 1 95  PRO 95  101 101 PRO PRO B . n 
A 1 96  GLU 96  102 102 GLU GLU B . n 
A 1 97  ASN 97  103 103 ASN ASN B . n 
A 1 98  GLY 98  104 104 GLY GLY B . n 
A 1 99  PHE 99  105 105 PHE PHE B . n 
A 1 100 TRP 100 106 106 TRP TRP B . n 
A 1 101 THR 101 107 107 THR THR B . n 
A 1 102 ILE 102 108 108 ILE ILE B . n 
A 1 103 TRP 103 109 109 TRP TRP B . n 
A 1 104 LEU 104 110 110 LEU LEU B . n 
A 1 105 TRP 105 111 111 TRP TRP B . n 
A 1 106 GLN 106 112 112 GLN GLN B . n 
A 1 107 ASP 107 113 113 ASP ASP B . n 
A 1 108 SER 108 114 114 SER SER B . n 
A 1 109 TYR 109 115 115 TYR TYR B . n 
A 1 110 GLU 110 116 116 GLU GLU B . n 
A 1 111 ALA 111 117 117 ALA ALA B . n 
A 1 112 GLY 112 118 118 GLY GLY B . n 
A 1 113 THR 113 119 119 THR THR B . n 
A 1 114 SER 114 120 120 SER SER B . n 
A 1 115 PRO 115 121 121 PRO PRO B . n 
A 1 116 GLN 116 122 122 GLN GLN B . n 
A 1 117 THR 117 123 123 THR THR B . n 
A 1 118 THR 118 124 124 THR THR B . n 
A 1 119 LEU 119 125 125 LEU LEU B . n 
A 1 120 HIS 120 126 126 HIS HIS B . n 
A 1 121 ILE 121 127 127 ILE ILE B . n 
A 1 122 GLN 122 128 128 GLN GLN B . n 
A 1 123 VAL 123 129 129 VAL VAL B . n 
A 1 124 PRO 124 130 130 PRO PRO B . n 
A 1 125 PRO 125 131 131 PRO PRO B . n 
A 1 126 CYS 126 132 132 CYS CYS B . n 
A 1 127 GLN 127 133 133 GLN GLN B . n 
A 1 128 ILE 128 134 134 ILE ILE B . n 
A 1 129 GLY 129 135 135 GLY GLY B . n 
A 1 130 ILE 130 136 136 ILE ILE B . n 
A 1 131 PHE 131 137 137 PHE PHE B . n 
A 1 132 VAL 132 138 138 VAL VAL B . n 
A 1 133 ASP 133 139 139 ASP ASP B . n 
A 1 134 TYR 134 140 140 TYR TYR B . n 
A 1 135 GLU 135 141 141 GLU GLU B . n 
A 1 136 ALA 136 142 142 ALA ALA B . n 
A 1 137 GLY 137 143 143 GLY GLY B . n 
A 1 138 VAL 138 144 144 VAL VAL B . n 
A 1 139 VAL 139 145 145 VAL VAL B . n 
A 1 140 SER 140 146 146 SER SER B . n 
A 1 141 PHE 141 147 147 PHE PHE B . n 
A 1 142 TYR 142 148 148 TYR TYR B . n 
A 1 143 ASN 143 149 149 ASN ASN B . n 
A 1 144 ILE 144 150 150 ILE ILE B . n 
A 1 145 THR 145 151 151 THR THR B . n 
A 1 146 ASP 146 152 152 ASP ASP B . n 
A 1 147 HIS 147 153 153 HIS HIS B . n 
A 1 148 GLY 148 154 154 GLY GLY B . n 
A 1 149 SER 149 155 155 SER SER B . n 
A 1 150 LEU 150 156 156 LEU LEU B . n 
A 1 151 ILE 151 157 157 ILE ILE B . n 
A 1 152 TYR 152 158 158 TYR TYR B . n 
A 1 153 THR 153 159 159 THR THR B . n 
A 1 154 PHE 154 160 160 PHE PHE B . n 
A 1 155 SER 155 161 161 SER SER B . n 
A 1 156 GLU 156 162 162 GLU GLU B . n 
A 1 157 CYS 157 163 163 CYS CYS B . n 
A 1 158 VAL 158 164 164 VAL VAL B . n 
A 1 159 PHE 159 165 165 PHE PHE B . n 
A 1 160 ALA 160 166 166 ALA ALA B . n 
A 1 161 GLY 161 167 167 GLY GLY B . n 
A 1 162 PRO 162 168 168 PRO PRO B . n 
A 1 163 LEU 163 169 169 LEU LEU B . n 
A 1 164 ARG 164 170 170 ARG ARG B . n 
A 1 165 PRO 165 171 171 PRO PRO B . n 
A 1 166 PHE 166 172 172 PHE PHE B . n 
A 1 167 PHE 167 173 173 PHE PHE B . n 
A 1 168 ASN 168 174 174 ASN ASN B . n 
A 1 169 VAL 169 175 175 VAL VAL B . n 
A 1 170 GLY 170 176 176 GLY GLY B . n 
A 1 171 PHE 171 177 177 PHE PHE B . n 
A 1 172 ASN 172 178 178 ASN ASN B . n 
A 1 173 TYR 173 179 179 TYR TYR B . n 
A 1 174 SER 174 180 180 SER SER B . n 
A 1 175 GLY 175 181 181 GLY GLY B . n 
A 1 176 GLY 176 182 182 GLY GLY B . n 
A 1 177 ASN 177 183 183 ASN ASN B . n 
A 1 178 ALA 178 184 184 ALA ALA B . n 
A 1 179 ALA 179 185 185 ALA ALA B . n 
A 1 180 PRO 180 186 186 PRO PRO B . n 
A 1 181 LEU 181 187 187 LEU LEU B . n 
A 1 182 LYS 182 188 188 LYS LYS B . n 
A 1 183 LEU 183 189 189 LEU LEU B . n 
A 1 184 CYS 184 190 190 CYS CYS B . n 
A 1 185 PRO 185 191 191 PRO PRO B . n 
A 1 186 LEU 186 192 192 LEU LEU B . n 
A 1 187 LYS 187 193 ?   ?   ?   B . n 
A 1 188 MET 188 194 ?   ?   ?   B . n 
# 
_pdbx_entity_instance_feature.ordinal        1 
_pdbx_entity_instance_feature.comp_id        UUP 
_pdbx_entity_instance_feature.asym_id        ? 
_pdbx_entity_instance_feature.seq_num        ? 
_pdbx_entity_instance_feature.auth_comp_id   UUP 
_pdbx_entity_instance_feature.auth_asym_id   ? 
_pdbx_entity_instance_feature.auth_seq_num   ? 
_pdbx_entity_instance_feature.feature_type   'SUBJECT OF INVESTIGATION' 
_pdbx_entity_instance_feature.details        ? 
# 
loop_
_pdbx_nonpoly_scheme.asym_id 
_pdbx_nonpoly_scheme.entity_id 
_pdbx_nonpoly_scheme.mon_id 
_pdbx_nonpoly_scheme.ndb_seq_num 
_pdbx_nonpoly_scheme.pdb_seq_num 
_pdbx_nonpoly_scheme.auth_seq_num 
_pdbx_nonpoly_scheme.pdb_mon_id 
_pdbx_nonpoly_scheme.auth_mon_id 
_pdbx_nonpoly_scheme.pdb_strand_id 
_pdbx_nonpoly_scheme.pdb_ins_code 
B 2 EDO 1  201 202 EDO EDO B . 
C 3 EPE 1  202 203 EPE EPE B . 
D 2 EDO 1  203 305 EDO EDO B . 
E 4 SO4 1  204 1   SO4 SO4 B . 
F 5 UUP 1  205 1   UUP LIG B . 
G 6 HOH 1  301 1   HOH HOH B . 
G 6 HOH 2  302 25  HOH HOH B . 
G 6 HOH 3  303 31  HOH HOH B . 
G 6 HOH 4  304 90  HOH HOH B . 
G 6 HOH 5  305 16  HOH HOH B . 
G 6 HOH 6  306 21  HOH HOH B . 
G 6 HOH 7  307 211 HOH HOH B . 
G 6 HOH 8  308 68  HOH HOH B . 
G 6 HOH 9  309 18  HOH HOH B . 
G 6 HOH 10 310 58  HOH HOH B . 
G 6 HOH 11 311 81  HOH HOH B . 
G 6 HOH 12 312 2   HOH HOH B . 
G 6 HOH 13 313 26  HOH HOH B . 
G 6 HOH 14 314 39  HOH HOH B . 
G 6 HOH 15 315 10  HOH HOH B . 
G 6 HOH 16 316 15  HOH HOH B . 
G 6 HOH 17 317 36  HOH HOH B . 
G 6 HOH 18 318 47  HOH HOH B . 
G 6 HOH 19 319 32  HOH HOH B . 
G 6 HOH 20 320 60  HOH HOH B . 
G 6 HOH 21 321 50  HOH HOH B . 
G 6 HOH 22 322 120 HOH HOH B . 
G 6 HOH 23 323 1   HOH HOH B . 
G 6 HOH 24 324 3   HOH HOH B . 
G 6 HOH 25 325 303 HOH HOH B . 
G 6 HOH 26 326 56  HOH HOH B . 
G 6 HOH 27 327 97  HOH HOH B . 
G 6 HOH 28 328 42  HOH HOH B . 
G 6 HOH 29 329 15  HOH HOH B . 
G 6 HOH 30 330 266 HOH HOH B . 
G 6 HOH 31 331 31  HOH HOH B . 
G 6 HOH 32 332 14  HOH HOH B . 
G 6 HOH 33 333 259 HOH HOH B . 
# 
loop_
_pdbx_unobs_or_zero_occ_atoms.id 
_pdbx_unobs_or_zero_occ_atoms.PDB_model_num 
_pdbx_unobs_or_zero_occ_atoms.polymer_flag 
_pdbx_unobs_or_zero_occ_atoms.occupancy_flag 
_pdbx_unobs_or_zero_occ_atoms.auth_asym_id 
_pdbx_unobs_or_zero_occ_atoms.auth_comp_id 
_pdbx_unobs_or_zero_occ_atoms.auth_seq_id 
_pdbx_unobs_or_zero_occ_atoms.PDB_ins_code 
_pdbx_unobs_or_zero_occ_atoms.auth_atom_id 
_pdbx_unobs_or_zero_occ_atoms.label_alt_id 
_pdbx_unobs_or_zero_occ_atoms.label_asym_id 
_pdbx_unobs_or_zero_occ_atoms.label_comp_id 
_pdbx_unobs_or_zero_occ_atoms.label_seq_id 
_pdbx_unobs_or_zero_occ_atoms.label_atom_id 
1 1 Y 1 B LEU 192 ? CG  ? A LEU 186 CG  
2 1 Y 1 B LEU 192 ? CD1 ? A LEU 186 CD1 
3 1 Y 1 B LEU 192 ? CD2 ? A LEU 186 CD2 
# 
loop_
_software.pdbx_ordinal 
_software.name 
_software.version 
_software.date 
_software.type 
_software.contact_author 
_software.contact_author_email 
_software.classification 
_software.location 
_software.language 
_software.citation_id 
1 REFMAC      5.8.0267 ?               program 'Garib N. Murshudov' garib@ysbl.york.ac.uk    refinement        
http://www.ccp4.ac.uk/dist/html/refmac5.html        Fortran_77 ? 
2 Aimless     0.7.7    23/04/21        program 'Phil Evans'         ?                        'data scaling'    
http://www.mrc-lmb.cam.ac.uk/harry/pre/aimless.html ?          ? 
3 PDB_EXTRACT 3.23     'SEP. 23, 2016' package PDB                  deposit@deposit.rcsb.org 'data extraction' 
http://sw-tools.pdb.org/apps/PDB_EXTRACT/           C++        ? 
4 XDS         .        ?               program ?                    ?                        'data reduction'  ? ?          ? 
5 REFMAC      .        ?               program ?                    ?                        phasing           ? ?          ? 
# 
_cell.entry_id           7HLK 
_cell.length_a           95.708 
_cell.length_b           95.708 
_cell.length_c           45.716 
_cell.angle_alpha        90.000 
_cell.angle_beta         90.000 
_cell.angle_gamma        90.000 
_cell.Z_PDB              8 
_cell.pdbx_unique_axis   ? 
# 
_symmetry.entry_id                         7HLK 
_symmetry.space_group_name_H-M             'I 4' 
_symmetry.pdbx_full_space_group_name_H-M   ? 
_symmetry.cell_setting                     ? 
_symmetry.Int_Tables_number                79 
# 
_exptl.crystals_number   1 
_exptl.entry_id          7HLK 
_exptl.method            'X-RAY DIFFRACTION' 
# 
_exptl_crystal.id                    1 
_exptl_crystal.pdbx_mosaicity        0.000 
_exptl_crystal.pdbx_mosaicity_esd    ? 
_exptl_crystal.density_Matthews      2.42 
_exptl_crystal.density_diffrn        ? 
_exptl_crystal.density_meas          ? 
_exptl_crystal.density_meas_temp     ? 
_exptl_crystal.density_percent_sol   49.25 
_exptl_crystal.size_max              ? 
_exptl_crystal.size_mid              ? 
_exptl_crystal.size_min              ? 
_exptl_crystal.size_rad              ? 
_exptl_crystal.description           ? 
# 
_exptl_crystal_grow.crystal_id      1 
_exptl_crystal_grow.method          'VAPOR DIFFUSION, SITTING DROP' 
_exptl_crystal_grow.pH              8 
_exptl_crystal_grow.temp            293 
_exptl_crystal_grow.pdbx_details    '4 % PEG 400, 2 M AmmSO4, 0.1 M HEPES pH 8' 
_exptl_crystal_grow.temp_details    ? 
_exptl_crystal_grow.pdbx_pH_range   ? 
# 
_diffrn.id                     1 
_diffrn.ambient_temp           100 
_diffrn.crystal_id             1 
_diffrn.ambient_temp_details   ? 
# 
_diffrn_detector.detector               PIXEL 
_diffrn_detector.type                   'DECTRIS EIGER2 XE 9M' 
_diffrn_detector.pdbx_collection_date   2024-05-22 
_diffrn_detector.diffrn_id              1 
_diffrn_detector.details                ? 
# 
_diffrn_radiation.diffrn_id                        1 
_diffrn_radiation.wavelength_id                    1 
_diffrn_radiation.pdbx_diffrn_protocol             'SINGLE WAVELENGTH' 
_diffrn_radiation.pdbx_monochromatic_or_laue_m_l   ? 
_diffrn_radiation.monochromator                    ? 
_diffrn_radiation.pdbx_scattering_type             x-ray 
# 
_diffrn_radiation_wavelength.id           1 
_diffrn_radiation_wavelength.wavelength   0.92124 
_diffrn_radiation_wavelength.wt           1.0 
# 
_diffrn_source.diffrn_id                   1 
_diffrn_source.source                      SYNCHROTRON 
_diffrn_source.type                        'DIAMOND BEAMLINE I04-1' 
_diffrn_source.pdbx_wavelength_list        0.92124 
_diffrn_source.pdbx_synchrotron_site       Diamond 
_diffrn_source.pdbx_synchrotron_beamline   I04-1 
_diffrn_source.pdbx_wavelength             ? 
# 
_reflns.entry_id                     7HLK 
_reflns.pdbx_diffrn_id               1 
_reflns.pdbx_ordinal                 1 
_reflns.observed_criterion_sigma_I   ? 
_reflns.observed_criterion_sigma_F   ? 
_reflns.d_resolution_low             31.240 
_reflns.d_resolution_high            1.390 
_reflns.number_obs                   40466 
_reflns.number_all                   ? 
_reflns.percent_possible_obs         96.800 
_reflns.pdbx_Rmerge_I_obs            0.133 
_reflns.pdbx_Rsym_value              ? 
_reflns.pdbx_netI_over_sigmaI        11.600 
_reflns.B_iso_Wilson_estimate        ? 
_reflns.pdbx_redundancy              12.800 
_reflns.pdbx_Rrim_I_all              0.138 
_reflns.pdbx_Rpim_I_all              0.038 
_reflns.pdbx_CC_half                 0.998 
_reflns.pdbx_netI_over_av_sigmaI     ? 
_reflns.pdbx_number_measured_all     517352 
_reflns.pdbx_scaling_rejects         0 
_reflns.pdbx_chi_squared             ? 
_reflns.Rmerge_F_all                 ? 
_reflns.Rmerge_F_obs                 ? 
_reflns.observed_criterion_F_max     ? 
_reflns.observed_criterion_F_min     ? 
_reflns.observed_criterion_I_max     ? 
_reflns.observed_criterion_I_min     ? 
_reflns.pdbx_d_res_high_opt          ? 
_reflns.pdbx_d_res_low_opt           ? 
_reflns.details                      ? 
# 
loop_
_reflns_shell.pdbx_diffrn_id 
_reflns_shell.pdbx_ordinal 
_reflns_shell.d_res_high 
_reflns_shell.d_res_low 
_reflns_shell.number_measured_obs 
_reflns_shell.number_measured_all 
_reflns_shell.number_unique_obs 
_reflns_shell.pdbx_rejects 
_reflns_shell.Rmerge_I_obs 
_reflns_shell.meanI_over_sigI_obs 
_reflns_shell.pdbx_Rsym_value 
_reflns_shell.pdbx_chi_squared 
_reflns_shell.pdbx_redundancy 
_reflns_shell.percent_possible_obs 
_reflns_shell.pdbx_netI_over_sigmaI_obs 
_reflns_shell.number_possible 
_reflns_shell.number_unique_all 
_reflns_shell.Rmerge_F_all 
_reflns_shell.Rmerge_F_obs 
_reflns_shell.Rmerge_I_all 
_reflns_shell.meanI_over_sigI_all 
_reflns_shell.percent_possible_all 
_reflns_shell.pdbx_Rrim_I_all 
_reflns_shell.pdbx_Rpim_I_all 
_reflns_shell.pdbx_CC_half 
1 1 1.390 1.410  ? 18228 2001 ? 4.682 ? ? ? 9.100  ? 0.400  ? ? ? ? ? ? 90.200 4.964 1.618 0.284 
1 2 7.350 31.240 ? 3727  301  ? 0.063 ? ? ? 12.400 ? 77.100 ? ? ? ? ? ? 98.700 0.066 0.019 0.999 
# 
_refine.entry_id                                 7HLK 
_refine.pdbx_refine_id                           'X-RAY DIFFRACTION' 
_refine.ls_d_res_high                            1.3900 
_refine.ls_d_res_low                             31.2600 
_refine.pdbx_ls_sigma_F                          0.000 
_refine.pdbx_data_cutoff_high_absF               ? 
_refine.pdbx_data_cutoff_low_absF                ? 
_refine.ls_percent_reflns_obs                    96.5100 
_refine.ls_number_reflns_obs                     38381 
_refine.ls_number_reflns_all                     ? 
_refine.pdbx_ls_cross_valid_method               THROUGHOUT 
_refine.ls_matrix_type                           ? 
_refine.pdbx_R_Free_selection_details            RANDOM 
_refine.details                                  
'HYDROGENS HAVE BEEN ADDED IN THE RIDING POSITIONS U VALUES      : REFINED INDIVIDUALLY' 
_refine.ls_R_factor_all                          ? 
_refine.ls_R_factor_obs                          0.1897 
_refine.ls_R_factor_R_work                       0.1886 
_refine.ls_wR_factor_R_work                      ? 
_refine.ls_R_factor_R_free                       0.2122 
_refine.ls_wR_factor_R_free                      ? 
_refine.ls_percent_reflns_R_free                 4.9000 
_refine.ls_number_reflns_R_free                  1980 
_refine.ls_number_reflns_R_work                  ? 
_refine.ls_R_factor_R_free_error                 ? 
_refine.B_iso_mean                               22.2820 
_refine.solvent_model_param_bsol                 ? 
_refine.solvent_model_param_ksol                 ? 
_refine.pdbx_isotropic_thermal_model             ? 
_refine.aniso_B[1][1]                            -0.0600 
_refine.aniso_B[2][2]                            -0.0600 
_refine.aniso_B[3][3]                            0.1200 
_refine.aniso_B[1][2]                            0.0000 
_refine.aniso_B[1][3]                            0.0000 
_refine.aniso_B[2][3]                            -0.0000 
_refine.correlation_coeff_Fo_to_Fc               0.9670 
_refine.correlation_coeff_Fo_to_Fc_free          0.9580 
_refine.overall_SU_R_Cruickshank_DPI             ? 
_refine.pdbx_overall_SU_R_free_Cruickshank_DPI   ? 
_refine.pdbx_overall_SU_R_Blow_DPI               ? 
_refine.pdbx_overall_SU_R_free_Blow_DPI          ? 
_refine.overall_SU_R_free                        ? 
_refine.pdbx_overall_ESU_R                       0.0700 
_refine.pdbx_overall_ESU_R_Free                  0.0700 
_refine.overall_SU_ML                            0.0670 
_refine.overall_SU_B                             1.9420 
_refine.solvent_model_details                    MASK 
_refine.pdbx_solvent_vdw_probe_radii             1.2000 
_refine.pdbx_solvent_ion_probe_radii             0.8000 
_refine.pdbx_solvent_shrinkage_radii             0.8000 
_refine.ls_number_parameters                     ? 
_refine.ls_number_restraints                     ? 
_refine.pdbx_starting_model                      ? 
_refine.pdbx_method_to_determine_struct          'FOURIER SYNTHESIS' 
_refine.pdbx_stereochemistry_target_values       'MAXIMUM LIKELIHOOD' 
_refine.pdbx_stereochem_target_val_spec_case     ? 
_refine.overall_FOM_work_R_set                   ? 
_refine.B_iso_max                                112.750 
_refine.B_iso_min                                5.070 
_refine.pdbx_overall_phase_error                 ? 
_refine.occupancy_max                            ? 
_refine.occupancy_min                            ? 
_refine.pdbx_diffrn_id                           1 
_refine.pdbx_TLS_residual_ADP_flag               ? 
_refine.pdbx_ls_sigma_I                          ? 
_refine.pdbx_data_cutoff_high_rms_absF           ? 
_refine.ls_R_factor_R_free_error_details         ? 
# 
_refine_hist.cycle_id                         final 
_refine_hist.pdbx_refine_id                   'X-RAY DIFFRACTION' 
_refine_hist.d_res_high                       1.3900 
_refine_hist.d_res_low                        31.2600 
_refine_hist.pdbx_number_atoms_ligand         43 
_refine_hist.number_atoms_solvent             33 
_refine_hist.number_atoms_total               1569 
_refine_hist.pdbx_number_residues_total       185 
_refine_hist.pdbx_B_iso_mean_ligand           41.43 
_refine_hist.pdbx_B_iso_mean_solvent          28.45 
_refine_hist.pdbx_number_atoms_protein        1493 
_refine_hist.pdbx_number_atoms_nucleic_acid   0 
# 
loop_
_refine_ls_restr.pdbx_refine_id 
_refine_ls_restr.type 
_refine_ls_restr.number 
_refine_ls_restr.dev_ideal 
_refine_ls_restr.dev_ideal_target 
_refine_ls_restr.weight 
_refine_ls_restr.pdbx_restraint_function 
'X-RAY DIFFRACTION' r_bond_refined_d       2150 0.011  0.014  ? ? 
'X-RAY DIFFRACTION' r_bond_other_d         1632 0.001  0.015  ? ? 
'X-RAY DIFFRACTION' r_angle_refined_deg    2554 1.676  1.645  ? ? 
'X-RAY DIFFRACTION' r_angle_other_deg      3775 1.397  1.578  ? ? 
'X-RAY DIFFRACTION' r_dihedral_angle_1_deg 235  7.185  5.000  ? ? 
'X-RAY DIFFRACTION' r_dihedral_angle_2_deg 109  27.388 21.009 ? ? 
'X-RAY DIFFRACTION' r_dihedral_angle_3_deg 285  12.450 15.000 ? ? 
'X-RAY DIFFRACTION' r_dihedral_angle_4_deg 15   18.527 15.000 ? ? 
'X-RAY DIFFRACTION' r_chiral_restr         219  0.082  0.200  ? ? 
'X-RAY DIFFRACTION' r_gen_planes_refined   2234 0.011  0.020  ? ? 
'X-RAY DIFFRACTION' r_gen_planes_other     496  0.002  0.020  ? ? 
'X-RAY DIFFRACTION' r_mcbond_it            1059 1.796  2.171  ? ? 
'X-RAY DIFFRACTION' r_mcbond_other         942  1.896  1.991  ? ? 
'X-RAY DIFFRACTION' r_mcangle_it           1129 3.009  2.988  ? ? 
# 
_refine_ls_shell.d_res_high                       1.3900 
_refine_ls_shell.d_res_low                        1.4260 
_refine_ls_shell.pdbx_total_number_of_bins_used   20 
_refine_ls_shell.percent_reflns_obs               87.4100 
_refine_ls_shell.number_reflns_R_work             2556 
_refine_ls_shell.R_factor_all                     ? 
_refine_ls_shell.R_factor_R_work                  0.4070 
_refine_ls_shell.R_factor_R_free                  0.4010 
_refine_ls_shell.percent_reflns_R_free            ? 
_refine_ls_shell.number_reflns_R_free             152 
_refine_ls_shell.R_factor_R_free_error            ? 
_refine_ls_shell.number_reflns_all                2708 
_refine_ls_shell.number_reflns_obs                ? 
_refine_ls_shell.pdbx_refine_id                   'X-RAY DIFFRACTION' 
# 
_struct.entry_id                  7HLK 
_struct.title                     'PanDDA analysis group deposition -- Crystal Structure of TRIM21 in complex with Z285642082' 
_struct.pdbx_model_details        ? 
_struct.pdbx_CASP_flag            ? 
_struct.pdbx_model_type_details   ? 
# 
_struct_keywords.entry_id        7HLK 
_struct_keywords.text            'SGC - Diamond I04-1 fragment screening, PanDDA, XChemExplorer, TRIM21, LIGASE' 
_struct_keywords.pdbx_keywords   LIGASE 
# 
loop_
_struct_asym.id 
_struct_asym.pdbx_blank_PDB_chainid_flag 
_struct_asym.pdbx_modified 
_struct_asym.entity_id 
_struct_asym.details 
A N N 1 ? 
B N N 2 ? 
C N N 3 ? 
D N N 2 ? 
E N N 4 ? 
F N N 5 ? 
G N N 6 ? 
# 
_struct_ref.id                         1 
_struct_ref.db_name                    UNP 
_struct_ref.db_code                    RO52_MOUSE 
_struct_ref.pdbx_db_accession          Q62191 
_struct_ref.pdbx_db_isoform            ? 
_struct_ref.entity_id                  1 
_struct_ref.pdbx_seq_one_letter_code   
;VHITLDRNTANSWLIISKDRRQVRMGDTHQNVSDNKERFSNYPMVLGAQRFSSGKMYWEVDVTQKEAWDLGVCRDSVQRK
GQFSLSPENGFWTIWLWQDSYEAGTSPQTTLHIQVPPCQIGIFVDYEAGVVSFYNITDHGSLIYTFSECVFAGPLRPFFN
VGFNYSGGNAAPLKLCPLKM
;
_struct_ref.pdbx_align_begin           291 
# 
_struct_ref_seq.align_id                      1 
_struct_ref_seq.ref_id                        1 
_struct_ref_seq.pdbx_PDB_id_code              7HLK 
_struct_ref_seq.pdbx_strand_id                B 
_struct_ref_seq.seq_align_beg                 9 
_struct_ref_seq.pdbx_seq_align_beg_ins_code   ? 
_struct_ref_seq.seq_align_end                 188 
_struct_ref_seq.pdbx_seq_align_end_ins_code   ? 
_struct_ref_seq.pdbx_db_accession             Q62191 
_struct_ref_seq.db_align_beg                  291 
_struct_ref_seq.pdbx_db_align_beg_ins_code    ? 
_struct_ref_seq.db_align_end                  470 
_struct_ref_seq.pdbx_db_align_end_ins_code    ? 
_struct_ref_seq.pdbx_auth_seq_align_beg       15 
_struct_ref_seq.pdbx_auth_seq_align_end       194 
# 
loop_
_struct_ref_seq_dif.align_id 
_struct_ref_seq_dif.pdbx_pdb_id_code 
_struct_ref_seq_dif.mon_id 
_struct_ref_seq_dif.pdbx_pdb_strand_id 
_struct_ref_seq_dif.seq_num 
_struct_ref_seq_dif.pdbx_pdb_ins_code 
_struct_ref_seq_dif.pdbx_seq_db_name 
_struct_ref_seq_dif.pdbx_seq_db_accession_code 
_struct_ref_seq_dif.db_mon_id 
_struct_ref_seq_dif.pdbx_seq_db_seq_num 
_struct_ref_seq_dif.details 
_struct_ref_seq_dif.pdbx_auth_seq_num 
_struct_ref_seq_dif.pdbx_ordinal 
1 7HLK MET B 1 ? UNP Q62191 ? ? 'initiating methionine' 7  1 
1 7HLK HIS B 2 ? UNP Q62191 ? ? 'expression tag'        8  2 
1 7HLK HIS B 3 ? UNP Q62191 ? ? 'expression tag'        9  3 
1 7HLK HIS B 4 ? UNP Q62191 ? ? 'expression tag'        10 4 
1 7HLK HIS B 5 ? UNP Q62191 ? ? 'expression tag'        11 5 
1 7HLK HIS B 6 ? UNP Q62191 ? ? 'expression tag'        12 6 
1 7HLK HIS B 7 ? UNP Q62191 ? ? 'expression tag'        13 7 
1 7HLK MET B 8 ? UNP Q62191 ? ? 'expression tag'        14 8 
# 
_pdbx_struct_assembly.id                   1 
_pdbx_struct_assembly.details              author_defined_assembly 
_pdbx_struct_assembly.method_details       ? 
_pdbx_struct_assembly.oligomeric_details   monomeric 
_pdbx_struct_assembly.oligomeric_count     1 
# 
_pdbx_struct_assembly_gen.assembly_id       1 
_pdbx_struct_assembly_gen.oper_expression   1 
_pdbx_struct_assembly_gen.asym_id_list      A,B,C,D,E,F,G 
# 
_pdbx_struct_oper_list.id                   1 
_pdbx_struct_oper_list.type                 'identity operation' 
_pdbx_struct_oper_list.name                 1_555 
_pdbx_struct_oper_list.symmetry_operation   x,y,z 
_pdbx_struct_oper_list.matrix[1][1]         1.0000000000 
_pdbx_struct_oper_list.matrix[1][2]         0.0000000000 
_pdbx_struct_oper_list.matrix[1][3]         0.0000000000 
_pdbx_struct_oper_list.vector[1]            0.0000000000 
_pdbx_struct_oper_list.matrix[2][1]         0.0000000000 
_pdbx_struct_oper_list.matrix[2][2]         1.0000000000 
_pdbx_struct_oper_list.matrix[2][3]         0.0000000000 
_pdbx_struct_oper_list.vector[2]            0.0000000000 
_pdbx_struct_oper_list.matrix[3][1]         0.0000000000 
_pdbx_struct_oper_list.matrix[3][2]         0.0000000000 
_pdbx_struct_oper_list.matrix[3][3]         1.0000000000 
_pdbx_struct_oper_list.vector[3]            0.0000000000 
# 
loop_
_struct_conf.conf_type_id 
_struct_conf.id 
_struct_conf.pdbx_PDB_helix_id 
_struct_conf.beg_label_comp_id 
_struct_conf.beg_label_asym_id 
_struct_conf.beg_label_seq_id 
_struct_conf.pdbx_beg_PDB_ins_code 
_struct_conf.end_label_comp_id 
_struct_conf.end_label_asym_id 
_struct_conf.end_label_seq_id 
_struct_conf.pdbx_end_PDB_ins_code 
_struct_conf.beg_auth_comp_id 
_struct_conf.beg_auth_asym_id 
_struct_conf.beg_auth_seq_id 
_struct_conf.end_auth_comp_id 
_struct_conf.end_auth_asym_id 
_struct_conf.end_auth_seq_id 
_struct_conf.pdbx_PDB_helix_class 
_struct_conf.details 
_struct_conf.pdbx_PDB_helix_length 
HELX_P HELX_P1 AA1 HIS A 4  ? MET A 8  ? HIS B 10  MET B 14  5 ? 5 
HELX_P HELX_P2 AA2 ASP A 14 ? ALA A 18 ? ASP B 20  ALA B 24  5 ? 5 
HELX_P HELX_P3 AA3 SER A 94 ? ASN A 97 ? SER B 100 ASN B 103 5 ? 4 
# 
_struct_conf_type.id          HELX_P 
_struct_conf_type.criteria    ? 
_struct_conf_type.reference   ? 
# 
_struct_mon_prot_cis.pdbx_id                1 
_struct_mon_prot_cis.label_comp_id          SER 
_struct_mon_prot_cis.label_seq_id           114 
_struct_mon_prot_cis.label_asym_id          A 
_struct_mon_prot_cis.label_alt_id           . 
_struct_mon_prot_cis.pdbx_PDB_ins_code      ? 
_struct_mon_prot_cis.auth_comp_id           SER 
_struct_mon_prot_cis.auth_seq_id            120 
_struct_mon_prot_cis.auth_asym_id           B 
_struct_mon_prot_cis.pdbx_label_comp_id_2   PRO 
_struct_mon_prot_cis.pdbx_label_seq_id_2    115 
_struct_mon_prot_cis.pdbx_label_asym_id_2   A 
_struct_mon_prot_cis.pdbx_PDB_ins_code_2    ? 
_struct_mon_prot_cis.pdbx_auth_comp_id_2    PRO 
_struct_mon_prot_cis.pdbx_auth_seq_id_2     121 
_struct_mon_prot_cis.pdbx_auth_asym_id_2    B 
_struct_mon_prot_cis.pdbx_PDB_model_num     1 
_struct_mon_prot_cis.pdbx_omega_angle       -1.84 
# 
loop_
_struct_sheet.id 
_struct_sheet.type 
_struct_sheet.number_strands 
_struct_sheet.details 
AA1 ? 7 ? 
AA2 ? 6 ? 
# 
loop_
_struct_sheet_order.sheet_id 
_struct_sheet_order.range_id_1 
_struct_sheet_order.range_id_2 
_struct_sheet_order.offset 
_struct_sheet_order.sense 
AA1 1 2 ? anti-parallel 
AA1 2 3 ? anti-parallel 
AA1 3 4 ? anti-parallel 
AA1 4 5 ? anti-parallel 
AA1 5 6 ? anti-parallel 
AA1 6 7 ? anti-parallel 
AA2 1 2 ? anti-parallel 
AA2 2 3 ? anti-parallel 
AA2 3 4 ? anti-parallel 
AA2 4 5 ? anti-parallel 
AA2 5 6 ? anti-parallel 
# 
loop_
_struct_sheet_range.sheet_id 
_struct_sheet_range.id 
_struct_sheet_range.beg_label_comp_id 
_struct_sheet_range.beg_label_asym_id 
_struct_sheet_range.beg_label_seq_id 
_struct_sheet_range.pdbx_beg_PDB_ins_code 
_struct_sheet_range.end_label_comp_id 
_struct_sheet_range.end_label_asym_id 
_struct_sheet_range.end_label_seq_id 
_struct_sheet_range.pdbx_end_PDB_ins_code 
_struct_sheet_range.beg_auth_comp_id 
_struct_sheet_range.beg_auth_asym_id 
_struct_sheet_range.beg_auth_seq_id 
_struct_sheet_range.end_auth_comp_id 
_struct_sheet_range.end_auth_asym_id 
_struct_sheet_range.end_auth_seq_id 
AA1 1 LEU A 22  ? ILE A 24  ? LEU B 28  ILE B 30  
AA1 2 GLN A 30  ? MET A 33  ? GLN B 36  MET B 39  
AA1 3 LEU A 181 ? LEU A 183 ? LEU B 187 LEU B 189 
AA1 4 LYS A 63  ? ASP A 69  ? LYS B 69  ASP B 75  
AA1 5 GLN A 127 ? ASP A 133 ? GLN B 133 ASP B 139 
AA1 6 VAL A 138 ? ASN A 143 ? VAL B 144 ASN B 149 
AA1 7 SER A 149 ? PHE A 154 ? SER B 155 PHE B 160 
AA2 1 MET A 52  ? LEU A 54  ? MET B 58  LEU B 60  
AA2 2 LEU A 163 ? ASN A 168 ? LEU B 169 ASN B 174 
AA2 3 TRP A 76  ? ARG A 82  ? TRP B 82  ARG B 88  
AA2 4 PHE A 99  ? TRP A 105 ? PHE B 105 TRP B 111 
AA2 5 SER A 108 ? ALA A 111 ? SER B 114 ALA B 117 
AA2 6 THR A 117 ? THR A 118 ? THR B 123 THR B 124 
# 
loop_
_pdbx_struct_sheet_hbond.sheet_id 
_pdbx_struct_sheet_hbond.range_id_1 
_pdbx_struct_sheet_hbond.range_id_2 
_pdbx_struct_sheet_hbond.range_1_label_atom_id 
_pdbx_struct_sheet_hbond.range_1_label_comp_id 
_pdbx_struct_sheet_hbond.range_1_label_asym_id 
_pdbx_struct_sheet_hbond.range_1_label_seq_id 
_pdbx_struct_sheet_hbond.range_1_PDB_ins_code 
_pdbx_struct_sheet_hbond.range_1_auth_atom_id 
_pdbx_struct_sheet_hbond.range_1_auth_comp_id 
_pdbx_struct_sheet_hbond.range_1_auth_asym_id 
_pdbx_struct_sheet_hbond.range_1_auth_seq_id 
_pdbx_struct_sheet_hbond.range_2_label_atom_id 
_pdbx_struct_sheet_hbond.range_2_label_comp_id 
_pdbx_struct_sheet_hbond.range_2_label_asym_id 
_pdbx_struct_sheet_hbond.range_2_label_seq_id 
_pdbx_struct_sheet_hbond.range_2_PDB_ins_code 
_pdbx_struct_sheet_hbond.range_2_auth_atom_id 
_pdbx_struct_sheet_hbond.range_2_auth_comp_id 
_pdbx_struct_sheet_hbond.range_2_auth_asym_id 
_pdbx_struct_sheet_hbond.range_2_auth_seq_id 
AA1 1 2 N ILE A 23  ? N ILE B 29  O ARG A 32  ? O ARG B 38  
AA1 2 3 N VAL A 31  ? N VAL B 37  O LEU A 181 ? O LEU B 187 
AA1 3 4 O LYS A 182 ? O LYS B 188 N ASP A 69  ? N ASP B 75  
AA1 4 5 N TRP A 66  ? N TRP B 72  O ILE A 130 ? O ILE B 136 
AA1 5 6 N PHE A 131 ? N PHE B 137 O SER A 140 ? O SER B 146 
AA1 6 7 N PHE A 141 ? N PHE B 147 O ILE A 151 ? O ILE B 157 
AA2 1 2 N VAL A 53  ? N VAL B 59  O PHE A 167 ? O PHE B 173 
AA2 2 3 O ARG A 164 ? O ARG B 170 N CYS A 81  ? N CYS B 87  
AA2 3 4 N VAL A 80  ? N VAL B 86  O TRP A 100 ? O TRP B 106 
AA2 4 5 N TRP A 105 ? N TRP B 111 O SER A 108 ? O SER B 114 
AA2 5 6 N ALA A 111 ? N ALA B 117 O THR A 117 ? O THR B 123 
# 
_pdbx_entry_details.entry_id                   7HLK 
_pdbx_entry_details.compound_details           ? 
_pdbx_entry_details.source_details             ? 
_pdbx_entry_details.nonpolymer_details         ? 
_pdbx_entry_details.sequence_details           ? 
_pdbx_entry_details.has_ligand_of_interest     Y 
_pdbx_entry_details.has_protein_modification   N 
# 
_pdbx_validate_rmsd_angle.id                         1 
_pdbx_validate_rmsd_angle.PDB_model_num              1 
_pdbx_validate_rmsd_angle.auth_atom_id_1             CG 
_pdbx_validate_rmsd_angle.auth_asym_id_1             B 
_pdbx_validate_rmsd_angle.auth_comp_id_1             ARG 
_pdbx_validate_rmsd_angle.auth_seq_id_1              64 
_pdbx_validate_rmsd_angle.PDB_ins_code_1             ? 
_pdbx_validate_rmsd_angle.label_alt_id_1             ? 
_pdbx_validate_rmsd_angle.auth_atom_id_2             CD 
_pdbx_validate_rmsd_angle.auth_asym_id_2             B 
_pdbx_validate_rmsd_angle.auth_comp_id_2             ARG 
_pdbx_validate_rmsd_angle.auth_seq_id_2              64 
_pdbx_validate_rmsd_angle.PDB_ins_code_2             ? 
_pdbx_validate_rmsd_angle.label_alt_id_2             ? 
_pdbx_validate_rmsd_angle.auth_atom_id_3             NE 
_pdbx_validate_rmsd_angle.auth_asym_id_3             B 
_pdbx_validate_rmsd_angle.auth_comp_id_3             ARG 
_pdbx_validate_rmsd_angle.auth_seq_id_3              64 
_pdbx_validate_rmsd_angle.PDB_ins_code_3             ? 
_pdbx_validate_rmsd_angle.label_alt_id_3             ? 
_pdbx_validate_rmsd_angle.angle_value                125.04 
_pdbx_validate_rmsd_angle.angle_target_value         111.80 
_pdbx_validate_rmsd_angle.angle_deviation            13.24 
_pdbx_validate_rmsd_angle.angle_standard_deviation   2.10 
_pdbx_validate_rmsd_angle.linker_flag                N 
# 
loop_
_pdbx_validate_torsion.id 
_pdbx_validate_torsion.PDB_model_num 
_pdbx_validate_torsion.auth_comp_id 
_pdbx_validate_torsion.auth_asym_id 
_pdbx_validate_torsion.auth_seq_id 
_pdbx_validate_torsion.PDB_ins_code 
_pdbx_validate_torsion.label_alt_id 
_pdbx_validate_torsion.phi 
_pdbx_validate_torsion.psi 
1 1 HIS B 9   ? ? -147.73 50.54 
2 1 ASP B 152 ? ? -107.79 51.99 
# 
_phasing.method   MR 
# 
loop_
_pdbx_unobs_or_zero_occ_residues.id 
_pdbx_unobs_or_zero_occ_residues.PDB_model_num 
_pdbx_unobs_or_zero_occ_residues.polymer_flag 
_pdbx_unobs_or_zero_occ_residues.occupancy_flag 
_pdbx_unobs_or_zero_occ_residues.auth_asym_id 
_pdbx_unobs_or_zero_occ_residues.auth_comp_id 
_pdbx_unobs_or_zero_occ_residues.auth_seq_id 
_pdbx_unobs_or_zero_occ_residues.PDB_ins_code 
_pdbx_unobs_or_zero_occ_residues.label_asym_id 
_pdbx_unobs_or_zero_occ_residues.label_comp_id 
_pdbx_unobs_or_zero_occ_residues.label_seq_id 
1 1 Y 1 B MET 7   ? A MET 1   
2 1 Y 1 B LYS 193 ? A LYS 187 
3 1 Y 1 B MET 194 ? A MET 188 
# 
loop_
_chem_comp_atom.comp_id 
_chem_comp_atom.atom_id 
_chem_comp_atom.type_symbol 
_chem_comp_atom.pdbx_aromatic_flag 
_chem_comp_atom.pdbx_stereo_config 
_chem_comp_atom.pdbx_ordinal 
ALA N    N N N 1   
ALA CA   C N S 2   
ALA C    C N N 3   
ALA O    O N N 4   
ALA CB   C N N 5   
ALA OXT  O N N 6   
ALA H    H N N 7   
ALA H2   H N N 8   
ALA HA   H N N 9   
ALA HB1  H N N 10  
ALA HB2  H N N 11  
ALA HB3  H N N 12  
ALA HXT  H N N 13  
ARG N    N N N 14  
ARG CA   C N S 15  
ARG C    C N N 16  
ARG O    O N N 17  
ARG CB   C N N 18  
ARG CG   C N N 19  
ARG CD   C N N 20  
ARG NE   N N N 21  
ARG CZ   C N N 22  
ARG NH1  N N N 23  
ARG NH2  N N N 24  
ARG OXT  O N N 25  
ARG H    H N N 26  
ARG H2   H N N 27  
ARG HA   H N N 28  
ARG HB2  H N N 29  
ARG HB3  H N N 30  
ARG HG2  H N N 31  
ARG HG3  H N N 32  
ARG HD2  H N N 33  
ARG HD3  H N N 34  
ARG HE   H N N 35  
ARG HH11 H N N 36  
ARG HH12 H N N 37  
ARG HH21 H N N 38  
ARG HH22 H N N 39  
ARG HXT  H N N 40  
ASN N    N N N 41  
ASN CA   C N S 42  
ASN C    C N N 43  
ASN O    O N N 44  
ASN CB   C N N 45  
ASN CG   C N N 46  
ASN OD1  O N N 47  
ASN ND2  N N N 48  
ASN OXT  O N N 49  
ASN H    H N N 50  
ASN H2   H N N 51  
ASN HA   H N N 52  
ASN HB2  H N N 53  
ASN HB3  H N N 54  
ASN HD21 H N N 55  
ASN HD22 H N N 56  
ASN HXT  H N N 57  
ASP N    N N N 58  
ASP CA   C N S 59  
ASP C    C N N 60  
ASP O    O N N 61  
ASP CB   C N N 62  
ASP CG   C N N 63  
ASP OD1  O N N 64  
ASP OD2  O N N 65  
ASP OXT  O N N 66  
ASP H    H N N 67  
ASP H2   H N N 68  
ASP HA   H N N 69  
ASP HB2  H N N 70  
ASP HB3  H N N 71  
ASP HD2  H N N 72  
ASP HXT  H N N 73  
CYS N    N N N 74  
CYS CA   C N R 75  
CYS C    C N N 76  
CYS O    O N N 77  
CYS CB   C N N 78  
CYS SG   S N N 79  
CYS OXT  O N N 80  
CYS H    H N N 81  
CYS H2   H N N 82  
CYS HA   H N N 83  
CYS HB2  H N N 84  
CYS HB3  H N N 85  
CYS HG   H N N 86  
CYS HXT  H N N 87  
EDO C1   C N N 88  
EDO O1   O N N 89  
EDO C2   C N N 90  
EDO O2   O N N 91  
EDO H11  H N N 92  
EDO H12  H N N 93  
EDO HO1  H N N 94  
EDO H21  H N N 95  
EDO H22  H N N 96  
EDO HO2  H N N 97  
EPE N1   N N N 98  
EPE C2   C N N 99  
EPE C3   C N N 100 
EPE N4   N N N 101 
EPE C5   C N N 102 
EPE C6   C N N 103 
EPE C7   C N N 104 
EPE C8   C N N 105 
EPE O8   O N N 106 
EPE C9   C N N 107 
EPE C10  C N N 108 
EPE S    S N N 109 
EPE O1S  O N N 110 
EPE O2S  O N N 111 
EPE O3S  O N N 112 
EPE H21  H N N 113 
EPE H22  H N N 114 
EPE H31  H N N 115 
EPE H32  H N N 116 
EPE H51  H N N 117 
EPE H52  H N N 118 
EPE H61  H N N 119 
EPE H62  H N N 120 
EPE H71  H N N 121 
EPE H72  H N N 122 
EPE H81  H N N 123 
EPE H82  H N N 124 
EPE HO8  H N N 125 
EPE H91  H N N 126 
EPE H92  H N N 127 
EPE H101 H N N 128 
EPE H102 H N N 129 
EPE HOS3 H N N 130 
GLN N    N N N 131 
GLN CA   C N S 132 
GLN C    C N N 133 
GLN O    O N N 134 
GLN CB   C N N 135 
GLN CG   C N N 136 
GLN CD   C N N 137 
GLN OE1  O N N 138 
GLN NE2  N N N 139 
GLN OXT  O N N 140 
GLN H    H N N 141 
GLN H2   H N N 142 
GLN HA   H N N 143 
GLN HB2  H N N 144 
GLN HB3  H N N 145 
GLN HG2  H N N 146 
GLN HG3  H N N 147 
GLN HE21 H N N 148 
GLN HE22 H N N 149 
GLN HXT  H N N 150 
GLU N    N N N 151 
GLU CA   C N S 152 
GLU C    C N N 153 
GLU O    O N N 154 
GLU CB   C N N 155 
GLU CG   C N N 156 
GLU CD   C N N 157 
GLU OE1  O N N 158 
GLU OE2  O N N 159 
GLU OXT  O N N 160 
GLU H    H N N 161 
GLU H2   H N N 162 
GLU HA   H N N 163 
GLU HB2  H N N 164 
GLU HB3  H N N 165 
GLU HG2  H N N 166 
GLU HG3  H N N 167 
GLU HE2  H N N 168 
GLU HXT  H N N 169 
GLY N    N N N 170 
GLY CA   C N N 171 
GLY C    C N N 172 
GLY O    O N N 173 
GLY OXT  O N N 174 
GLY H    H N N 175 
GLY H2   H N N 176 
GLY HA2  H N N 177 
GLY HA3  H N N 178 
GLY HXT  H N N 179 
HIS N    N N N 180 
HIS CA   C N S 181 
HIS C    C N N 182 
HIS O    O N N 183 
HIS CB   C N N 184 
HIS CG   C Y N 185 
HIS ND1  N Y N 186 
HIS CD2  C Y N 187 
HIS CE1  C Y N 188 
HIS NE2  N Y N 189 
HIS OXT  O N N 190 
HIS H    H N N 191 
HIS H2   H N N 192 
HIS HA   H N N 193 
HIS HB2  H N N 194 
HIS HB3  H N N 195 
HIS HD1  H N N 196 
HIS HD2  H N N 197 
HIS HE1  H N N 198 
HIS HE2  H N N 199 
HIS HXT  H N N 200 
HOH O    O N N 201 
HOH H1   H N N 202 
HOH H2   H N N 203 
ILE N    N N N 204 
ILE CA   C N S 205 
ILE C    C N N 206 
ILE O    O N N 207 
ILE CB   C N S 208 
ILE CG1  C N N 209 
ILE CG2  C N N 210 
ILE CD1  C N N 211 
ILE OXT  O N N 212 
ILE H    H N N 213 
ILE H2   H N N 214 
ILE HA   H N N 215 
ILE HB   H N N 216 
ILE HG12 H N N 217 
ILE HG13 H N N 218 
ILE HG21 H N N 219 
ILE HG22 H N N 220 
ILE HG23 H N N 221 
ILE HD11 H N N 222 
ILE HD12 H N N 223 
ILE HD13 H N N 224 
ILE HXT  H N N 225 
LEU N    N N N 226 
LEU CA   C N S 227 
LEU C    C N N 228 
LEU O    O N N 229 
LEU CB   C N N 230 
LEU CG   C N N 231 
LEU CD1  C N N 232 
LEU CD2  C N N 233 
LEU OXT  O N N 234 
LEU H    H N N 235 
LEU H2   H N N 236 
LEU HA   H N N 237 
LEU HB2  H N N 238 
LEU HB3  H N N 239 
LEU HG   H N N 240 
LEU HD11 H N N 241 
LEU HD12 H N N 242 
LEU HD13 H N N 243 
LEU HD21 H N N 244 
LEU HD22 H N N 245 
LEU HD23 H N N 246 
LEU HXT  H N N 247 
LYS N    N N N 248 
LYS CA   C N S 249 
LYS C    C N N 250 
LYS O    O N N 251 
LYS CB   C N N 252 
LYS CG   C N N 253 
LYS CD   C N N 254 
LYS CE   C N N 255 
LYS NZ   N N N 256 
LYS OXT  O N N 257 
LYS H    H N N 258 
LYS H2   H N N 259 
LYS HA   H N N 260 
LYS HB2  H N N 261 
LYS HB3  H N N 262 
LYS HG2  H N N 263 
LYS HG3  H N N 264 
LYS HD2  H N N 265 
LYS HD3  H N N 266 
LYS HE2  H N N 267 
LYS HE3  H N N 268 
LYS HZ1  H N N 269 
LYS HZ2  H N N 270 
LYS HZ3  H N N 271 
LYS HXT  H N N 272 
MET N    N N N 273 
MET CA   C N S 274 
MET C    C N N 275 
MET O    O N N 276 
MET CB   C N N 277 
MET CG   C N N 278 
MET SD   S N N 279 
MET CE   C N N 280 
MET OXT  O N N 281 
MET H    H N N 282 
MET H2   H N N 283 
MET HA   H N N 284 
MET HB2  H N N 285 
MET HB3  H N N 286 
MET HG2  H N N 287 
MET HG3  H N N 288 
MET HE1  H N N 289 
MET HE2  H N N 290 
MET HE3  H N N 291 
MET HXT  H N N 292 
PHE N    N N N 293 
PHE CA   C N S 294 
PHE C    C N N 295 
PHE O    O N N 296 
PHE CB   C N N 297 
PHE CG   C Y N 298 
PHE CD1  C Y N 299 
PHE CD2  C Y N 300 
PHE CE1  C Y N 301 
PHE CE2  C Y N 302 
PHE CZ   C Y N 303 
PHE OXT  O N N 304 
PHE H    H N N 305 
PHE H2   H N N 306 
PHE HA   H N N 307 
PHE HB2  H N N 308 
PHE HB3  H N N 309 
PHE HD1  H N N 310 
PHE HD2  H N N 311 
PHE HE1  H N N 312 
PHE HE2  H N N 313 
PHE HZ   H N N 314 
PHE HXT  H N N 315 
PRO N    N N N 316 
PRO CA   C N S 317 
PRO C    C N N 318 
PRO O    O N N 319 
PRO CB   C N N 320 
PRO CG   C N N 321 
PRO CD   C N N 322 
PRO OXT  O N N 323 
PRO H    H N N 324 
PRO HA   H N N 325 
PRO HB2  H N N 326 
PRO HB3  H N N 327 
PRO HG2  H N N 328 
PRO HG3  H N N 329 
PRO HD2  H N N 330 
PRO HD3  H N N 331 
PRO HXT  H N N 332 
SER N    N N N 333 
SER CA   C N S 334 
SER C    C N N 335 
SER O    O N N 336 
SER CB   C N N 337 
SER OG   O N N 338 
SER OXT  O N N 339 
SER H    H N N 340 
SER H2   H N N 341 
SER HA   H N N 342 
SER HB2  H N N 343 
SER HB3  H N N 344 
SER HG   H N N 345 
SER HXT  H N N 346 
SO4 S    S N N 347 
SO4 O1   O N N 348 
SO4 O2   O N N 349 
SO4 O3   O N N 350 
SO4 O4   O N N 351 
THR N    N N N 352 
THR CA   C N S 353 
THR C    C N N 354 
THR O    O N N 355 
THR CB   C N R 356 
THR OG1  O N N 357 
THR CG2  C N N 358 
THR OXT  O N N 359 
THR H    H N N 360 
THR H2   H N N 361 
THR HA   H N N 362 
THR HB   H N N 363 
THR HG1  H N N 364 
THR HG21 H N N 365 
THR HG22 H N N 366 
THR HG23 H N N 367 
THR HXT  H N N 368 
TRP N    N N N 369 
TRP CA   C N S 370 
TRP C    C N N 371 
TRP O    O N N 372 
TRP CB   C N N 373 
TRP CG   C Y N 374 
TRP CD1  C Y N 375 
TRP CD2  C Y N 376 
TRP NE1  N Y N 377 
TRP CE2  C Y N 378 
TRP CE3  C Y N 379 
TRP CZ2  C Y N 380 
TRP CZ3  C Y N 381 
TRP CH2  C Y N 382 
TRP OXT  O N N 383 
TRP H    H N N 384 
TRP H2   H N N 385 
TRP HA   H N N 386 
TRP HB2  H N N 387 
TRP HB3  H N N 388 
TRP HD1  H N N 389 
TRP HE1  H N N 390 
TRP HE3  H N N 391 
TRP HZ2  H N N 392 
TRP HZ3  H N N 393 
TRP HH2  H N N 394 
TRP HXT  H N N 395 
TYR N    N N N 396 
TYR CA   C N S 397 
TYR C    C N N 398 
TYR O    O N N 399 
TYR CB   C N N 400 
TYR CG   C Y N 401 
TYR CD1  C Y N 402 
TYR CD2  C Y N 403 
TYR CE1  C Y N 404 
TYR CE2  C Y N 405 
TYR CZ   C Y N 406 
TYR OH   O N N 407 
TYR OXT  O N N 408 
TYR H    H N N 409 
TYR H2   H N N 410 
TYR HA   H N N 411 
TYR HB2  H N N 412 
TYR HB3  H N N 413 
TYR HD1  H N N 414 
TYR HD2  H N N 415 
TYR HE1  H N N 416 
TYR HE2  H N N 417 
TYR HH   H N N 418 
TYR HXT  H N N 419 
UUP N1   N Y N 420 
UUP N3   N Y N 421 
UUP C4   C Y N 422 
UUP C5   C Y N 423 
UUP C6   C Y N 424 
UUP C7   C Y N 425 
UUP C8   C Y N 426 
UUP N    N N N 427 
UUP C    C N N 428 
UUP O    O N N 429 
UUP C1   C N N 430 
UUP C2   C N N 431 
UUP C3   C N N 432 
UUP C9   C Y N 433 
UUP N2   N Y N 434 
UUP H1   H N N 435 
UUP H2   H N N 436 
UUP H3   H N N 437 
UUP H4   H N N 438 
UUP H5   H N N 439 
UUP H6   H N N 440 
UUP H7   H N N 441 
UUP H8   H N N 442 
UUP H9   H N N 443 
UUP H10  H N N 444 
VAL N    N N N 445 
VAL CA   C N S 446 
VAL C    C N N 447 
VAL O    O N N 448 
VAL CB   C N N 449 
VAL CG1  C N N 450 
VAL CG2  C N N 451 
VAL OXT  O N N 452 
VAL H    H N N 453 
VAL H2   H N N 454 
VAL HA   H N N 455 
VAL HB   H N N 456 
VAL HG11 H N N 457 
VAL HG12 H N N 458 
VAL HG13 H N N 459 
VAL HG21 H N N 460 
VAL HG22 H N N 461 
VAL HG23 H N N 462 
VAL HXT  H N N 463 
# 
loop_
_chem_comp_bond.comp_id 
_chem_comp_bond.atom_id_1 
_chem_comp_bond.atom_id_2 
_chem_comp_bond.value_order 
_chem_comp_bond.pdbx_aromatic_flag 
_chem_comp_bond.pdbx_stereo_config 
_chem_comp_bond.pdbx_ordinal 
ALA N   CA   sing N N 1   
ALA N   H    sing N N 2   
ALA N   H2   sing N N 3   
ALA CA  C    sing N N 4   
ALA CA  CB   sing N N 5   
ALA CA  HA   sing N N 6   
ALA C   O    doub N N 7   
ALA C   OXT  sing N N 8   
ALA CB  HB1  sing N N 9   
ALA CB  HB2  sing N N 10  
ALA CB  HB3  sing N N 11  
ALA OXT HXT  sing N N 12  
ARG N   CA   sing N N 13  
ARG N   H    sing N N 14  
ARG N   H2   sing N N 15  
ARG CA  C    sing N N 16  
ARG CA  CB   sing N N 17  
ARG CA  HA   sing N N 18  
ARG C   O    doub N N 19  
ARG C   OXT  sing N N 20  
ARG CB  CG   sing N N 21  
ARG CB  HB2  sing N N 22  
ARG CB  HB3  sing N N 23  
ARG CG  CD   sing N N 24  
ARG CG  HG2  sing N N 25  
ARG CG  HG3  sing N N 26  
ARG CD  NE   sing N N 27  
ARG CD  HD2  sing N N 28  
ARG CD  HD3  sing N N 29  
ARG NE  CZ   sing N N 30  
ARG NE  HE   sing N N 31  
ARG CZ  NH1  sing N N 32  
ARG CZ  NH2  doub N N 33  
ARG NH1 HH11 sing N N 34  
ARG NH1 HH12 sing N N 35  
ARG NH2 HH21 sing N N 36  
ARG NH2 HH22 sing N N 37  
ARG OXT HXT  sing N N 38  
ASN N   CA   sing N N 39  
ASN N   H    sing N N 40  
ASN N   H2   sing N N 41  
ASN CA  C    sing N N 42  
ASN CA  CB   sing N N 43  
ASN CA  HA   sing N N 44  
ASN C   O    doub N N 45  
ASN C   OXT  sing N N 46  
ASN CB  CG   sing N N 47  
ASN CB  HB2  sing N N 48  
ASN CB  HB3  sing N N 49  
ASN CG  OD1  doub N N 50  
ASN CG  ND2  sing N N 51  
ASN ND2 HD21 sing N N 52  
ASN ND2 HD22 sing N N 53  
ASN OXT HXT  sing N N 54  
ASP N   CA   sing N N 55  
ASP N   H    sing N N 56  
ASP N   H2   sing N N 57  
ASP CA  C    sing N N 58  
ASP CA  CB   sing N N 59  
ASP CA  HA   sing N N 60  
ASP C   O    doub N N 61  
ASP C   OXT  sing N N 62  
ASP CB  CG   sing N N 63  
ASP CB  HB2  sing N N 64  
ASP CB  HB3  sing N N 65  
ASP CG  OD1  doub N N 66  
ASP CG  OD2  sing N N 67  
ASP OD2 HD2  sing N N 68  
ASP OXT HXT  sing N N 69  
CYS N   CA   sing N N 70  
CYS N   H    sing N N 71  
CYS N   H2   sing N N 72  
CYS CA  C    sing N N 73  
CYS CA  CB   sing N N 74  
CYS CA  HA   sing N N 75  
CYS C   O    doub N N 76  
CYS C   OXT  sing N N 77  
CYS CB  SG   sing N N 78  
CYS CB  HB2  sing N N 79  
CYS CB  HB3  sing N N 80  
CYS SG  HG   sing N N 81  
CYS OXT HXT  sing N N 82  
EDO C1  O1   sing N N 83  
EDO C1  C2   sing N N 84  
EDO C1  H11  sing N N 85  
EDO C1  H12  sing N N 86  
EDO O1  HO1  sing N N 87  
EDO C2  O2   sing N N 88  
EDO C2  H21  sing N N 89  
EDO C2  H22  sing N N 90  
EDO O2  HO2  sing N N 91  
EPE N1  C2   sing N N 92  
EPE N1  C6   sing N N 93  
EPE N1  C9   sing N N 94  
EPE C2  C3   sing N N 95  
EPE C2  H21  sing N N 96  
EPE C2  H22  sing N N 97  
EPE C3  N4   sing N N 98  
EPE C3  H31  sing N N 99  
EPE C3  H32  sing N N 100 
EPE N4  C5   sing N N 101 
EPE N4  C7   sing N N 102 
EPE C5  C6   sing N N 103 
EPE C5  H51  sing N N 104 
EPE C5  H52  sing N N 105 
EPE C6  H61  sing N N 106 
EPE C6  H62  sing N N 107 
EPE C7  C8   sing N N 108 
EPE C7  H71  sing N N 109 
EPE C7  H72  sing N N 110 
EPE C8  O8   sing N N 111 
EPE C8  H81  sing N N 112 
EPE C8  H82  sing N N 113 
EPE O8  HO8  sing N N 114 
EPE C9  C10  sing N N 115 
EPE C9  H91  sing N N 116 
EPE C9  H92  sing N N 117 
EPE C10 S    sing N N 118 
EPE C10 H101 sing N N 119 
EPE C10 H102 sing N N 120 
EPE S   O1S  doub N N 121 
EPE S   O2S  doub N N 122 
EPE S   O3S  sing N N 123 
EPE O3S HOS3 sing N N 124 
GLN N   CA   sing N N 125 
GLN N   H    sing N N 126 
GLN N   H2   sing N N 127 
GLN CA  C    sing N N 128 
GLN CA  CB   sing N N 129 
GLN CA  HA   sing N N 130 
GLN C   O    doub N N 131 
GLN C   OXT  sing N N 132 
GLN CB  CG   sing N N 133 
GLN CB  HB2  sing N N 134 
GLN CB  HB3  sing N N 135 
GLN CG  CD   sing N N 136 
GLN CG  HG2  sing N N 137 
GLN CG  HG3  sing N N 138 
GLN CD  OE1  doub N N 139 
GLN CD  NE2  sing N N 140 
GLN NE2 HE21 sing N N 141 
GLN NE2 HE22 sing N N 142 
GLN OXT HXT  sing N N 143 
GLU N   CA   sing N N 144 
GLU N   H    sing N N 145 
GLU N   H2   sing N N 146 
GLU CA  C    sing N N 147 
GLU CA  CB   sing N N 148 
GLU CA  HA   sing N N 149 
GLU C   O    doub N N 150 
GLU C   OXT  sing N N 151 
GLU CB  CG   sing N N 152 
GLU CB  HB2  sing N N 153 
GLU CB  HB3  sing N N 154 
GLU CG  CD   sing N N 155 
GLU CG  HG2  sing N N 156 
GLU CG  HG3  sing N N 157 
GLU CD  OE1  doub N N 158 
GLU CD  OE2  sing N N 159 
GLU OE2 HE2  sing N N 160 
GLU OXT HXT  sing N N 161 
GLY N   CA   sing N N 162 
GLY N   H    sing N N 163 
GLY N   H2   sing N N 164 
GLY CA  C    sing N N 165 
GLY CA  HA2  sing N N 166 
GLY CA  HA3  sing N N 167 
GLY C   O    doub N N 168 
GLY C   OXT  sing N N 169 
GLY OXT HXT  sing N N 170 
HIS N   CA   sing N N 171 
HIS N   H    sing N N 172 
HIS N   H2   sing N N 173 
HIS CA  C    sing N N 174 
HIS CA  CB   sing N N 175 
HIS CA  HA   sing N N 176 
HIS C   O    doub N N 177 
HIS C   OXT  sing N N 178 
HIS CB  CG   sing N N 179 
HIS CB  HB2  sing N N 180 
HIS CB  HB3  sing N N 181 
HIS CG  ND1  sing Y N 182 
HIS CG  CD2  doub Y N 183 
HIS ND1 CE1  doub Y N 184 
HIS ND1 HD1  sing N N 185 
HIS CD2 NE2  sing Y N 186 
HIS CD2 HD2  sing N N 187 
HIS CE1 NE2  sing Y N 188 
HIS CE1 HE1  sing N N 189 
HIS NE2 HE2  sing N N 190 
HIS OXT HXT  sing N N 191 
HOH O   H1   sing N N 192 
HOH O   H2   sing N N 193 
ILE N   CA   sing N N 194 
ILE N   H    sing N N 195 
ILE N   H2   sing N N 196 
ILE CA  C    sing N N 197 
ILE CA  CB   sing N N 198 
ILE CA  HA   sing N N 199 
ILE C   O    doub N N 200 
ILE C   OXT  sing N N 201 
ILE CB  CG1  sing N N 202 
ILE CB  CG2  sing N N 203 
ILE CB  HB   sing N N 204 
ILE CG1 CD1  sing N N 205 
ILE CG1 HG12 sing N N 206 
ILE CG1 HG13 sing N N 207 
ILE CG2 HG21 sing N N 208 
ILE CG2 HG22 sing N N 209 
ILE CG2 HG23 sing N N 210 
ILE CD1 HD11 sing N N 211 
ILE CD1 HD12 sing N N 212 
ILE CD1 HD13 sing N N 213 
ILE OXT HXT  sing N N 214 
LEU N   CA   sing N N 215 
LEU N   H    sing N N 216 
LEU N   H2   sing N N 217 
LEU CA  C    sing N N 218 
LEU CA  CB   sing N N 219 
LEU CA  HA   sing N N 220 
LEU C   O    doub N N 221 
LEU C   OXT  sing N N 222 
LEU CB  CG   sing N N 223 
LEU CB  HB2  sing N N 224 
LEU CB  HB3  sing N N 225 
LEU CG  CD1  sing N N 226 
LEU CG  CD2  sing N N 227 
LEU CG  HG   sing N N 228 
LEU CD1 HD11 sing N N 229 
LEU CD1 HD12 sing N N 230 
LEU CD1 HD13 sing N N 231 
LEU CD2 HD21 sing N N 232 
LEU CD2 HD22 sing N N 233 
LEU CD2 HD23 sing N N 234 
LEU OXT HXT  sing N N 235 
LYS N   CA   sing N N 236 
LYS N   H    sing N N 237 
LYS N   H2   sing N N 238 
LYS CA  C    sing N N 239 
LYS CA  CB   sing N N 240 
LYS CA  HA   sing N N 241 
LYS C   O    doub N N 242 
LYS C   OXT  sing N N 243 
LYS CB  CG   sing N N 244 
LYS CB  HB2  sing N N 245 
LYS CB  HB3  sing N N 246 
LYS CG  CD   sing N N 247 
LYS CG  HG2  sing N N 248 
LYS CG  HG3  sing N N 249 
LYS CD  CE   sing N N 250 
LYS CD  HD2  sing N N 251 
LYS CD  HD3  sing N N 252 
LYS CE  NZ   sing N N 253 
LYS CE  HE2  sing N N 254 
LYS CE  HE3  sing N N 255 
LYS NZ  HZ1  sing N N 256 
LYS NZ  HZ2  sing N N 257 
LYS NZ  HZ3  sing N N 258 
LYS OXT HXT  sing N N 259 
MET N   CA   sing N N 260 
MET N   H    sing N N 261 
MET N   H2   sing N N 262 
MET CA  C    sing N N 263 
MET CA  CB   sing N N 264 
MET CA  HA   sing N N 265 
MET C   O    doub N N 266 
MET C   OXT  sing N N 267 
MET CB  CG   sing N N 268 
MET CB  HB2  sing N N 269 
MET CB  HB3  sing N N 270 
MET CG  SD   sing N N 271 
MET CG  HG2  sing N N 272 
MET CG  HG3  sing N N 273 
MET SD  CE   sing N N 274 
MET CE  HE1  sing N N 275 
MET CE  HE2  sing N N 276 
MET CE  HE3  sing N N 277 
MET OXT HXT  sing N N 278 
PHE N   CA   sing N N 279 
PHE N   H    sing N N 280 
PHE N   H2   sing N N 281 
PHE CA  C    sing N N 282 
PHE CA  CB   sing N N 283 
PHE CA  HA   sing N N 284 
PHE C   O    doub N N 285 
PHE C   OXT  sing N N 286 
PHE CB  CG   sing N N 287 
PHE CB  HB2  sing N N 288 
PHE CB  HB3  sing N N 289 
PHE CG  CD1  doub Y N 290 
PHE CG  CD2  sing Y N 291 
PHE CD1 CE1  sing Y N 292 
PHE CD1 HD1  sing N N 293 
PHE CD2 CE2  doub Y N 294 
PHE CD2 HD2  sing N N 295 
PHE CE1 CZ   doub Y N 296 
PHE CE1 HE1  sing N N 297 
PHE CE2 CZ   sing Y N 298 
PHE CE2 HE2  sing N N 299 
PHE CZ  HZ   sing N N 300 
PHE OXT HXT  sing N N 301 
PRO N   CA   sing N N 302 
PRO N   CD   sing N N 303 
PRO N   H    sing N N 304 
PRO CA  C    sing N N 305 
PRO CA  CB   sing N N 306 
PRO CA  HA   sing N N 307 
PRO C   O    doub N N 308 
PRO C   OXT  sing N N 309 
PRO CB  CG   sing N N 310 
PRO CB  HB2  sing N N 311 
PRO CB  HB3  sing N N 312 
PRO CG  CD   sing N N 313 
PRO CG  HG2  sing N N 314 
PRO CG  HG3  sing N N 315 
PRO CD  HD2  sing N N 316 
PRO CD  HD3  sing N N 317 
PRO OXT HXT  sing N N 318 
SER N   CA   sing N N 319 
SER N   H    sing N N 320 
SER N   H2   sing N N 321 
SER CA  C    sing N N 322 
SER CA  CB   sing N N 323 
SER CA  HA   sing N N 324 
SER C   O    doub N N 325 
SER C   OXT  sing N N 326 
SER CB  OG   sing N N 327 
SER CB  HB2  sing N N 328 
SER CB  HB3  sing N N 329 
SER OG  HG   sing N N 330 
SER OXT HXT  sing N N 331 
SO4 S   O1   doub N N 332 
SO4 S   O2   doub N N 333 
SO4 S   O3   sing N N 334 
SO4 S   O4   sing N N 335 
THR N   CA   sing N N 336 
THR N   H    sing N N 337 
THR N   H2   sing N N 338 
THR CA  C    sing N N 339 
THR CA  CB   sing N N 340 
THR CA  HA   sing N N 341 
THR C   O    doub N N 342 
THR C   OXT  sing N N 343 
THR CB  OG1  sing N N 344 
THR CB  CG2  sing N N 345 
THR CB  HB   sing N N 346 
THR OG1 HG1  sing N N 347 
THR CG2 HG21 sing N N 348 
THR CG2 HG22 sing N N 349 
THR CG2 HG23 sing N N 350 
THR OXT HXT  sing N N 351 
TRP N   CA   sing N N 352 
TRP N   H    sing N N 353 
TRP N   H2   sing N N 354 
TRP CA  C    sing N N 355 
TRP CA  CB   sing N N 356 
TRP CA  HA   sing N N 357 
TRP C   O    doub N N 358 
TRP C   OXT  sing N N 359 
TRP CB  CG   sing N N 360 
TRP CB  HB2  sing N N 361 
TRP CB  HB3  sing N N 362 
TRP CG  CD1  doub Y N 363 
TRP CG  CD2  sing Y N 364 
TRP CD1 NE1  sing Y N 365 
TRP CD1 HD1  sing N N 366 
TRP CD2 CE2  doub Y N 367 
TRP CD2 CE3  sing Y N 368 
TRP NE1 CE2  sing Y N 369 
TRP NE1 HE1  sing N N 370 
TRP CE2 CZ2  sing Y N 371 
TRP CE3 CZ3  doub Y N 372 
TRP CE3 HE3  sing N N 373 
TRP CZ2 CH2  doub Y N 374 
TRP CZ2 HZ2  sing N N 375 
TRP CZ3 CH2  sing Y N 376 
TRP CZ3 HZ3  sing N N 377 
TRP CH2 HH2  sing N N 378 
TRP OXT HXT  sing N N 379 
TYR N   CA   sing N N 380 
TYR N   H    sing N N 381 
TYR N   H2   sing N N 382 
TYR CA  C    sing N N 383 
TYR CA  CB   sing N N 384 
TYR CA  HA   sing N N 385 
TYR C   O    doub N N 386 
TYR C   OXT  sing N N 387 
TYR CB  CG   sing N N 388 
TYR CB  HB2  sing N N 389 
TYR CB  HB3  sing N N 390 
TYR CG  CD1  doub Y N 391 
TYR CG  CD2  sing Y N 392 
TYR CD1 CE1  sing Y N 393 
TYR CD1 HD1  sing N N 394 
TYR CD2 CE2  doub Y N 395 
TYR CD2 HD2  sing N N 396 
TYR CE1 CZ   doub Y N 397 
TYR CE1 HE1  sing N N 398 
TYR CE2 CZ   sing Y N 399 
TYR CE2 HE2  sing N N 400 
TYR CZ  OH   sing N N 401 
TYR OH  HH   sing N N 402 
TYR OXT HXT  sing N N 403 
UUP O   C    doub N N 404 
UUP C2  C1   sing N N 405 
UUP C2  C3   sing N N 406 
UUP C5  N1   doub Y N 407 
UUP C5  C4   sing Y N 408 
UUP C   C4   sing N N 409 
UUP C   N    sing N N 410 
UUP N1  N2   sing Y N 411 
UUP C4  C9   doub Y N 412 
UUP C1  C3   sing N N 413 
UUP C1  N    sing N N 414 
UUP N2  C9   sing Y N 415 
UUP N2  C6   sing Y N 416 
UUP C9  N3   sing Y N 417 
UUP C6  C7   doub Y N 418 
UUP N3  C8   doub Y N 419 
UUP C8  C7   sing Y N 420 
UUP C5  H1   sing N N 421 
UUP C6  H2   sing N N 422 
UUP C7  H3   sing N N 423 
UUP C8  H4   sing N N 424 
UUP N   H5   sing N N 425 
UUP C1  H6   sing N N 426 
UUP C2  H7   sing N N 427 
UUP C2  H8   sing N N 428 
UUP C3  H9   sing N N 429 
UUP C3  H10  sing N N 430 
VAL N   CA   sing N N 431 
VAL N   H    sing N N 432 
VAL N   H2   sing N N 433 
VAL CA  C    sing N N 434 
VAL CA  CB   sing N N 435 
VAL CA  HA   sing N N 436 
VAL C   O    doub N N 437 
VAL C   OXT  sing N N 438 
VAL CB  CG1  sing N N 439 
VAL CB  CG2  sing N N 440 
VAL CB  HB   sing N N 441 
VAL CG1 HG11 sing N N 442 
VAL CG1 HG12 sing N N 443 
VAL CG1 HG13 sing N N 444 
VAL CG2 HG21 sing N N 445 
VAL CG2 HG22 sing N N 446 
VAL CG2 HG23 sing N N 447 
VAL OXT HXT  sing N N 448 
# 
_pdbx_audit_support.ordinal                1 
_pdbx_audit_support.funding_organization   'European Union (EU)' 
_pdbx_audit_support.grant_number           875510 
_pdbx_audit_support.country                'European Union' 
# 
_pdbx_deposit_group.group_id            G_1002320 
_pdbx_deposit_group.group_description   
;PRYSPRY domain of murine TRIM21 screened against the DSI-poised Fragment Library by X-ray Crystallography at the XChem facility of Diamon Light Source
;
_pdbx_deposit_group.group_title         'PanDDA analysis group deposition' 
_pdbx_deposit_group.group_type          'changed state' 
# 
_pdbx_initial_refinement_model.id               1 
_pdbx_initial_refinement_model.entity_id_list   ? 
_pdbx_initial_refinement_model.type             'experimental model' 
_pdbx_initial_refinement_model.source_name      PDB 
_pdbx_initial_refinement_model.accession_code   2VOK 
_pdbx_initial_refinement_model.details          ? 
# 
_atom_sites.entry_id                    7HLK 
_atom_sites.fract_transf_matrix[1][1]   0.00623724 
_atom_sites.fract_transf_matrix[1][2]   -0.00807757 
_atom_sites.fract_transf_matrix[1][3]   -0.00223839 
_atom_sites.fract_transf_matrix[2][1]   -0.00500746 
_atom_sites.fract_transf_matrix[2][2]   -0.00135335 
_atom_sites.fract_transf_matrix[2][3]   -0.00906942 
_atom_sites.fract_transf_matrix[3][1]   0.01407285 
_atom_sites.fract_transf_matrix[3][2]   0.01358136 
_atom_sites.fract_transf_matrix[3][3]   -0.00979661 
_atom_sites.fract_transf_vector[1]      -0.298564 
_atom_sites.fract_transf_vector[2]      -0.117094 
_atom_sites.fract_transf_vector[3]      -0.503383 
# 
loop_
_atom_type.symbol 
C 
N 
O 
S 
# 
loop_
_atom_site.group_PDB 
_atom_site.id 
_atom_site.type_symbol 
_atom_site.label_atom_id 
_atom_site.label_alt_id 
_atom_site.label_comp_id 
_atom_site.label_asym_id 
_atom_site.label_entity_id 
_atom_site.label_seq_id 
_atom_site.pdbx_PDB_ins_code 
_atom_site.Cartn_x 
_atom_site.Cartn_y 
_atom_site.Cartn_z 
_atom_site.occupancy 
_atom_site.B_iso_or_equiv 
_atom_site.pdbx_formal_charge 
_atom_site.auth_seq_id 
_atom_site.auth_comp_id 
_atom_site.auth_asym_id 
_atom_site.auth_atom_id 
_atom_site.pdbx_PDB_model_num 
ATOM   1    N N   . HIS A 1 2   ? 18.459  -3.266  -7.235  1.00 107.64 ? 8   HIS B N   1 
ATOM   2    C CA  . HIS A 1 2   ? 18.160  -4.441  -6.355  1.00 103.38 ? 8   HIS B CA  1 
ATOM   3    C C   . HIS A 1 2   ? 18.183  -5.729  -7.188  1.00 106.22 ? 8   HIS B C   1 
ATOM   4    O O   . HIS A 1 2   ? 18.418  -5.633  -8.413  1.00 112.75 ? 8   HIS B O   1 
ATOM   5    C CB  . HIS A 1 2   ? 16.818  -4.239  -5.634  1.00 96.47  ? 8   HIS B CB  1 
ATOM   6    C CG  . HIS A 1 2   ? 15.628  -4.257  -6.536  1.00 91.80  ? 8   HIS B CG  1 
ATOM   7    N ND1 . HIS A 1 2   ? 14.604  -5.172  -6.387  1.00 89.46  ? 8   HIS B ND1 1 
ATOM   8    C CD2 . HIS A 1 2   ? 15.295  -3.489  -7.598  1.00 91.10  ? 8   HIS B CD2 1 
ATOM   9    C CE1 . HIS A 1 2   ? 13.695  -4.968  -7.318  1.00 88.05  ? 8   HIS B CE1 1 
ATOM   10   N NE2 . HIS A 1 2   ? 14.094  -3.942  -8.075  1.00 87.39  ? 8   HIS B NE2 1 
ATOM   11   N N   . HIS A 1 3   ? 17.951  -6.880  -6.542  1.00 102.97 ? 9   HIS B N   1 
ATOM   12   C CA  . HIS A 1 3   ? 17.828  -8.227  -7.170  1.00 99.58  ? 9   HIS B CA  1 
ATOM   13   C C   . HIS A 1 3   ? 16.833  -9.080  -6.361  1.00 91.17  ? 9   HIS B C   1 
ATOM   14   O O   . HIS A 1 3   ? 17.180  -10.240 -6.030  1.00 85.60  ? 9   HIS B O   1 
ATOM   15   C CB  . HIS A 1 3   ? 19.222  -8.870  -7.322  1.00 104.00 ? 9   HIS B CB  1 
ATOM   16   C CG  . HIS A 1 3   ? 20.167  -8.100  -8.196  1.00 107.77 ? 9   HIS B CG  1 
ATOM   17   N ND1 . HIS A 1 3   ? 20.036  -8.046  -9.577  1.00 104.61 ? 9   HIS B ND1 1 
ATOM   18   C CD2 . HIS A 1 3   ? 21.257  -7.357  -7.897  1.00 107.17 ? 9   HIS B CD2 1 
ATOM   19   C CE1 . HIS A 1 3   ? 21.000  -7.304  -10.084 1.00 100.50 ? 9   HIS B CE1 1 
ATOM   20   N NE2 . HIS A 1 3   ? 21.764  -6.873  -9.074  1.00 101.78 ? 9   HIS B NE2 1 
ATOM   21   N N   . HIS A 1 4   ? 15.637  -8.524  -6.088  1.00 81.21  ? 10  HIS B N   1 
ATOM   22   C CA  . HIS A 1 4   ? 14.587  -9.038  -5.155  1.00 66.01  ? 10  HIS B CA  1 
ATOM   23   C C   . HIS A 1 4   ? 13.425  -9.690  -5.920  1.00 64.32  ? 10  HIS B C   1 
ATOM   24   O O   . HIS A 1 4   ? 12.633  -10.433 -5.278  1.00 55.23  ? 10  HIS B O   1 
ATOM   25   C CB  . HIS A 1 4   ? 14.075  -7.900  -4.255  1.00 58.66  ? 10  HIS B CB  1 
ATOM   26   C CG  . HIS A 1 4   ? 15.107  -7.353  -3.323  1.00 57.61  ? 10  HIS B CG  1 
ATOM   27   N ND1 . HIS A 1 4   ? 16.002  -8.170  -2.637  1.00 55.46  ? 10  HIS B ND1 1 
ATOM   28   C CD2 . HIS A 1 4   ? 15.381  -6.091  -2.936  1.00 53.72  ? 10  HIS B CD2 1 
ATOM   29   C CE1 . HIS A 1 4   ? 16.790  -7.429  -1.883  1.00 60.17  ? 10  HIS B CE1 1 
ATOM   30   N NE2 . HIS A 1 4   ? 16.418  -6.150  -2.036  1.00 59.87  ? 10  HIS B NE2 1 
ATOM   31   N N   . HIS A 1 5   ? 13.344  -9.443  -7.236  1.00 66.19  ? 11  HIS B N   1 
ATOM   32   C CA  . HIS A 1 5   ? 12.279  -9.919  -8.168  1.00 73.50  ? 11  HIS B CA  1 
ATOM   33   C C   . HIS A 1 5   ? 11.980  -11.418 -7.980  1.00 73.55  ? 11  HIS B C   1 
ATOM   34   O O   . HIS A 1 5   ? 10.804  -11.801 -8.163  1.00 70.88  ? 11  HIS B O   1 
ATOM   35   C CB  . HIS A 1 5   ? 12.662  -9.609  -9.627  1.00 80.17  ? 11  HIS B CB  1 
ATOM   36   C CG  . HIS A 1 5   ? 12.985  -8.174  -9.887  1.00 88.05  ? 11  HIS B CG  1 
ATOM   37   N ND1 . HIS A 1 5   ? 14.288  -7.709  -9.951  1.00 101.06 ? 11  HIS B ND1 1 
ATOM   38   C CD2 . HIS A 1 5   ? 12.192  -7.100  -10.096 1.00 92.45  ? 11  HIS B CD2 1 
ATOM   39   C CE1 . HIS A 1 5   ? 14.282  -6.411  -10.188 1.00 100.48 ? 11  HIS B CE1 1 
ATOM   40   N NE2 . HIS A 1 5   ? 13.008  -6.013  -10.278 1.00 97.74  ? 11  HIS B NE2 1 
ATOM   41   N N   . HIS A 1 6   ? 12.990  -12.232 -7.628  1.00 70.69  ? 12  HIS B N   1 
ATOM   42   C CA  . HIS A 1 6   ? 12.903  -13.715 -7.482  1.00 63.50  ? 12  HIS B CA  1 
ATOM   43   C C   . HIS A 1 6   ? 12.230  -14.140 -6.161  1.00 56.87  ? 12  HIS B C   1 
ATOM   44   O O   . HIS A 1 6   ? 12.024  -15.360 -6.006  1.00 56.40  ? 12  HIS B O   1 
ATOM   45   C CB  . HIS A 1 6   ? 14.295  -14.351 -7.634  1.00 72.74  ? 12  HIS B CB  1 
ATOM   46   C CG  . HIS A 1 6   ? 15.191  -14.148 -6.457  1.00 75.70  ? 12  HIS B CG  1 
ATOM   47   N ND1 . HIS A 1 6   ? 15.396  -15.129 -5.501  1.00 78.34  ? 12  HIS B ND1 1 
ATOM   48   C CD2 . HIS A 1 6   ? 15.933  -13.085 -6.077  1.00 78.01  ? 12  HIS B CD2 1 
ATOM   49   C CE1 . HIS A 1 6   ? 16.226  -14.678 -4.581  1.00 74.19  ? 12  HIS B CE1 1 
ATOM   50   N NE2 . HIS A 1 6   ? 16.569  -13.426 -4.910  1.00 81.40  ? 12  HIS B NE2 1 
ATOM   51   N N   . HIS A 1 7   ? 11.907  -13.208 -5.245  1.00 44.36  ? 13  HIS B N   1 
ATOM   52   C CA  . HIS A 1 7   ? 11.001  -13.443 -4.077  1.00 36.83  ? 13  HIS B CA  1 
ATOM   53   C C   . HIS A 1 7   ? 9.596   -12.958 -4.414  1.00 33.47  ? 13  HIS B C   1 
ATOM   54   O O   . HIS A 1 7   ? 8.830   -12.624 -3.465  1.00 26.31  ? 13  HIS B O   1 
ATOM   55   C CB  . HIS A 1 7   ? 11.500  -12.723 -2.825  1.00 34.54  ? 13  HIS B CB  1 
ATOM   56   C CG  . HIS A 1 7   ? 12.878  -13.145 -2.453  1.00 37.72  ? 13  HIS B CG  1 
ATOM   57   N ND1 . HIS A 1 7   ? 13.138  -14.439 -2.009  1.00 34.67  ? 13  HIS B ND1 1 
ATOM   58   C CD2 . HIS A 1 7   ? 14.059  -12.488 -2.487  1.00 37.33  ? 13  HIS B CD2 1 
ATOM   59   C CE1 . HIS A 1 7   ? 14.435  -14.557 -1.765  1.00 36.42  ? 13  HIS B CE1 1 
ATOM   60   N NE2 . HIS A 1 7   ? 15.030  -13.380 -2.066  1.00 39.72  ? 13  HIS B NE2 1 
ATOM   61   N N   . MET A 1 8   ? 9.288   -12.870 -5.709  1.00 32.79  ? 14  MET B N   1 
ATOM   62   C CA  . MET A 1 8   ? 7.993   -12.351 -6.236  1.00 36.54  ? 14  MET B CA  1 
ATOM   63   C C   . MET A 1 8   ? 6.837   -13.199 -5.677  1.00 34.58  ? 14  MET B C   1 
ATOM   64   O O   . MET A 1 8   ? 6.938   -14.433 -5.650  1.00 37.29  ? 14  MET B O   1 
ATOM   65   C CB  . MET A 1 8   ? 7.999   -12.359 -7.773  1.00 43.11  ? 14  MET B CB  1 
ATOM   66   C CG  . MET A 1 8   ? 6.719   -11.830 -8.455  1.00 51.25  ? 14  MET B CG  1 
ATOM   67   S SD  . MET A 1 8   ? 6.358   -10.035 -8.279  1.00 61.38  ? 14  MET B SD  1 
ATOM   68   C CE  . MET A 1 8   ? 7.294   -9.312  -9.630  1.00 54.60  ? 14  MET B CE  1 
ATOM   69   N N   . VAL A 1 9   ? 5.783   -12.546 -5.186  1.00 28.04  ? 15  VAL B N   1 
ATOM   70   C CA  . VAL A 1 9   ? 4.553   -13.196 -4.668  1.00 28.82  ? 15  VAL B CA  1 
ATOM   71   C C   . VAL A 1 9   ? 3.356   -12.627 -5.448  1.00 30.89  ? 15  VAL B C   1 
ATOM   72   O O   . VAL A 1 9   ? 3.406   -11.421 -5.864  1.00 28.00  ? 15  VAL B O   1 
ATOM   73   C CB  . VAL A 1 9   ? 4.421   -13.027 -3.141  1.00 32.79  ? 15  VAL B CB  1 
ATOM   74   C CG1 . VAL A 1 9   ? 5.538   -13.779 -2.426  1.00 34.07  ? 15  VAL B CG1 1 
ATOM   75   C CG2 . VAL A 1 9   ? 4.422   -11.569 -2.708  1.00 31.69  ? 15  VAL B CG2 1 
ATOM   76   N N   . HIS A 1 10  ? 2.336   -13.469 -5.658  1.00 29.33  ? 16  HIS B N   1 
ATOM   77   C CA  . HIS A 1 10  ? 1.088   -13.114 -6.373  1.00 28.63  ? 16  HIS B CA  1 
ATOM   78   C C   . HIS A 1 10  ? 0.118   -12.519 -5.345  1.00 25.84  ? 16  HIS B C   1 
ATOM   79   O O   . HIS A 1 10  ? -0.460  -13.245 -4.527  1.00 28.38  ? 16  HIS B O   1 
ATOM   80   C CB  . HIS A 1 10  ? 0.503   -14.316 -7.113  1.00 30.49  ? 16  HIS B CB  1 
ATOM   81   C CG  . HIS A 1 10  ? -0.681  -13.999 -7.975  1.00 35.25  ? 16  HIS B CG  1 
ATOM   82   N ND1 . HIS A 1 10  ? -0.554  -13.421 -9.228  1.00 37.44  ? 16  HIS B ND1 1 
ATOM   83   C CD2 . HIS A 1 10  ? -2.013  -14.177 -7.780  1.00 39.00  ? 16  HIS B CD2 1 
ATOM   84   C CE1 . HIS A 1 10  ? -1.756  -13.246 -9.767  1.00 37.75  ? 16  HIS B CE1 1 
ATOM   85   N NE2 . HIS A 1 10  ? -2.678  -13.718 -8.898  1.00 39.16  ? 16  HIS B NE2 1 
ATOM   86   N N   . ILE A 1 11  ? -0.001  -11.197 -5.333  1.00 21.13  ? 17  ILE B N   1 
ATOM   87   C CA  . ILE A 1 11  ? -0.891  -10.512 -4.372  1.00 21.55  ? 17  ILE B CA  1 
ATOM   88   C C   . ILE A 1 11  ? -2.281  -10.353 -5.012  1.00 20.76  ? 17  ILE B C   1 
ATOM   89   O O   . ILE A 1 11  ? -2.379  -10.064 -6.192  1.00 20.91  ? 17  ILE B O   1 
ATOM   90   C CB  . ILE A 1 11  ? -0.280  -9.156  -3.962  1.00 21.09  ? 17  ILE B CB  1 
ATOM   91   C CG1 . ILE A 1 11  ? 1.112   -9.328  -3.337  1.00 22.79  ? 17  ILE B CG1 1 
ATOM   92   C CG2 . ILE A 1 11  ? -1.251  -8.400  -3.056  1.00 21.56  ? 17  ILE B CG2 1 
ATOM   93   C CD1 . ILE A 1 11  ? 1.174   -10.235 -2.107  1.00 23.10  ? 17  ILE B CD1 1 
ATOM   94   N N   . THR A 1 12  ? -3.310  -10.532 -4.212  1.00 20.58  ? 18  THR B N   1 
ATOM   95   C CA  . THR A 1 12  ? -4.708  -10.224 -4.597  1.00 21.74  ? 18  THR B CA  1 
ATOM   96   C C   . THR A 1 12  ? -5.352  -9.419  -3.487  1.00 21.31  ? 18  THR B C   1 
ATOM   97   O O   . THR A 1 12  ? -4.933  -9.530  -2.313  1.00 20.68  ? 18  THR B O   1 
ATOM   98   C CB  . THR A 1 12  ? -5.486  -11.509 -4.916  1.00 22.35  ? 18  THR B CB  1 
ATOM   99   O OG1 . THR A 1 12  ? -5.518  -12.314 -3.752  1.00 21.26  ? 18  THR B OG1 1 
ATOM   100  C CG2 . THR A 1 12  ? -4.928  -12.246 -6.115  1.00 27.09  ? 18  THR B CG2 1 
ATOM   101  N N   . LEU A 1 13  ? -6.355  -8.620  -3.843  1.00 18.87  ? 19  LEU B N   1 
ATOM   102  C CA  . LEU A 1 13  ? -7.032  -7.733  -2.884  1.00 20.13  ? 19  LEU B CA  1 
ATOM   103  C C   . LEU A 1 13  ? -8.186  -8.452  -2.193  1.00 20.73  ? 19  LEU B C   1 
ATOM   104  O O   . LEU A 1 13  ? -8.868  -9.253  -2.843  1.00 19.78  ? 19  LEU B O   1 
ATOM   105  C CB  . LEU A 1 13  ? -7.496  -6.493  -3.642  1.00 20.35  ? 19  LEU B CB  1 
ATOM   106  C CG  . LEU A 1 13  ? -6.372  -5.741  -4.330  1.00 21.12  ? 19  LEU B CG  1 
ATOM   107  C CD1 . LEU A 1 13  ? -6.885  -4.659  -5.254  1.00 22.43  ? 19  LEU B CD1 1 
ATOM   108  C CD2 . LEU A 1 13  ? -5.414  -5.140  -3.292  1.00 21.64  ? 19  LEU B CD2 1 
ATOM   109  N N   . ASP A 1 14  ? -8.369  -8.161  -0.927  1.00 19.35  ? 20  ASP B N   1 
ATOM   110  C CA  . ASP A 1 14  ? -9.416  -8.743  -0.065  1.00 20.51  ? 20  ASP B CA  1 
ATOM   111  C C   . ASP A 1 14  ? -10.608 -7.759  -0.016  1.00 21.25  ? 20  ASP B C   1 
ATOM   112  O O   . ASP A 1 14  ? -10.560 -6.775  0.735   1.00 19.28  ? 20  ASP B O   1 
ATOM   113  C CB  . ASP A 1 14  ? -8.863  -9.078  1.318   1.00 20.70  ? 20  ASP B CB  1 
ATOM   114  C CG  . ASP A 1 14  ? -9.841  -9.747  2.273   1.00 26.50  ? 20  ASP B CG  1 
ATOM   115  O OD1 . ASP A 1 14  ? -11.060 -9.760  1.965   1.00 24.46  ? 20  ASP B OD1 1 
ATOM   116  O OD2 . ASP A 1 14  ? -9.379  -10.211 3.359   1.00 26.50  ? 20  ASP B OD2 1 
ATOM   117  N N   A ARG A 1 15  ? -11.650 -8.059  -0.805  0.25 20.89  ? 21  ARG B N   1 
ATOM   118  N N   B ARG A 1 15  ? -11.656 -8.052  -0.794  0.25 21.86  ? 21  ARG B N   1 
ATOM   119  C CA  A ARG A 1 15  ? -12.904 -7.262  -0.931  0.25 22.24  ? 21  ARG B CA  1 
ATOM   120  C CA  B ARG A 1 15  ? -12.873 -7.204  -0.930  0.25 23.77  ? 21  ARG B CA  1 
ATOM   121  C C   A ARG A 1 15  ? -13.463 -6.918  0.450   0.25 20.83  ? 21  ARG B C   1 
ATOM   122  C C   B ARG A 1 15  ? -13.490 -6.922  0.444   0.25 21.74  ? 21  ARG B C   1 
ATOM   123  O O   A ARG A 1 15  ? -13.976 -5.794  0.624   0.25 19.93  ? 21  ARG B O   1 
ATOM   124  O O   B ARG A 1 15  ? -14.058 -5.826  0.615   0.25 20.74  ? 21  ARG B O   1 
ATOM   125  C CB  A ARG A 1 15  ? -13.983 -8.060  -1.678  0.25 22.96  ? 21  ARG B CB  1 
ATOM   126  C CB  B ARG A 1 15  ? -13.900 -7.893  -1.838  0.25 26.12  ? 21  ARG B CB  1 
ATOM   127  C CG  A ARG A 1 15  ? -13.512 -8.717  -2.963  0.25 25.03  ? 21  ARG B CG  1 
ATOM   128  C CG  B ARG A 1 15  ? -13.601 -7.778  -3.325  0.25 29.55  ? 21  ARG B CG  1 
ATOM   129  C CD  A ARG A 1 15  ? -14.654 -9.298  -3.784  0.25 25.26  ? 21  ARG B CD  1 
ATOM   130  C CD  B ARG A 1 15  ? -12.858 -8.991  -3.866  0.25 33.70  ? 21  ARG B CD  1 
ATOM   131  N NE  A ARG A 1 15  ? -14.321 -9.272  -5.202  0.25 24.43  ? 21  ARG B NE  1 
ATOM   132  N NE  B ARG A 1 15  ? -13.729 -10.046 -4.386  0.25 35.88  ? 21  ARG B NE  1 
ATOM   133  C CZ  A ARG A 1 15  ? -14.447 -8.198  -5.965  0.25 24.25  ? 21  ARG B CZ  1 
ATOM   134  C CZ  B ARG A 1 15  ? -14.246 -11.037 -3.664  0.25 37.73  ? 21  ARG B CZ  1 
ATOM   135  N NH1 A ARG A 1 15  ? -14.924 -7.086  -5.446  0.25 25.07  ? 21  ARG B NH1 1 
ATOM   136  N NH1 B ARG A 1 15  ? -14.010 -11.125 -2.368  0.25 39.74  ? 21  ARG B NH1 1 
ATOM   137  N NH2 A ARG A 1 15  ? -14.106 -8.235  -7.238  0.25 25.22  ? 21  ARG B NH2 1 
ATOM   138  N NH2 B ARG A 1 15  ? -15.013 -11.939 -4.246  0.25 39.51  ? 21  ARG B NH2 1 
ATOM   139  N N   . ASN A 1 16  ? -13.401 -7.867  1.389   1.00 21.20  ? 22  ASN B N   1 
ATOM   140  C CA  . ASN A 1 16  ? -14.069 -7.721  2.698   1.00 21.21  ? 22  ASN B CA  1 
ATOM   141  C C   . ASN A 1 16  ? -13.430 -6.617  3.549   1.00 19.09  ? 22  ASN B C   1 
ATOM   142  O O   . ASN A 1 16  ? -14.134 -6.100  4.416   1.00 19.29  ? 22  ASN B O   1 
ATOM   143  C CB  . ASN A 1 16  ? -14.120 -9.066  3.423   1.00 24.85  ? 22  ASN B CB  1 
ATOM   144  C CG  . ASN A 1 16  ? -15.162 -9.976  2.805   1.00 31.36  ? 22  ASN B CG  1 
ATOM   145  O OD1 . ASN A 1 16  ? -16.075 -9.521  2.111   1.00 39.73  ? 22  ASN B OD1 1 
ATOM   146  N ND2 . ASN A 1 16  ? -15.033 -11.268 3.053   1.00 39.42  ? 22  ASN B ND2 1 
ATOM   147  N N   . THR A 1 17  ? -12.161 -6.249  3.287   1.00 16.38  ? 23  THR B N   1 
ATOM   148  C CA  . THR A 1 17  ? -11.432 -5.193  4.028   1.00 16.44  ? 23  THR B CA  1 
ATOM   149  C C   . THR A 1 17  ? -11.655 -3.820  3.378   1.00 15.27  ? 23  THR B C   1 
ATOM   150  O O   . THR A 1 17  ? -11.233 -2.812  3.949   1.00 16.99  ? 23  THR B O   1 
ATOM   151  C CB  . THR A 1 17  ? -9.931  -5.480  4.139   1.00 17.41  ? 23  THR B CB  1 
ATOM   152  O OG1 . THR A 1 17  ? -9.381  -5.389  2.824   1.00 16.75  ? 23  THR B OG1 1 
ATOM   153  C CG2 . THR A 1 17  ? -9.667  -6.828  4.786   1.00 18.27  ? 23  THR B CG2 1 
ATOM   154  N N   . ALA A 1 18  ? -12.129 -3.780  2.141   1.00 15.04  ? 24  ALA B N   1 
ATOM   155  C CA  . ALA A 1 18  ? -12.182 -2.523  1.367   1.00 14.81  ? 24  ALA B CA  1 
ATOM   156  C C   . ALA A 1 18  ? -13.170 -1.541  1.979   1.00 17.33  ? 24  ALA B C   1 
ATOM   157  O O   . ALA A 1 18  ? -14.280 -1.888  2.280   1.00 16.96  ? 24  ALA B O   1 
ATOM   158  C CB  . ALA A 1 18  ? -12.555 -2.789  -0.065  1.00 15.88  ? 24  ALA B CB  1 
ATOM   159  N N   . ASN A 1 19  ? -12.797 -0.271  1.973   1.00 15.46  ? 25  ASN B N   1 
ATOM   160  C CA  . ASN A 1 19  ? -13.774 0.818   2.112   1.00 15.72  ? 25  ASN B CA  1 
ATOM   161  C C   . ASN A 1 19  ? -14.919 0.580   1.115   1.00 14.16  ? 25  ASN B C   1 
ATOM   162  O O   . ASN A 1 19  ? -14.709 0.196   -0.031  1.00 14.64  ? 25  ASN B O   1 
ATOM   163  C CB  . ASN A 1 19  ? -13.044 2.128   1.949   1.00 15.94  ? 25  ASN B CB  1 
ATOM   164  C CG  . ASN A 1 19  ? -14.012 3.275   2.001   1.00 20.37  ? 25  ASN B CG  1 
ATOM   165  O OD1 . ASN A 1 19  ? -14.538 3.678   0.988   1.00 18.19  ? 25  ASN B OD1 1 
ATOM   166  N ND2 . ASN A 1 19  ? -14.222 3.788   3.184   1.00 22.59  ? 25  ASN B ND2 1 
ATOM   167  N N   . SER A 1 20  ? -16.126 0.942   1.526   1.00 14.40  ? 26  SER B N   1 
ATOM   168  C CA  . SER A 1 20  ? -17.366 0.608   0.796   1.00 15.99  ? 26  SER B CA  1 
ATOM   169  C C   . SER A 1 20  ? -17.502 1.419   -0.502  1.00 16.18  ? 26  SER B C   1 
ATOM   170  O O   . SER A 1 20  ? -18.399 1.077   -1.290  1.00 16.85  ? 26  SER B O   1 
ATOM   171  C CB  . SER A 1 20  ? -18.529 0.832   1.728   1.00 19.58  ? 26  SER B CB  1 
ATOM   172  O OG  . SER A 1 20  ? -18.598 2.210   2.024   1.00 23.08  ? 26  SER B OG  1 
ATOM   173  N N   . TRP A 1 21  ? -16.661 2.411   -0.753  1.00 15.57  ? 27  TRP B N   1 
ATOM   174  C CA  . TRP A 1 21  ? -16.651 3.178   -2.023  1.00 15.24  ? 27  TRP B CA  1 
ATOM   175  C C   . TRP A 1 21  ? -15.673 2.597   -3.025  1.00 14.86  ? 27  TRP B C   1 
ATOM   176  O O   . TRP A 1 21  ? -15.686 3.061   -4.191  1.00 15.53  ? 27  TRP B O   1 
ATOM   177  C CB  . TRP A 1 21  ? -16.333 4.621   -1.742  1.00 16.58  ? 27  TRP B CB  1 
ATOM   178  C CG  . TRP A 1 21  ? -17.454 5.389   -1.123  1.00 18.83  ? 27  TRP B CG  1 
ATOM   179  C CD1 . TRP A 1 21  ? -18.179 5.032   -0.018  1.00 21.37  ? 27  TRP B CD1 1 
ATOM   180  C CD2 . TRP A 1 21  ? -17.893 6.694   -1.517  1.00 21.40  ? 27  TRP B CD2 1 
ATOM   181  N NE1 . TRP A 1 21  ? -19.119 5.998   0.242   1.00 24.34  ? 27  TRP B NE1 1 
ATOM   182  C CE2 . TRP A 1 21  ? -18.924 7.050   -0.624  1.00 22.53  ? 27  TRP B CE2 1 
ATOM   183  C CE3 . TRP A 1 21  ? -17.540 7.563   -2.562  1.00 22.85  ? 27  TRP B CE3 1 
ATOM   184  C CZ2 . TRP A 1 21  ? -19.594 8.273   -0.740  1.00 25.88  ? 27  TRP B CZ2 1 
ATOM   185  C CZ3 . TRP A 1 21  ? -18.219 8.762   -2.681  1.00 23.84  ? 27  TRP B CZ3 1 
ATOM   186  C CH2 . TRP A 1 21  ? -19.199 9.119   -1.761  1.00 25.46  ? 27  TRP B CH2 1 
ATOM   187  N N   . LEU A 1 22  ? -14.914 1.536   -2.678  1.00 15.36  ? 28  LEU B N   1 
ATOM   188  C CA  . LEU A 1 22  ? -13.912 1.017   -3.629  1.00 16.22  ? 28  LEU B CA  1 
ATOM   189  C C   . LEU A 1 22  ? -14.564 -0.012  -4.562  1.00 17.80  ? 28  LEU B C   1 
ATOM   190  O O   . LEU A 1 22  ? -15.449 -0.779  -4.142  1.00 16.02  ? 28  LEU B O   1 
ATOM   191  C CB  . LEU A 1 22  ? -12.745 0.377   -2.877  1.00 15.26  ? 28  LEU B CB  1 
ATOM   192  C CG  . LEU A 1 22  ? -11.903 1.326   -2.015  1.00 15.92  ? 28  LEU B CG  1 
ATOM   193  C CD1 . LEU A 1 22  ? -10.730 0.611   -1.386  1.00 16.16  ? 28  LEU B CD1 1 
ATOM   194  C CD2 . LEU A 1 22  ? -11.407 2.494   -2.809  1.00 16.85  ? 28  LEU B CD2 1 
ATOM   195  N N   . ILE A 1 23  ? -14.007 -0.099  -5.753  1.00 15.16  ? 29  ILE B N   1 
ATOM   196  C CA  . ILE A 1 23  ? -14.370 -1.087  -6.798  1.00 15.23  ? 29  ILE B CA  1 
ATOM   197  C C   . ILE A 1 23  ? -13.095 -1.882  -7.107  1.00 15.68  ? 29  ILE B C   1 
ATOM   198  O O   . ILE A 1 23  ? -12.074 -1.293  -7.639  1.00 16.72  ? 29  ILE B O   1 
ATOM   199  C CB  . ILE A 1 23  ? -14.895 -0.406  -8.058  1.00 17.07  ? 29  ILE B CB  1 
ATOM   200  C CG1 . ILE A 1 23  ? -16.091 0.540   -7.783  1.00 17.28  ? 29  ILE B CG1 1 
ATOM   201  C CG2 . ILE A 1 23  ? -15.191 -1.477  -9.117  1.00 19.07  ? 29  ILE B CG2 1 
ATOM   202  C CD1 . ILE A 1 23  ? -16.542 1.333   -8.952  1.00 19.94  ? 29  ILE B CD1 1 
ATOM   203  N N   . ILE A 1 24  ? -13.166 -3.172  -6.769  1.00 17.93  ? 30  ILE B N   1 
ATOM   204  C CA  . ILE A 1 24  ? -12.077 -4.156  -7.002  1.00 19.27  ? 30  ILE B CA  1 
ATOM   205  C C   . ILE A 1 24  ? -12.434 -4.962  -8.243  1.00 21.86  ? 30  ILE B C   1 
ATOM   206  O O   . ILE A 1 24  ? -13.607 -5.425  -8.372  1.00 21.40  ? 30  ILE B O   1 
ATOM   207  C CB  . ILE A 1 24  ? -11.845 -5.014  -5.762  1.00 19.19  ? 30  ILE B CB  1 
ATOM   208  C CG1 . ILE A 1 24  ? -11.233 -4.186  -4.637  1.00 20.73  ? 30  ILE B CG1 1 
ATOM   209  C CG2 . ILE A 1 24  ? -10.927 -6.183  -6.092  1.00 19.76  ? 30  ILE B CG2 1 
ATOM   210  C CD1 . ILE A 1 24  ? -11.444 -4.740  -3.355  1.00 24.37  ? 30  ILE B CD1 1 
ATOM   211  N N   . SER A 1 25  ? -11.475 -5.112  -9.144  1.00 20.35  ? 31  SER B N   1 
ATOM   212  C CA  . SER A 1 25  ? -11.696 -5.812  -10.421 1.00 19.92  ? 31  SER B CA  1 
ATOM   213  C C   . SER A 1 25  ? -12.005 -7.298  -10.137 1.00 19.93  ? 31  SER B C   1 
ATOM   214  O O   . SER A 1 25  ? -11.669 -7.817  -9.086  1.00 20.49  ? 31  SER B O   1 
ATOM   215  C CB  . SER A 1 25  ? -10.483 -5.669  -11.296 1.00 22.93  ? 31  SER B CB  1 
ATOM   216  O OG  . SER A 1 25  ? -9.370  -6.248  -10.643 1.00 21.99  ? 31  SER B OG  1 
ATOM   217  N N   . LYS A 1 26  ? -12.593 -7.989  -11.122 1.00 23.11  ? 32  LYS B N   1 
ATOM   218  C CA  . LYS A 1 26  ? -12.939 -9.424  -10.990 1.00 25.24  ? 32  LYS B CA  1 
ATOM   219  C C   . LYS A 1 26  ? -11.714 -10.263 -10.629 1.00 22.30  ? 32  LYS B C   1 
ATOM   220  O O   . LYS A 1 26  ? -11.886 -11.198 -9.841  1.00 25.75  ? 32  LYS B O   1 
ATOM   221  C CB  . LYS A 1 26  ? -13.536 -9.889  -12.322 1.00 28.52  ? 32  LYS B CB  1 
ATOM   222  C CG  . LYS A 1 26  ? -13.808 -11.373 -12.395 1.00 34.61  ? 32  LYS B CG  1 
ATOM   223  C CD  . LYS A 1 26  ? -14.713 -11.684 -13.560 1.00 34.20  ? 32  LYS B CD  1 
ATOM   224  C CE  . LYS A 1 26  ? -14.178 -11.207 -14.885 1.00 38.36  ? 32  LYS B CE  1 
ATOM   225  N NZ  . LYS A 1 26  ? -15.196 -11.454 -15.923 1.00 43.25  ? 32  LYS B NZ  1 
ATOM   226  N N   . ASP A 1 27  ? -10.553 -9.954  -11.208 1.00 26.13  ? 33  ASP B N   1 
ATOM   227  C CA  . ASP A 1 27  ? -9.294  -10.715 -10.957 1.00 24.35  ? 33  ASP B CA  1 
ATOM   228  C C   . ASP A 1 27  ? -8.677  -10.349 -9.584  1.00 23.62  ? 33  ASP B C   1 
ATOM   229  O O   . ASP A 1 27  ? -7.645  -10.965 -9.208  1.00 21.52  ? 33  ASP B O   1 
ATOM   230  C CB  . ASP A 1 27  ? -8.334  -10.573 -12.146 1.00 25.77  ? 33  ASP B CB  1 
ATOM   231  C CG  . ASP A 1 27  ? -7.715  -9.203  -12.333 1.00 26.35  ? 33  ASP B CG  1 
ATOM   232  O OD1 . ASP A 1 27  ? -8.033  -8.279  -11.535 1.00 26.58  ? 33  ASP B OD1 1 
ATOM   233  O OD2 . ASP A 1 27  ? -6.904  -9.058  -13.291 1.00 32.18  ? 33  ASP B OD2 1 
ATOM   234  N N   . ARG A 1 28  ? -9.242  -9.376  -8.870  1.00 21.11  ? 34  ARG B N   1 
ATOM   235  C CA  . ARG A 1 28  ? -8.754  -8.948  -7.529  1.00 19.56  ? 34  ARG B CA  1 
ATOM   236  C C   . ARG A 1 28  ? -7.319  -8.390  -7.663  1.00 17.42  ? 34  ARG B C   1 
ATOM   237  O O   . ARG A 1 28  ? -6.615  -8.341  -6.631  1.00 18.55  ? 34  ARG B O   1 
ATOM   238  C CB  . ARG A 1 28  ? -8.937  -10.090 -6.514  1.00 23.89  ? 34  ARG B CB  1 
ATOM   239  C CG  . ARG A 1 28  ? -10.405 -10.487 -6.359  1.00 28.98  ? 34  ARG B CG  1 
ATOM   240  C CD  . ARG A 1 28  ? -10.693 -11.553 -5.331  1.00 37.71  ? 34  ARG B CD  1 
ATOM   241  N NE  . ARG A 1 28  ? -9.852  -12.732 -5.430  1.00 47.92  ? 34  ARG B NE  1 
ATOM   242  C CZ  . ARG A 1 28  ? -8.836  -13.036 -4.609  1.00 62.07  ? 34  ARG B CZ  1 
ATOM   243  N NH1 . ARG A 1 28  ? -8.496  -12.239 -3.597  1.00 58.66  ? 34  ARG B NH1 1 
ATOM   244  N NH2 . ARG A 1 28  ? -8.161  -14.159 -4.808  1.00 66.84  ? 34  ARG B NH2 1 
ATOM   245  N N   . ARG A 1 29  ? -6.960  -7.817  -8.809  1.00 18.02  ? 35  ARG B N   1 
ATOM   246  C CA  . ARG A 1 29  ? -5.619  -7.210  -9.022  1.00 19.25  ? 35  ARG B CA  1 
ATOM   247  C C   . ARG A 1 29  ? -5.676  -5.695  -9.253  1.00 17.90  ? 35  ARG B C   1 
ATOM   248  O O   . ARG A 1 29  ? -4.595  -5.087  -9.303  1.00 19.14  ? 35  ARG B O   1 
ATOM   249  C CB  . ARG A 1 29  ? -4.897  -7.868  -10.202 1.00 21.48  ? 35  ARG B CB  1 
ATOM   250  C CG  . ARG A 1 29  ? -4.734  -9.363  -9.947  1.00 24.04  ? 35  ARG B CG  1 
ATOM   251  C CD  . ARG A 1 29  ? -3.477  -9.703  -9.210  1.00 27.01  ? 35  ARG B CD  1 
ATOM   252  N NE  . ARG A 1 29  ? -2.329  -9.599  -10.106 1.00 27.44  ? 35  ARG B NE  1 
ATOM   253  C CZ  . ARG A 1 29  ? -1.067  -9.733  -9.705  1.00 28.09  ? 35  ARG B CZ  1 
ATOM   254  N NH1 . ARG A 1 29  ? -0.804  -9.970  -8.435  1.00 26.06  ? 35  ARG B NH1 1 
ATOM   255  N NH2 . ARG A 1 29  ? -0.082  -9.615  -10.575 1.00 25.14  ? 35  ARG B NH2 1 
ATOM   256  N N   . GLN A 1 30  ? -6.852  -5.082  -9.344  1.00 16.23  ? 36  GLN B N   1 
ATOM   257  C CA  . GLN A 1 30  ? -6.996  -3.630  -9.531  1.00 16.18  ? 36  GLN B CA  1 
ATOM   258  C C   . GLN A 1 30  ? -8.062  -3.095  -8.566  1.00 16.44  ? 36  GLN B C   1 
ATOM   259  O O   . GLN A 1 30  ? -9.034  -3.790  -8.216  1.00 17.13  ? 36  GLN B O   1 
ATOM   260  C CB  . GLN A 1 30  ? -7.424  -3.272  -10.956 1.00 19.66  ? 36  GLN B CB  1 
ATOM   261  C CG  . GLN A 1 30  ? -6.526  -3.835  -12.027 1.00 25.28  ? 36  GLN B CG  1 
ATOM   262  C CD  . GLN A 1 30  ? -6.873  -3.209  -13.357 1.00 27.77  ? 36  GLN B CD  1 
ATOM   263  O OE1 . GLN A 1 30  ? -7.480  -2.134  -13.456 1.00 29.95  ? 36  GLN B OE1 1 
ATOM   264  N NE2 . GLN A 1 30  ? -6.445  -3.886  -14.395 1.00 33.10  ? 36  GLN B NE2 1 
ATOM   265  N N   . VAL A 1 31  ? -7.833  -1.853  -8.132  1.00 15.04  ? 37  VAL B N   1 
ATOM   266  C CA  . VAL A 1 31  ? -8.822  -1.180  -7.244  1.00 14.04  ? 37  VAL B CA  1 
ATOM   267  C C   . VAL A 1 31  ? -8.885  0.287   -7.646  1.00 14.70  ? 37  VAL B C   1 
ATOM   268  O O   . VAL A 1 31  ? -7.830  0.915   -7.850  1.00 15.01  ? 37  VAL B O   1 
ATOM   269  C CB  . VAL A 1 31  ? -8.512  -1.411  -5.754  1.00 13.77  ? 37  VAL B CB  1 
ATOM   270  C CG1 . VAL A 1 31  ? -7.109  -1.000  -5.326  1.00 14.26  ? 37  VAL B CG1 1 
ATOM   271  C CG2 . VAL A 1 31  ? -9.546  -0.758  -4.847  1.00 16.21  ? 37  VAL B CG2 1 
ATOM   272  N N   . ARG A 1 32  ? -10.074 0.872   -7.624  1.00 14.39  ? 38  ARG B N   1 
ATOM   273  C CA  . ARG A 1 32  ? -10.208 2.328   -7.835  1.00 15.39  ? 38  ARG B CA  1 
ATOM   274  C C   . ARG A 1 32  ? -11.318 2.841   -6.932  1.00 16.55  ? 38  ARG B C   1 
ATOM   275  O O   . ARG A 1 32  ? -12.164 2.039   -6.446  1.00 15.07  ? 38  ARG B O   1 
ATOM   276  C CB  . ARG A 1 32  ? -10.482 2.709   -9.305  1.00 16.35  ? 38  ARG B CB  1 
ATOM   277  C CG  . ARG A 1 32  ? -11.821 2.188   -9.819  1.00 18.71  ? 38  ARG B CG  1 
ATOM   278  C CD  . ARG A 1 32  ? -11.930 2.473   -11.318 1.00 21.37  ? 38  ARG B CD  1 
ATOM   279  N NE  . ARG A 1 32  ? -13.201 1.968   -11.806 1.00 25.82  ? 38  ARG B NE  1 
ATOM   280  C CZ  . ARG A 1 32  ? -14.368 2.591   -11.809 1.00 25.65  ? 38  ARG B CZ  1 
ATOM   281  N NH1 . ARG A 1 32  ? -14.486 3.836   -11.388 1.00 28.60  ? 38  ARG B NH1 1 
ATOM   282  N NH2 . ARG A 1 32  ? -15.447 1.934   -12.269 1.00 30.24  ? 38  ARG B NH2 1 
ATOM   283  N N   A MET A 1 33  ? -11.310 4.156   -6.743  0.25 16.14  ? 39  MET B N   1 
ATOM   284  N N   B MET A 1 33  ? -11.343 4.151   -6.693  0.25 17.08  ? 39  MET B N   1 
ATOM   285  C CA  A MET A 1 33  ? -12.372 4.908   -6.027  0.25 17.93  ? 39  MET B CA  1 
ATOM   286  C CA  B MET A 1 33  ? -12.401 4.776   -5.848  0.25 19.47  ? 39  MET B CA  1 
ATOM   287  C C   A MET A 1 33  ? -13.617 4.960   -6.912  0.25 18.74  ? 39  MET B C   1 
ATOM   288  C C   B MET A 1 33  ? -13.604 5.140   -6.723  0.25 19.88  ? 39  MET B C   1 
ATOM   289  O O   A MET A 1 33  ? -13.489 5.323   -8.095  0.25 17.44  ? 39  MET B O   1 
ATOM   290  O O   B MET A 1 33  ? -13.430 5.952   -7.672  0.25 19.01  ? 39  MET B O   1 
ATOM   291  C CB  A MET A 1 33  ? -11.899 6.326   -5.710  0.25 18.41  ? 39  MET B CB  1 
ATOM   292  C CB  B MET A 1 33  ? -11.921 6.020   -5.096  0.25 20.58  ? 39  MET B CB  1 
ATOM   293  C CG  A MET A 1 33  ? -12.936 7.147   -4.965  0.25 19.48  ? 39  MET B CG  1 
ATOM   294  C CG  B MET A 1 33  ? -13.063 6.679   -4.305  0.25 23.11  ? 39  MET B CG  1 
ATOM   295  S SD  A MET A 1 33  ? -13.390 6.363   -3.387  0.25 20.28  ? 39  MET B SD  1 
ATOM   296  S SD  B MET A 1 33  ? -12.521 7.736   -2.939  0.25 25.82  ? 39  MET B SD  1 
ATOM   297  C CE  A MET A 1 33  ? -13.762 7.819   -2.412  0.25 22.13  ? 39  MET B CE  1 
ATOM   298  C CE  B MET A 1 33  ? -14.023 7.782   -1.960  0.25 27.42  ? 39  MET B CE  1 
ATOM   299  N N   . GLY A 1 34  ? -14.767 4.578   -6.366  1.00 19.04  ? 40  GLY B N   1 
ATOM   300  C CA  . GLY A 1 34  ? -16.066 4.769   -7.045  1.00 20.62  ? 40  GLY B CA  1 
ATOM   301  C C   . GLY A 1 34  ? -16.624 6.151   -6.773  1.00 20.49  ? 40  GLY B C   1 
ATOM   302  O O   . GLY A 1 34  ? -16.104 6.867   -5.874  1.00 19.90  ? 40  GLY B O   1 
ATOM   303  N N   . ASP A 1 35  ? -17.609 6.564   -7.570  1.00 23.02  ? 41  ASP B N   1 
ATOM   304  C CA  . ASP A 1 35  ? -18.166 7.940   -7.418  1.00 30.47  ? 41  ASP B CA  1 
ATOM   305  C C   . ASP A 1 35  ? -19.220 7.920   -6.292  1.00 30.36  ? 41  ASP B C   1 
ATOM   306  O O   . ASP A 1 35  ? -19.722 9.023   -5.961  1.00 29.73  ? 41  ASP B O   1 
ATOM   307  C CB  . ASP A 1 35  ? -18.633 8.530   -8.760  1.00 37.61  ? 41  ASP B CB  1 
ATOM   308  C CG  . ASP A 1 35  ? -17.519 9.175   -9.607  1.00 48.91  ? 41  ASP B CG  1 
ATOM   309  O OD1 . ASP A 1 35  ? -16.475 9.583   -9.033  1.00 51.80  ? 41  ASP B OD1 1 
ATOM   310  O OD2 . ASP A 1 35  ? -17.693 9.290   -10.851 1.00 51.74  ? 41  ASP B OD2 1 
ATOM   311  N N   . THR A 1 36  ? -19.442 6.767   -5.634  1.00 24.99  ? 42  THR B N   1 
ATOM   312  C CA  . THR A 1 36  ? -20.530 6.559   -4.621  1.00 24.54  ? 42  THR B CA  1 
ATOM   313  C C   . THR A 1 36  ? -20.285 5.296   -3.782  1.00 21.74  ? 42  THR B C   1 
ATOM   314  O O   . THR A 1 36  ? -19.389 4.436   -4.148  1.00 18.71  ? 42  THR B O   1 
ATOM   315  C CB  . THR A 1 36  ? -21.848 6.441   -5.390  1.00 24.12  ? 42  THR B CB  1 
ATOM   316  O OG1 . THR A 1 36  ? -22.907 6.471   -4.446  1.00 25.88  ? 42  THR B OG1 1 
ATOM   317  C CG2 . THR A 1 36  ? -21.901 5.171   -6.199  1.00 24.77  ? 42  THR B CG2 1 
ATOM   318  N N   . HIS A 1 37  ? -21.071 5.062   -2.727  1.00 21.74  ? 43  HIS B N   1 
ATOM   319  C CA  . HIS A 1 37  ? -21.173 3.740   -2.022  1.00 22.81  ? 43  HIS B CA  1 
ATOM   320  C C   . HIS A 1 37  ? -21.439 2.591   -2.990  1.00 23.61  ? 43  HIS B C   1 
ATOM   321  O O   . HIS A 1 37  ? -22.394 2.691   -3.801  1.00 23.62  ? 43  HIS B O   1 
ATOM   322  C CB  . HIS A 1 37  ? -22.277 3.774   -0.948  1.00 22.90  ? 43  HIS B CB  1 
ATOM   323  C CG  . HIS A 1 37  ? -22.302 2.635   0.020   1.00 19.89  ? 43  HIS B CG  1 
ATOM   324  N ND1 . HIS A 1 37  ? -22.747 1.370   -0.326  1.00 21.09  ? 43  HIS B ND1 1 
ATOM   325  C CD2 . HIS A 1 37  ? -22.022 2.608   1.339   1.00 20.08  ? 43  HIS B CD2 1 
ATOM   326  C CE1 . HIS A 1 37  ? -22.739 0.607   0.764   1.00 19.89  ? 43  HIS B CE1 1 
ATOM   327  N NE2 . HIS A 1 37  ? -22.258 1.347   1.798   1.00 19.87  ? 43  HIS B NE2 1 
ATOM   328  N N   . GLN A 1 38  ? -20.695 1.466   -2.875  1.00 19.31  ? 44  GLN B N   1 
ATOM   329  C CA  . GLN A 1 38  ? -20.747 0.363   -3.861  1.00 21.66  ? 44  GLN B CA  1 
ATOM   330  C C   . GLN A 1 38  ? -21.729 -0.777  -3.527  1.00 23.78  ? 44  GLN B C   1 
ATOM   331  O O   . GLN A 1 38  ? -21.615 -1.906  -4.120  1.00 25.42  ? 44  GLN B O   1 
ATOM   332  C CB  . GLN A 1 38  ? -19.337 -0.154  -4.098  1.00 19.96  ? 44  GLN B CB  1 
ATOM   333  C CG  . GLN A 1 38  ? -18.500 0.902   -4.767  1.00 18.99  ? 44  GLN B CG  1 
ATOM   334  C CD  . GLN A 1 38  ? -19.069 1.406   -6.063  1.00 18.37  ? 44  GLN B CD  1 
ATOM   335  O OE1 . GLN A 1 38  ? -19.242 2.595   -6.279  1.00 21.80  ? 44  GLN B OE1 1 
ATOM   336  N NE2 . GLN A 1 38  ? -19.494 0.516   -6.930  1.00 17.84  ? 44  GLN B NE2 1 
ATOM   337  N N   . ASN A 1 39  ? -22.688 -0.508  -2.661  1.00 20.71  ? 45  ASN B N   1 
ATOM   338  C CA  . ASN A 1 39  ? -23.876 -1.380  -2.432  1.00 18.89  ? 45  ASN B CA  1 
ATOM   339  C C   . ASN A 1 39  ? -23.471 -2.678  -1.734  1.00 19.93  ? 45  ASN B C   1 
ATOM   340  O O   . ASN A 1 39  ? -24.041 -3.727  -2.044  1.00 23.99  ? 45  ASN B O   1 
ATOM   341  C CB  . ASN A 1 39  ? -24.722 -1.576  -3.705  1.00 19.50  ? 45  ASN B CB  1 
ATOM   342  C CG  . ASN A 1 39  ? -26.144 -1.990  -3.353  1.00 19.94  ? 45  ASN B CG  1 
ATOM   343  O OD1 . ASN A 1 39  ? -26.646 -1.598  -2.306  1.00 18.45  ? 45  ASN B OD1 1 
ATOM   344  N ND2 . ASN A 1 39  ? -26.799 -2.810  -4.182  1.00 17.81  ? 45  ASN B ND2 1 
ATOM   345  N N   . VAL A 1 40  ? -22.520 -2.602  -0.787  1.00 21.02  ? 46  VAL B N   1 
ATOM   346  C CA  . VAL A 1 40  ? -22.003 -3.738  0.020   1.00 21.69  ? 46  VAL B CA  1 
ATOM   347  C C   . VAL A 1 40  ? -22.482 -3.516  1.455   1.00 20.71  ? 46  VAL B C   1 
ATOM   348  O O   . VAL A 1 40  ? -22.695 -2.366  1.828   1.00 21.14  ? 46  VAL B O   1 
ATOM   349  C CB  . VAL A 1 40  ? -20.462 -3.834  -0.044  1.00 23.86  ? 46  VAL B CB  1 
ATOM   350  C CG1 . VAL A 1 40  ? -20.008 -4.189  -1.445  1.00 27.74  ? 46  VAL B CG1 1 
ATOM   351  C CG2 . VAL A 1 40  ? -19.764 -2.546  0.385   1.00 23.57  ? 46  VAL B CG2 1 
ATOM   352  N N   . SER A 1 41  ? -22.649 -4.593  2.207   1.00 22.50  ? 47  SER B N   1 
ATOM   353  C CA  . SER A 1 41  ? -22.928 -4.529  3.660   1.00 24.26  ? 47  SER B CA  1 
ATOM   354  C C   . SER A 1 41  ? -21.686 -4.015  4.397   1.00 25.11  ? 47  SER B C   1 
ATOM   355  O O   . SER A 1 41  ? -20.576 -4.258  3.909   1.00 21.65  ? 47  SER B O   1 
ATOM   356  C CB  . SER A 1 41  ? -23.402 -5.878  4.190   1.00 25.42  ? 47  SER B CB  1 
ATOM   357  O OG  . SER A 1 41  ? -22.441 -6.873  3.930   1.00 27.50  ? 47  SER B OG  1 
ATOM   358  N N   . ASP A 1 42  ? -21.863 -3.390  5.556   1.00 25.49  ? 48  ASP B N   1 
ATOM   359  C CA  . ASP A 1 42  ? -20.750 -2.971  6.451   1.00 25.07  ? 48  ASP B CA  1 
ATOM   360  C C   . ASP A 1 42  ? -20.298 -4.224  7.209   1.00 26.26  ? 48  ASP B C   1 
ATOM   361  O O   . ASP A 1 42  ? -21.056 -5.193  7.298   1.00 26.31  ? 48  ASP B O   1 
ATOM   362  C CB  . ASP A 1 42  ? -21.124 -1.795  7.357   1.00 28.56  ? 48  ASP B CB  1 
ATOM   363  C CG  . ASP A 1 42  ? -19.950 -0.929  7.819   1.00 30.41  ? 48  ASP B CG  1 
ATOM   364  O OD1 . ASP A 1 42  ? -18.775 -1.218  7.422   1.00 24.15  ? 48  ASP B OD1 1 
ATOM   365  O OD2 . ASP A 1 42  ? -20.212 0.121   8.488   1.00 36.06  ? 48  ASP B OD2 1 
ATOM   366  N N   . ASN A 1 43  ? -19.026 -4.248  7.607   1.00 23.87  ? 49  ASN B N   1 
ATOM   367  C CA  . ASN A 1 43  ? -18.462 -5.329  8.448   1.00 24.26  ? 49  ASN B CA  1 
ATOM   368  C C   . ASN A 1 43  ? -17.305 -4.720  9.246   1.00 24.71  ? 49  ASN B C   1 
ATOM   369  O O   . ASN A 1 43  ? -16.933 -3.550  8.976   1.00 25.03  ? 49  ASN B O   1 
ATOM   370  C CB  . ASN A 1 43  ? -18.078 -6.550  7.648   1.00 24.10  ? 49  ASN B CB  1 
ATOM   371  C CG  . ASN A 1 43  ? -16.891 -6.327  6.747   1.00 24.63  ? 49  ASN B CG  1 
ATOM   372  O OD1 . ASN A 1 43  ? -15.834 -5.908  7.224   1.00 25.38  ? 49  ASN B OD1 1 
ATOM   373  N ND2 . ASN A 1 43  ? -17.067 -6.559  5.472   1.00 24.04  ? 49  ASN B ND2 1 
ATOM   374  N N   . LYS A 1 44  ? -16.803 -5.452  10.228  1.00 23.85  ? 50  LYS B N   1 
ATOM   375  C CA  . LYS A 1 44  ? -15.812 -4.870  11.172  1.00 24.86  ? 50  LYS B CA  1 
ATOM   376  C C   . LYS A 1 44  ? -14.421 -4.761  10.506  1.00 23.44  ? 50  LYS B C   1 
ATOM   377  O O   . LYS A 1 44  ? -13.571 -4.012  11.070  1.00 22.13  ? 50  LYS B O   1 
ATOM   378  C CB  . LYS A 1 44  ? -15.736 -5.760  12.432  1.00 29.32  ? 50  LYS B CB  1 
ATOM   379  C CG  . LYS A 1 44  ? -15.201 -7.152  12.176  1.00 33.40  ? 50  LYS B CG  1 
ATOM   380  C CD  . LYS A 1 44  ? -15.382 -8.142  13.326  1.00 44.64  ? 50  LYS B CD  1 
ATOM   381  C CE  . LYS A 1 44  ? -14.456 -9.334  13.184  1.00 48.68  ? 50  LYS B CE  1 
ATOM   382  N NZ  . LYS A 1 44  ? -14.222 -9.979  14.495  1.00 52.99  ? 50  LYS B NZ  1 
ATOM   383  N N   . GLU A 1 45  ? -14.192 -5.451  9.384   1.00 22.11  ? 51  GLU B N   1 
ATOM   384  C CA  . GLU A 1 45  ? -12.893 -5.438  8.657   1.00 23.37  ? 51  GLU B CA  1 
ATOM   385  C C   . GLU A 1 45  ? -12.734 -4.138  7.841   1.00 20.68  ? 51  GLU B C   1 
ATOM   386  O O   . GLU A 1 45  ? -11.582 -3.739  7.581   1.00 21.52  ? 51  GLU B O   1 
ATOM   387  C CB  . GLU A 1 45  ? -12.795 -6.640  7.736   1.00 26.11  ? 51  GLU B CB  1 
ATOM   388  C CG  . GLU A 1 45  ? -12.585 -7.966  8.437   1.00 34.42  ? 51  GLU B CG  1 
ATOM   389  C CD  . GLU A 1 45  ? -12.361 -9.088  7.426   1.00 41.99  ? 51  GLU B CD  1 
ATOM   390  O OE1 . GLU A 1 45  ? -13.364 -9.752  7.061   1.00 57.13  ? 51  GLU B OE1 1 
ATOM   391  O OE2 . GLU A 1 45  ? -11.207 -9.286  6.973   1.00 55.23  ? 51  GLU B OE2 1 
ATOM   392  N N   . ARG A 1 46  ? -13.822 -3.500  7.396   1.00 19.67  ? 52  ARG B N   1 
ATOM   393  C CA  . ARG A 1 46  ? -13.755 -2.435  6.363   1.00 19.18  ? 52  ARG B CA  1 
ATOM   394  C C   . ARG A 1 46  ? -13.101 -1.163  6.934   1.00 18.44  ? 52  ARG B C   1 
ATOM   395  O O   . ARG A 1 46  ? -13.512 -0.642  7.998   1.00 20.36  ? 52  ARG B O   1 
ATOM   396  C CB  . ARG A 1 46  ? -15.132 -2.054  5.798   1.00 17.99  ? 52  ARG B CB  1 
ATOM   397  C CG  . ARG A 1 46  ? -15.829 -3.129  4.998   1.00 19.18  ? 52  ARG B CG  1 
ATOM   398  C CD  . ARG A 1 46  ? -16.911 -2.487  4.138   1.00 17.66  ? 52  ARG B CD  1 
ATOM   399  N NE  . ARG A 1 46  ? -17.666 -3.555  3.522   1.00 19.37  ? 52  ARG B NE  1 
ATOM   400  C CZ  . ARG A 1 46  ? -17.223 -4.350  2.556   1.00 18.75  ? 52  ARG B CZ  1 
ATOM   401  N NH1 . ARG A 1 46  ? -16.042 -4.170  1.969   1.00 18.62  ? 52  ARG B NH1 1 
ATOM   402  N NH2 . ARG A 1 46  ? -17.989 -5.362  2.166   1.00 22.02  ? 52  ARG B NH2 1 
ATOM   403  N N   . PHE A 1 47  ? -12.113 -0.603  6.245   1.00 17.95  ? 53  PHE B N   1 
ATOM   404  C CA  . PHE A 1 47  ? -11.620 0.742   6.594   1.00 15.72  ? 53  PHE B CA  1 
ATOM   405  C C   . PHE A 1 47  ? -12.779 1.741   6.380   1.00 18.51  ? 53  PHE B C   1 
ATOM   406  O O   . PHE A 1 47  ? -13.236 1.919   5.217   1.00 19.06  ? 53  PHE B O   1 
ATOM   407  C CB  . PHE A 1 47  ? -10.407 1.156   5.753   1.00 14.82  ? 53  PHE B CB  1 
ATOM   408  C CG  . PHE A 1 47  ? -9.155  0.405   6.125   1.00 14.90  ? 53  PHE B CG  1 
ATOM   409  C CD1 . PHE A 1 47  ? -8.418  0.794   7.251   1.00 14.40  ? 53  PHE B CD1 1 
ATOM   410  C CD2 . PHE A 1 47  ? -8.727  -0.684  5.400   1.00 16.40  ? 53  PHE B CD2 1 
ATOM   411  C CE1 . PHE A 1 47  ? -7.262  0.108   7.613   1.00 16.60  ? 53  PHE B CE1 1 
ATOM   412  C CE2 . PHE A 1 47  ? -7.571  -1.360  5.780   1.00 16.00  ? 53  PHE B CE2 1 
ATOM   413  C CZ  . PHE A 1 47  ? -6.879  -0.993  6.926   1.00 14.93  ? 53  PHE B CZ  1 
ATOM   414  N N   . SER A 1 48  ? -13.202 2.431   7.419   1.00 17.93  ? 54  SER B N   1 
ATOM   415  C CA  . SER A 1 48  ? -14.379 3.340   7.358   1.00 19.50  ? 54  SER B CA  1 
ATOM   416  C C   . SER A 1 48  ? -14.050 4.740   6.828   1.00 20.39  ? 54  SER B C   1 
ATOM   417  O O   . SER A 1 48  ? -14.903 5.284   6.107   1.00 24.60  ? 54  SER B O   1 
ATOM   418  C CB  . SER A 1 48  ? -15.049 3.409   8.706   1.00 21.07  ? 54  SER B CB  1 
ATOM   419  O OG  . SER A 1 48  ? -14.210 4.002   9.664   1.00 20.16  ? 54  SER B OG  1 
ATOM   420  N N   . ASN A 1 49  ? -12.919 5.344   7.169   1.00 17.05  ? 55  ASN B N   1 
ATOM   421  C CA  . ASN A 1 49  ? -12.681 6.796   6.976   1.00 17.96  ? 55  ASN B CA  1 
ATOM   422  C C   . ASN A 1 49  ? -11.927 7.110   5.685   1.00 17.67  ? 55  ASN B C   1 
ATOM   423  O O   . ASN A 1 49  ? -11.845 8.288   5.307   1.00 19.15  ? 55  ASN B O   1 
ATOM   424  C CB  . ASN A 1 49  ? -11.994 7.427   8.166   1.00 19.43  ? 55  ASN B CB  1 
ATOM   425  C CG  . ASN A 1 49  ? -12.925 7.567   9.372   1.00 23.85  ? 55  ASN B CG  1 
ATOM   426  O OD1 . ASN A 1 49  ? -13.639 6.635   9.729   1.00 25.13  ? 55  ASN B OD1 1 
ATOM   427  N ND2 . ASN A 1 49  ? -12.849 8.711   10.038  1.00 27.30  ? 55  ASN B ND2 1 
ATOM   428  N N   . TYR A 1 50  ? -11.226 6.123   5.136   1.00 15.15  ? 56  TYR B N   1 
ATOM   429  C CA  . TYR A 1 50  ? -10.270 6.351   4.030   1.00 15.56  ? 56  TYR B CA  1 
ATOM   430  C C   . TYR A 1 50  ? -10.426 5.270   2.971   1.00 15.30  ? 56  TYR B C   1 
ATOM   431  O O   . TYR A 1 50  ? -10.837 4.137   3.262   1.00 14.59  ? 56  TYR B O   1 
ATOM   432  C CB  . TYR A 1 50  ? -8.825  6.292   4.545   1.00 16.71  ? 56  TYR B CB  1 
ATOM   433  C CG  . TYR A 1 50  ? -8.541  7.051   5.823   1.00 17.81  ? 56  TYR B CG  1 
ATOM   434  C CD1 . TYR A 1 50  ? -8.480  8.435   5.798   1.00 18.58  ? 56  TYR B CD1 1 
ATOM   435  C CD2 . TYR A 1 50  ? -8.450  6.413   7.058   1.00 17.36  ? 56  TYR B CD2 1 
ATOM   436  C CE1 . TYR A 1 50  ? -8.212  9.177   6.953   1.00 21.11  ? 56  TYR B CE1 1 
ATOM   437  C CE2 . TYR A 1 50  ? -8.245  7.140   8.234   1.00 18.58  ? 56  TYR B CE2 1 
ATOM   438  C CZ  . TYR A 1 50  ? -8.122  8.531   8.167   1.00 20.25  ? 56  TYR B CZ  1 
ATOM   439  O OH  . TYR A 1 50  ? -7.811  9.290   9.273   1.00 21.60  ? 56  TYR B OH  1 
ATOM   440  N N   . PRO A 1 51  ? -10.025 5.562   1.708   1.00 15.50  ? 57  PRO B N   1 
ATOM   441  C CA  . PRO A 1 51  ? -10.201 4.611   0.605   1.00 14.26  ? 57  PRO B CA  1 
ATOM   442  C C   . PRO A 1 51  ? -9.115  3.517   0.556   1.00 12.96  ? 57  PRO B C   1 
ATOM   443  O O   . PRO A 1 51  ? -8.401  3.402   -0.412  1.00 15.33  ? 57  PRO B O   1 
ATOM   444  C CB  . PRO A 1 51  ? -10.145 5.483   -0.665  1.00 16.66  ? 57  PRO B CB  1 
ATOM   445  C CG  . PRO A 1 51  ? -9.940  6.911   -0.194  1.00 16.54  ? 57  PRO B CG  1 
ATOM   446  C CD  . PRO A 1 51  ? -9.631  6.894   1.270   1.00 15.14  ? 57  PRO B CD  1 
ATOM   447  N N   . MET A 1 52  ? -9.048  2.759   1.648   1.00 14.87  ? 58  MET B N   1 
ATOM   448  C CA  . MET A 1 52  ? -8.022  1.710   1.889   1.00 12.78  ? 58  MET B CA  1 
ATOM   449  C C   . MET A 1 52  ? -8.544  0.286   1.704   1.00 14.23  ? 58  MET B C   1 
ATOM   450  O O   . MET A 1 52  ? -9.742  -0.006  1.864   1.00 14.21  ? 58  MET B O   1 
ATOM   451  C CB  . MET A 1 52  ? -7.501  1.862   3.317   1.00 13.72  ? 58  MET B CB  1 
ATOM   452  C CG  . MET A 1 52  ? -6.744  3.147   3.527   1.00 12.70  ? 58  MET B CG  1 
ATOM   453  S SD  . MET A 1 52  ? -6.486  3.473   5.300   1.00 15.57  ? 58  MET B SD  1 
ATOM   454  C CE  . MET A 1 52  ? -5.560  5.006   5.356   1.00 15.18  ? 58  MET B CE  1 
ATOM   455  N N   . VAL A 1 53  ? -7.636  -0.634  1.398   1.00 13.48  ? 59  VAL B N   1 
ATOM   456  C CA  . VAL A 1 53  ? -7.967  -2.071  1.258   1.00 14.90  ? 59  VAL B CA  1 
ATOM   457  C C   . VAL A 1 53  ? -6.663  -2.834  1.518   1.00 15.75  ? 59  VAL B C   1 
ATOM   458  O O   . VAL A 1 53  ? -5.558  -2.272  1.317   1.00 14.96  ? 59  VAL B O   1 
ATOM   459  C CB  . VAL A 1 53  ? -8.556  -2.373  -0.135  1.00 14.23  ? 59  VAL B CB  1 
ATOM   460  C CG1 . VAL A 1 53  ? -7.608  -2.018  -1.259  1.00 14.31  ? 59  VAL B CG1 1 
ATOM   461  C CG2 . VAL A 1 53  ? -8.996  -3.834  -0.279  1.00 14.60  ? 59  VAL B CG2 1 
ATOM   462  N N   . LEU A 1 54  ? -6.796  -4.049  2.004   1.00 13.98  ? 60  LEU B N   1 
ATOM   463  C CA  . LEU A 1 54  ? -5.646  -4.959  2.246   1.00 15.19  ? 60  LEU B CA  1 
ATOM   464  C C   . LEU A 1 54  ? -5.561  -6.046  1.195   1.00 15.69  ? 60  LEU B C   1 
ATOM   465  O O   . LEU A 1 54  ? -6.596  -6.508  0.587   1.00 15.67  ? 60  LEU B O   1 
ATOM   466  C CB  . LEU A 1 54  ? -5.799  -5.633  3.619   1.00 16.01  ? 60  LEU B CB  1 
ATOM   467  C CG  . LEU A 1 54  ? -5.952  -4.723  4.820   1.00 16.01  ? 60  LEU B CG  1 
ATOM   468  C CD1 . LEU A 1 54  ? -5.963  -5.472  6.156   1.00 17.41  ? 60  LEU B CD1 1 
ATOM   469  C CD2 . LEU A 1 54  ? -4.887  -3.631  4.829   1.00 15.72  ? 60  LEU B CD2 1 
ATOM   470  N N   . GLY A 1 55  ? -4.349  -6.534  0.995   1.00 14.77  ? 61  GLY B N   1 
ATOM   471  C CA  . GLY A 1 55  ? -4.154  -7.824  0.311   1.00 15.93  ? 61  GLY B CA  1 
ATOM   472  C C   . GLY A 1 55  ? -4.684  -8.984  1.133   1.00 15.65  ? 61  GLY B C   1 
ATOM   473  O O   . GLY A 1 55  ? -4.735  -8.901  2.388   1.00 17.21  ? 61  GLY B O   1 
ATOM   474  N N   . ALA A 1 56  ? -5.053  -10.048 0.450   1.00 17.98  ? 62  ALA B N   1 
ATOM   475  C CA  . ALA A 1 56  ? -5.552  -11.305 1.034   1.00 20.68  ? 62  ALA B CA  1 
ATOM   476  C C   . ALA A 1 56  ? -4.413  -12.061 1.722   1.00 22.42  ? 62  ALA B C   1 
ATOM   477  O O   . ALA A 1 56  ? -4.680  -12.725 2.770   1.00 24.95  ? 62  ALA B O   1 
ATOM   478  C CB  . ALA A 1 56  ? -6.188  -12.077 -0.093  1.00 21.54  ? 62  ALA B CB  1 
ATOM   479  N N   . GLN A 1 57  ? -3.183  -11.896 1.237   1.00 20.29  ? 63  GLN B N   1 
ATOM   480  C CA  . GLN A 1 57  ? -2.043  -12.696 1.725   1.00 20.77  ? 63  GLN B CA  1 
ATOM   481  C C   . GLN A 1 57  ? -1.660  -12.197 3.124   1.00 21.08  ? 63  GLN B C   1 
ATOM   482  O O   . GLN A 1 57  ? -1.740  -10.989 3.391   1.00 20.16  ? 63  GLN B O   1 
ATOM   483  C CB  . GLN A 1 57  ? -0.909  -12.669 0.688   1.00 21.86  ? 63  GLN B CB  1 
ATOM   484  C CG  . GLN A 1 57  ? -1.213  -13.391 -0.614  1.00 24.71  ? 63  GLN B CG  1 
ATOM   485  C CD  . GLN A 1 57  ? -2.260  -12.710 -1.471  1.00 24.19  ? 63  GLN B CD  1 
ATOM   486  O OE1 . GLN A 1 57  ? -2.322  -11.492 -1.557  1.00 20.82  ? 63  GLN B OE1 1 
ATOM   487  N NE2 . GLN A 1 57  ? -3.126  -13.474 -2.101  1.00 25.56  ? 63  GLN B NE2 1 
ATOM   488  N N   . ARG A 1 58  ? -1.323  -13.124 4.027   1.00 21.67  ? 64  ARG B N   1 
ATOM   489  C CA  . ARG A 1 58  ? -0.724  -12.828 5.351   1.00 22.10  ? 64  ARG B CA  1 
ATOM   490  C C   . ARG A 1 58  ? 0.705   -13.384 5.387   1.00 21.46  ? 64  ARG B C   1 
ATOM   491  O O   . ARG A 1 58  ? 0.894   -14.543 4.967   1.00 25.47  ? 64  ARG B O   1 
ATOM   492  C CB  . ARG A 1 58  ? -1.464  -13.505 6.521   1.00 29.10  ? 64  ARG B CB  1 
ATOM   493  C CG  . ARG A 1 58  ? -2.793  -12.886 6.955   1.00 37.07  ? 64  ARG B CG  1 
ATOM   494  C CD  . ARG A 1 58  ? -3.776  -12.803 5.804   1.00 40.77  ? 64  ARG B CD  1 
ATOM   495  N NE  . ARG A 1 58  ? -5.232  -12.631 5.946   1.00 46.03  ? 64  ARG B NE  1 
ATOM   496  C CZ  . ARG A 1 58  ? -5.988  -12.596 7.047   1.00 48.63  ? 64  ARG B CZ  1 
ATOM   497  N NH1 . ARG A 1 58  ? -7.292  -12.425 6.905   1.00 51.78  ? 64  ARG B NH1 1 
ATOM   498  N NH2 . ARG A 1 58  ? -5.496  -12.727 8.265   1.00 49.20  ? 64  ARG B NH2 1 
ATOM   499  N N   . PHE A 1 59  ? 1.665   -12.610 5.864   1.00 20.91  ? 65  PHE B N   1 
ATOM   500  C CA  . PHE A 1 59  ? 3.114   -12.999 5.871   1.00 21.85  ? 65  PHE B CA  1 
ATOM   501  C C   . PHE A 1 59  ? 3.642   -12.932 7.314   1.00 20.61  ? 65  PHE B C   1 
ATOM   502  O O   . PHE A 1 59  ? 3.507   -11.915 7.940   1.00 18.47  ? 65  PHE B O   1 
ATOM   503  C CB  . PHE A 1 59  ? 3.907   -12.027 4.973   1.00 24.31  ? 65  PHE B CB  1 
ATOM   504  C CG  . PHE A 1 59  ? 3.449   -12.026 3.536   1.00 24.73  ? 65  PHE B CG  1 
ATOM   505  C CD1 . PHE A 1 59  ? 3.328   -13.222 2.829   1.00 27.26  ? 65  PHE B CD1 1 
ATOM   506  C CD2 . PHE A 1 59  ? 3.156   -10.852 2.887   1.00 31.83  ? 65  PHE B CD2 1 
ATOM   507  C CE1 . PHE A 1 59  ? 2.933   -13.247 1.500   1.00 29.47  ? 65  PHE B CE1 1 
ATOM   508  C CE2 . PHE A 1 59  ? 2.764   -10.877 1.552   1.00 27.06  ? 65  PHE B CE2 1 
ATOM   509  C CZ  . PHE A 1 59  ? 2.659   -12.063 0.869   1.00 28.70  ? 65  PHE B CZ  1 
ATOM   510  N N   A SER A 1 60  ? 4.250   -14.016 7.818   0.25 19.51  ? 66  SER B N   1 
ATOM   511  N N   B SER A 1 60  ? 4.253   -14.017 7.811   0.25 20.31  ? 66  SER B N   1 
ATOM   512  C CA  A SER A 1 60  ? 4.831   -14.070 9.188   0.25 18.99  ? 66  SER B CA  1 
ATOM   513  C CA  B SER A 1 60  ? 4.860   -14.078 9.170   0.25 20.41  ? 66  SER B CA  1 
ATOM   514  C C   A SER A 1 60  ? 6.314   -14.493 9.129   0.25 18.34  ? 66  SER B C   1 
ATOM   515  C C   B SER A 1 60  ? 6.277   -14.655 9.107   0.25 20.25  ? 66  SER B C   1 
ATOM   516  O O   A SER A 1 60  ? 6.981   -14.476 10.182  0.25 16.52  ? 66  SER B O   1 
ATOM   517  O O   B SER A 1 60  ? 6.774   -15.096 10.151  0.25 19.47  ? 66  SER B O   1 
ATOM   518  C CB  A SER A 1 60  ? 4.004   -14.960 10.082  0.25 19.74  ? 66  SER B CB  1 
ATOM   519  C CB  B SER A 1 60  ? 4.029   -14.892 10.096  0.25 20.97  ? 66  SER B CB  1 
ATOM   520  O OG  A SER A 1 60  ? 2.754   -14.337 10.435  0.25 19.80  ? 66  SER B OG  1 
ATOM   521  O OG  B SER A 1 60  ? 3.913   -16.219 9.617   0.25 20.78  ? 66  SER B OG  1 
ATOM   522  N N   A SER A 1 61  ? 6.833   -14.769 7.931   0.25 17.69  ? 67  SER B N   1 
ATOM   523  N N   B SER A 1 61  ? 6.893   -14.647 7.930   0.25 20.44  ? 67  SER B N   1 
ATOM   524  C CA  A SER A 1 61  ? 8.232   -15.208 7.711   0.25 18.69  ? 67  SER B CA  1 
ATOM   525  C CA  B SER A 1 61  ? 8.258   -15.173 7.721   0.25 21.79  ? 67  SER B CA  1 
ATOM   526  C C   A SER A 1 61  ? 8.675   -14.899 6.278   0.25 20.31  ? 67  SER B C   1 
ATOM   527  C C   B SER A 1 61  ? 8.673   -14.980 6.265   0.25 22.14  ? 67  SER B C   1 
ATOM   528  O O   A SER A 1 61  ? 7.812   -14.581 5.453   0.25 21.10  ? 67  SER B O   1 
ATOM   529  O O   B SER A 1 61  ? 7.781   -14.864 5.411   0.25 22.20  ? 67  SER B O   1 
ATOM   530  C CB  A SER A 1 61  ? 8.344   -16.685 8.003   0.25 18.98  ? 67  SER B CB  1 
ATOM   531  C CB  B SER A 1 61  ? 8.320   -16.625 8.112   0.25 23.73  ? 67  SER B CB  1 
ATOM   532  O OG  A SER A 1 61  ? 7.705   -17.431 6.986   0.25 18.39  ? 67  SER B OG  1 
ATOM   533  O OG  B SER A 1 61  ? 9.636   -17.114 7.922   0.25 26.79  ? 67  SER B OG  1 
ATOM   534  N N   . GLY A 1 62  ? 9.982   -14.995 6.009   1.00 21.97  ? 68  GLY B N   1 
ATOM   535  C CA  . GLY A 1 62  ? 10.495  -15.032 4.634   1.00 24.25  ? 68  GLY B CA  1 
ATOM   536  C C   . GLY A 1 62  ? 10.641  -13.650 4.011   1.00 24.15  ? 68  GLY B C   1 
ATOM   537  O O   . GLY A 1 62  ? 10.556  -12.624 4.712   1.00 22.11  ? 68  GLY B O   1 
ATOM   538  N N   . LYS A 1 63  ? 10.960  -13.675 2.727   1.00 21.85  ? 69  LYS B N   1 
ATOM   539  C CA  . LYS A 1 63  ? 11.151  -12.489 1.897   1.00 21.69  ? 69  LYS B CA  1 
ATOM   540  C C   . LYS A 1 63  ? 10.063  -12.513 0.833   1.00 21.94  ? 69  LYS B C   1 
ATOM   541  O O   . LYS A 1 63  ? 9.815   -13.574 0.226   1.00 24.01  ? 69  LYS B O   1 
ATOM   542  C CB  . LYS A 1 63  ? 12.571  -12.506 1.324   1.00 22.98  ? 69  LYS B CB  1 
ATOM   543  C CG  . LYS A 1 63  ? 13.712  -12.525 2.341   1.00 24.47  ? 69  LYS B CG  1 
ATOM   544  C CD  . LYS A 1 63  ? 15.128  -12.610 1.662   1.00 29.84  ? 69  LYS B CD  1 
ATOM   545  C CE  . LYS A 1 63  ? 16.287  -12.650 2.635   1.00 34.06  ? 69  LYS B CE  1 
ATOM   546  N NZ  . LYS A 1 63  ? 17.594  -12.696 1.933   1.00 36.87  ? 69  LYS B NZ  1 
ATOM   547  N N   . MET A 1 64  ? 9.427   -11.359 0.612   1.00 19.27  ? 70  MET B N   1 
ATOM   548  C CA  . MET A 1 64  ? 8.272   -11.165 -0.294  1.00 19.34  ? 70  MET B CA  1 
ATOM   549  C C   . MET A 1 64  ? 8.474   -9.886  -1.110  1.00 17.47  ? 70  MET B C   1 
ATOM   550  O O   . MET A 1 64  ? 8.978   -8.926  -0.589  1.00 17.59  ? 70  MET B O   1 
ATOM   551  C CB  . MET A 1 64  ? 6.989   -10.959 0.502   1.00 22.16  ? 70  MET B CB  1 
ATOM   552  C CG  . MET A 1 64  ? 6.432   -12.199 1.158   1.00 23.84  ? 70  MET B CG  1 
ATOM   553  S SD  . MET A 1 64  ? 7.360   -12.875 2.615   1.00 26.05  ? 70  MET B SD  1 
ATOM   554  C CE  . MET A 1 64  ? 7.568   -11.435 3.662   1.00 26.23  ? 70  MET B CE  1 
ATOM   555  N N   . TYR A 1 65  ? 8.138   -9.902  -2.377  1.00 17.07  ? 71  TYR B N   1 
ATOM   556  C CA  . TYR A 1 65  ? 8.270   -8.745  -3.280  1.00 18.75  ? 71  TYR B CA  1 
ATOM   557  C C   . TYR A 1 65  ? 7.036   -8.683  -4.171  1.00 18.44  ? 71  TYR B C   1 
ATOM   558  O O   . TYR A 1 65  ? 6.562   -9.705  -4.734  1.00 20.13  ? 71  TYR B O   1 
ATOM   559  C CB  . TYR A 1 65  ? 9.552   -8.896  -4.100  1.00 19.74  ? 71  TYR B CB  1 
ATOM   560  C CG  . TYR A 1 65  ? 9.773   -7.790  -5.080  1.00 17.88  ? 71  TYR B CG  1 
ATOM   561  C CD1 . TYR A 1 65  ? 10.318  -6.597  -4.664  1.00 19.45  ? 71  TYR B CD1 1 
ATOM   562  C CD2 . TYR A 1 65  ? 9.396   -7.933  -6.407  1.00 19.11  ? 71  TYR B CD2 1 
ATOM   563  C CE1 . TYR A 1 65  ? 10.486  -5.546  -5.547  1.00 19.78  ? 71  TYR B CE1 1 
ATOM   564  C CE2 . TYR A 1 65  ? 9.557   -6.897  -7.302  1.00 19.17  ? 71  TYR B CE2 1 
ATOM   565  C CZ  . TYR A 1 65  ? 10.101  -5.709  -6.869  1.00 20.09  ? 71  TYR B CZ  1 
ATOM   566  O OH  . TYR A 1 65  ? 10.290  -4.718  -7.782  1.00 21.18  ? 71  TYR B OH  1 
ATOM   567  N N   . TRP A 1 66  ? 6.523   -7.478  -4.371  1.00 15.72  ? 72  TRP B N   1 
ATOM   568  C CA  . TRP A 1 66  ? 5.479   -7.250  -5.389  1.00 16.05  ? 72  TRP B CA  1 
ATOM   569  C C   . TRP A 1 66  ? 5.587   -5.820  -5.946  1.00 15.54  ? 72  TRP B C   1 
ATOM   570  O O   . TRP A 1 66  ? 6.370   -5.012  -5.396  1.00 16.66  ? 72  TRP B O   1 
ATOM   571  C CB  . TRP A 1 66  ? 4.082   -7.514  -4.799  1.00 16.17  ? 72  TRP B CB  1 
ATOM   572  C CG  . TRP A 1 66  ? 3.641   -6.634  -3.669  1.00 16.22  ? 72  TRP B CG  1 
ATOM   573  C CD1 . TRP A 1 66  ? 2.889   -5.471  -3.736  1.00 16.67  ? 72  TRP B CD1 1 
ATOM   574  C CD2 . TRP A 1 66  ? 3.883   -6.846  -2.262  1.00 17.60  ? 72  TRP B CD2 1 
ATOM   575  N NE1 . TRP A 1 66  ? 2.626   -5.001  -2.460  1.00 16.41  ? 72  TRP B NE1 1 
ATOM   576  C CE2 . TRP A 1 66  ? 3.255   -5.802  -1.548  1.00 16.65  ? 72  TRP B CE2 1 
ATOM   577  C CE3 . TRP A 1 66  ? 4.559   -7.843  -1.545  1.00 20.33  ? 72  TRP B CE3 1 
ATOM   578  C CZ2 . TRP A 1 66  ? 3.297   -5.733  -0.154  1.00 17.94  ? 72  TRP B CZ2 1 
ATOM   579  C CZ3 . TRP A 1 66  ? 4.632   -7.753  -0.168  1.00 20.47  ? 72  TRP B CZ3 1 
ATOM   580  C CH2 . TRP A 1 66  ? 4.007   -6.714  0.506   1.00 18.89  ? 72  TRP B CH2 1 
ATOM   581  N N   . GLU A 1 67  ? 4.890   -5.557  -7.056  1.00 15.23  ? 73  GLU B N   1 
ATOM   582  C CA  . GLU A 1 67  ? 4.940   -4.250  -7.765  1.00 14.86  ? 73  GLU B CA  1 
ATOM   583  C C   . GLU A 1 67  ? 3.548   -3.691  -7.965  1.00 15.88  ? 73  GLU B C   1 
ATOM   584  O O   . GLU A 1 67  ? 2.632   -4.472  -8.250  1.00 16.23  ? 73  GLU B O   1 
ATOM   585  C CB  . GLU A 1 67  ? 5.641   -4.397  -9.108  1.00 16.89  ? 73  GLU B CB  1 
ATOM   586  C CG  . GLU A 1 67  ? 7.137   -4.698  -8.920  1.00 19.15  ? 73  GLU B CG  1 
ATOM   587  C CD  . GLU A 1 67  ? 7.978   -4.794  -10.174 1.00 24.68  ? 73  GLU B CD  1 
ATOM   588  O OE1 . GLU A 1 67  ? 7.398   -4.641  -11.296 1.00 27.60  ? 73  GLU B OE1 1 
ATOM   589  O OE2 . GLU A 1 67  ? 9.231   -5.003  -10.044 1.00 21.92  ? 73  GLU B OE2 1 
ATOM   590  N N   . VAL A 1 68  ? 3.424   -2.372  -7.861  1.00 15.68  ? 74  VAL B N   1 
ATOM   591  C CA  . VAL A 1 68  ? 2.135   -1.671  -8.002  1.00 16.36  ? 74  VAL B CA  1 
ATOM   592  C C   . VAL A 1 68  ? 2.261   -0.548  -9.024  1.00 16.30  ? 74  VAL B C   1 
ATOM   593  O O   . VAL A 1 68  ? 3.233   0.238   -8.934  1.00 15.26  ? 74  VAL B O   1 
ATOM   594  C CB  . VAL A 1 68  ? 1.660   -1.106  -6.664  1.00 16.52  ? 74  VAL B CB  1 
ATOM   595  C CG1 . VAL A 1 68  ? 0.264   -0.509  -6.810  1.00 17.99  ? 74  VAL B CG1 1 
ATOM   596  C CG2 . VAL A 1 68  ? 1.679   -2.156  -5.582  1.00 17.87  ? 74  VAL B CG2 1 
ATOM   597  N N   . ASP A 1 69  ? 1.309   -0.487  -9.945  1.00 15.57  ? 75  ASP B N   1 
ATOM   598  C CA  . ASP A 1 69  ? 1.213   0.603   -10.940 1.00 16.49  ? 75  ASP B CA  1 
ATOM   599  C C   . ASP A 1 69  ? 0.440   1.766   -10.333 1.00 16.54  ? 75  ASP B C   1 
ATOM   600  O O   . ASP A 1 69  ? -0.708  1.534   -9.778  1.00 17.60  ? 75  ASP B O   1 
ATOM   601  C CB  . ASP A 1 69  ? 0.573   0.080   -12.229 1.00 18.29  ? 75  ASP B CB  1 
ATOM   602  C CG  . ASP A 1 69  ? 0.735   1.062   -13.383 1.00 20.93  ? 75  ASP B CG  1 
ATOM   603  O OD1 . ASP A 1 69  ? 0.228   2.174   -13.275 1.00 22.60  ? 75  ASP B OD1 1 
ATOM   604  O OD2 . ASP A 1 69  ? 1.496   0.752   -14.319 1.00 30.22  ? 75  ASP B OD2 1 
ATOM   605  N N   . VAL A 1 70  ? 1.076   2.948   -10.345 1.00 16.51  ? 76  VAL B N   1 
ATOM   606  C CA  . VAL A 1 70  ? 0.515   4.222   -9.830  1.00 16.82  ? 76  VAL B CA  1 
ATOM   607  C C   . VAL A 1 70  ? 0.337   5.257   -10.952 1.00 18.74  ? 76  VAL B C   1 
ATOM   608  O O   . VAL A 1 70  ? 0.170   6.433   -10.631 1.00 18.60  ? 76  VAL B O   1 
ATOM   609  C CB  . VAL A 1 70  ? 1.374   4.767   -8.662  1.00 15.53  ? 76  VAL B CB  1 
ATOM   610  C CG1 . VAL A 1 70  ? 1.412   3.727   -7.510  1.00 16.09  ? 76  VAL B CG1 1 
ATOM   611  C CG2 . VAL A 1 70  ? 2.788   5.132   -9.061  1.00 16.99  ? 76  VAL B CG2 1 
ATOM   612  N N   . THR A 1 71  ? 0.403   4.849   -12.226 1.00 18.02  ? 77  THR B N   1 
ATOM   613  C CA  . THR A 1 71  ? 0.295   5.763   -13.383 1.00 19.13  ? 77  THR B CA  1 
ATOM   614  C C   . THR A 1 71  ? -0.894  6.721   -13.206 1.00 19.11  ? 77  THR B C   1 
ATOM   615  O O   . THR A 1 71  ? -2.014  6.274   -12.872 1.00 19.43  ? 77  THR B O   1 
ATOM   616  C CB  . THR A 1 71  ? 0.149   4.949   -14.663 1.00 19.88  ? 77  THR B CB  1 
ATOM   617  O OG1 . THR A 1 71  ? 1.342   4.188   -14.878 1.00 25.06  ? 77  THR B OG1 1 
ATOM   618  C CG2 . THR A 1 71  ? -0.084  5.873   -15.834 1.00 25.42  ? 77  THR B CG2 1 
ATOM   619  N N   . GLN A 1 72  ? -0.600  7.997   -13.441 1.00 21.56  ? 78  GLN B N   1 
ATOM   620  C CA  . GLN A 1 72  ? -1.462  9.214   -13.511 1.00 26.50  ? 78  GLN B CA  1 
ATOM   621  C C   . GLN A 1 72  ? -2.257  9.436   -12.224 1.00 24.68  ? 78  GLN B C   1 
ATOM   622  O O   . GLN A 1 72  ? -3.186  10.249  -12.240 1.00 26.72  ? 78  GLN B O   1 
ATOM   623  C CB  . GLN A 1 72  ? -2.289  9.224   -14.797 1.00 33.50  ? 78  GLN B CB  1 
ATOM   624  C CG  . GLN A 1 72  ? -3.346  8.145   -14.901 1.00 37.40  ? 78  GLN B CG  1 
ATOM   625  C CD  . GLN A 1 72  ? -4.703  8.662   -15.334 1.00 45.02  ? 78  GLN B CD  1 
ATOM   626  O OE1 . GLN A 1 72  ? -5.490  7.947   -15.966 1.00 47.02  ? 78  GLN B OE1 1 
ATOM   627  N NE2 . GLN A 1 72  ? -5.029  9.871   -14.895 1.00 46.69  ? 78  GLN B NE2 1 
ATOM   628  N N   . LYS A 1 73  ? -1.831  8.891   -11.094 1.00 17.86  ? 79  LYS B N   1 
ATOM   629  C CA  . LYS A 1 73  ? -2.465  9.262   -9.813  1.00 17.08  ? 79  LYS B CA  1 
ATOM   630  C C   . LYS A 1 73  ? -1.788  10.474  -9.149  1.00 15.45  ? 79  LYS B C   1 
ATOM   631  O O   . LYS A 1 73  ? -0.555  10.650  -9.294  1.00 18.73  ? 79  LYS B O   1 
ATOM   632  C CB  . LYS A 1 73  ? -2.466  8.036   -8.898  1.00 17.85  ? 79  LYS B CB  1 
ATOM   633  C CG  . LYS A 1 73  ? -3.366  6.902   -9.385  1.00 18.76  ? 79  LYS B CG  1 
ATOM   634  C CD  . LYS A 1 73  ? -3.632  5.827   -8.344  1.00 20.16  ? 79  LYS B CD  1 
ATOM   635  C CE  . LYS A 1 73  ? -4.438  6.247   -7.129  1.00 16.85  ? 79  LYS B CE  1 
ATOM   636  N NZ  . LYS A 1 73  ? -5.766  6.847   -7.444  1.00 16.11  ? 79  LYS B NZ  1 
ATOM   637  N N   . GLU A 1 74  ? -2.592  11.311  -8.506  1.00 15.04  ? 80  GLU B N   1 
ATOM   638  C CA  . GLU A 1 74  ? -2.168  12.507  -7.752  1.00 15.09  ? 80  GLU B CA  1 
ATOM   639  C C   . GLU A 1 74  ? -1.895  12.178  -6.286  1.00 14.06  ? 80  GLU B C   1 
ATOM   640  O O   . GLU A 1 74  ? -1.224  12.953  -5.589  1.00 14.05  ? 80  GLU B O   1 
ATOM   641  C CB  . GLU A 1 74  ? -3.271  13.587  -7.794  1.00 16.05  ? 80  GLU B CB  1 
ATOM   642  C CG  . GLU A 1 74  ? -3.533  14.121  -9.177  1.00 18.05  ? 80  GLU B CG  1 
ATOM   643  C CD  . GLU A 1 74  ? -4.678  15.138  -9.154  1.00 19.00  ? 80  GLU B CD  1 
ATOM   644  O OE1 . GLU A 1 74  ? -4.807  15.878  -10.154 1.00 23.61  ? 80  GLU B OE1 1 
ATOM   645  O OE2 . GLU A 1 74  ? -5.447  15.158  -8.152  1.00 22.43  ? 80  GLU B OE2 1 
ATOM   646  N N   . ALA A 1 75  ? -2.445  11.084  -5.783  1.00 14.88  ? 81  ALA B N   1 
ATOM   647  C CA  . ALA A 1 75  ? -2.391  10.785  -4.339  1.00 13.49  ? 81  ALA B CA  1 
ATOM   648  C C   . ALA A 1 75  ? -2.558  9.294   -4.169  1.00 14.76  ? 81  ALA B C   1 
ATOM   649  O O   . ALA A 1 75  ? -3.480  8.732   -4.808  1.00 13.89  ? 81  ALA B O   1 
ATOM   650  C CB  . ALA A 1 75  ? -3.454  11.506  -3.556  1.00 14.99  ? 81  ALA B CB  1 
ATOM   651  N N   . TRP A 1 76  ? -1.800  8.698   -3.260  1.00 14.20  ? 82  TRP B N   1 
ATOM   652  C CA  . TRP A 1 76  ? -1.910  7.243   -2.909  1.00 14.92  ? 82  TRP B CA  1 
ATOM   653  C C   . TRP A 1 76  ? -1.021  6.970   -1.705  1.00 13.57  ? 82  TRP B C   1 
ATOM   654  O O   . TRP A 1 76  ? -0.077  7.735   -1.455  1.00 13.44  ? 82  TRP B O   1 
ATOM   655  C CB  . TRP A 1 76  ? -1.554  6.337   -4.098  1.00 15.64  ? 82  TRP B CB  1 
ATOM   656  C CG  . TRP A 1 76  ? -0.272  6.633   -4.804  1.00 15.13  ? 82  TRP B CG  1 
ATOM   657  C CD1 . TRP A 1 76  ? -0.140  7.375   -5.955  1.00 15.83  ? 82  TRP B CD1 1 
ATOM   658  C CD2 . TRP A 1 76  ? 1.088   6.362   -4.385  1.00 15.47  ? 82  TRP B CD2 1 
ATOM   659  N NE1 . TRP A 1 76  ? 1.164   7.496   -6.323  1.00 16.69  ? 82  TRP B NE1 1 
ATOM   660  C CE2 . TRP A 1 76  ? 1.943   6.912   -5.358  1.00 16.39  ? 82  TRP B CE2 1 
ATOM   661  C CE3 . TRP A 1 76  ? 1.657   5.685   -3.292  1.00 16.56  ? 82  TRP B CE3 1 
ATOM   662  C CZ2 . TRP A 1 76  ? 3.328   6.801   -5.312  1.00 15.82  ? 82  TRP B CZ2 1 
ATOM   663  C CZ3 . TRP A 1 76  ? 3.041   5.591   -3.240  1.00 14.71  ? 82  TRP B CZ3 1 
ATOM   664  C CH2 . TRP A 1 76  ? 3.856   6.149   -4.230  1.00 16.83  ? 82  TRP B CH2 1 
ATOM   665  N N   . ASP A 1 77  ? -1.260  5.854   -1.010  1.00 14.17  ? 83  ASP B N   1 
ATOM   666  C CA  . ASP A 1 77  ? -0.359  5.297   0.020   1.00 14.31  ? 83  ASP B CA  1 
ATOM   667  C C   . ASP A 1 77  ? -0.144  3.818   -0.323  1.00 13.33  ? 83  ASP B C   1 
ATOM   668  O O   . ASP A 1 77  ? -1.124  3.166   -0.783  1.00 13.73  ? 83  ASP B O   1 
ATOM   669  C CB  . ASP A 1 77  ? -0.908  5.370   1.439   1.00 15.34  ? 83  ASP B CB  1 
ATOM   670  C CG  . ASP A 1 77  ? -1.593  6.629   1.913   1.00 17.48  ? 83  ASP B CG  1 
ATOM   671  O OD1 . ASP A 1 77  ? -1.149  7.676   1.558   1.00 22.46  ? 83  ASP B OD1 1 
ATOM   672  O OD2 . ASP A 1 77  ? -2.597  6.494   2.689   1.00 20.52  ? 83  ASP B OD2 1 
ATOM   673  N N   . LEU A 1 78  ? 1.069   3.301   -0.182  1.00 12.43  ? 84  LEU B N   1 
ATOM   674  C CA  . LEU A 1 78  ? 1.411   1.886   -0.410  1.00 12.97  ? 84  LEU B CA  1 
ATOM   675  C C   . LEU A 1 78  ? 2.349   1.394   0.689   1.00 12.88  ? 84  LEU B C   1 
ATOM   676  O O   . LEU A 1 78  ? 3.239   2.129   1.136   1.00 12.00  ? 84  LEU B O   1 
ATOM   677  C CB  . LEU A 1 78  ? 2.136   1.741   -1.754  1.00 13.77  ? 84  LEU B CB  1 
ATOM   678  C CG  . LEU A 1 78  ? 1.325   1.911   -3.010  1.00 15.30  ? 84  LEU B CG  1 
ATOM   679  C CD1 . LEU A 1 78  ? 2.257   1.901   -4.218  1.00 15.34  ? 84  LEU B CD1 1 
ATOM   680  C CD2 . LEU A 1 78  ? 0.232   0.885   -3.099  1.00 15.86  ? 84  LEU B CD2 1 
ATOM   681  N N   . GLY A 1 79  ? 2.240   0.116   0.987   1.00 12.40  ? 85  GLY B N   1 
ATOM   682  C CA  . GLY A 1 79  ? 3.247   -0.582  1.794   1.00 14.65  ? 85  GLY B CA  1 
ATOM   683  C C   . GLY A 1 79  ? 2.682   -1.845  2.386   1.00 11.71  ? 85  GLY B C   1 
ATOM   684  O O   . GLY A 1 79  ? 2.039   -2.602  1.679   1.00 12.57  ? 85  GLY B O   1 
ATOM   685  N N   A VAL A 1 80  ? 2.964   -2.076  3.669   0.10 12.79  ? 86  VAL B N   1 
ATOM   686  N N   B VAL A 1 80  ? 2.871   -2.021  3.688   0.08 12.72  ? 86  VAL B N   1 
ATOM   687  C CA  A VAL A 1 80  ? 2.447   -3.230  4.456   0.10 13.19  ? 86  VAL B CA  1 
ATOM   688  C CA  B VAL A 1 80  ? 2.485   -3.253  4.424   0.08 13.05  ? 86  VAL B CA  1 
ATOM   689  C C   A VAL A 1 80  ? 1.924   -2.713  5.791   0.10 13.35  ? 86  VAL B C   1 
ATOM   690  C C   B VAL A 1 80  ? 2.062   -2.821  5.834   0.08 13.25  ? 86  VAL B C   1 
ATOM   691  O O   A VAL A 1 80  ? 2.287   -1.589  6.210   0.10 13.73  ? 86  VAL B O   1 
ATOM   692  O O   B VAL A 1 80  ? 2.593   -1.799  6.321   0.08 13.67  ? 86  VAL B O   1 
ATOM   693  C CB  A VAL A 1 80  ? 3.504   -4.324  4.697   0.10 13.68  ? 86  VAL B CB  1 
ATOM   694  C CB  B VAL A 1 80  ? 3.661   -4.250  4.393   0.08 13.39  ? 86  VAL B CB  1 
ATOM   695  C CG1 A VAL A 1 80  ? 3.886   -5.018  3.409   0.10 14.09  ? 86  VAL B CG1 1 
ATOM   696  C CG1 B VAL A 1 80  ? 4.813   -3.804  5.279   0.08 13.52  ? 86  VAL B CG1 1 
ATOM   697  C CG2 A VAL A 1 80  ? 4.736   -3.793  5.412   0.10 13.81  ? 86  VAL B CG2 1 
ATOM   698  C CG2 B VAL A 1 80  ? 3.232   -5.665  4.733   0.08 13.72  ? 86  VAL B CG2 1 
ATOM   699  N N   . CYS A 1 81  ? 1.106   -3.528  6.436   1.00 13.04  ? 87  CYS B N   1 
ATOM   700  C CA  . CYS A 1 81  ? 0.619   -3.220  7.788   1.00 13.64  ? 87  CYS B CA  1 
ATOM   701  C C   . CYS A 1 81  ? 0.378   -4.485  8.574   1.00 14.98  ? 87  CYS B C   1 
ATOM   702  O O   . CYS A 1 81  ? 0.227   -5.602  7.991   1.00 14.09  ? 87  CYS B O   1 
ATOM   703  C CB  . CYS A 1 81  ? -0.634  -2.362  7.759   1.00 13.92  ? 87  CYS B CB  1 
ATOM   704  S SG  . CYS A 1 81  ? -2.077  -3.173  7.055   1.00 16.24  ? 87  CYS B SG  1 
ATOM   705  N N   A ARG A 1 82  ? 0.298   -4.333  9.894   0.10 14.77  ? 88  ARG B N   1 
ATOM   706  N N   B ARG A 1 82  ? 0.311   -4.343  9.896   0.08 15.02  ? 88  ARG B N   1 
ATOM   707  C CA  A ARG A 1 82  ? -0.112  -5.437  10.795  0.10 15.26  ? 88  ARG B CA  1 
ATOM   708  C CA  B ARG A 1 82  ? -0.044  -5.454  10.817  0.08 15.63  ? 88  ARG B CA  1 
ATOM   709  C C   A ARG A 1 82  ? -1.531  -5.874  10.439  0.10 15.23  ? 88  ARG B C   1 
ATOM   710  C C   B ARG A 1 82  ? -1.506  -5.858  10.555  0.08 15.55  ? 88  ARG B C   1 
ATOM   711  O O   A ARG A 1 82  ? -2.358  -5.021  10.055  0.10 15.55  ? 88  ARG B O   1 
ATOM   712  O O   B ARG A 1 82  ? -2.337  -4.954  10.331  0.08 15.79  ? 88  ARG B O   1 
ATOM   713  C CB  A ARG A 1 82  ? -0.076  -5.008  12.259  0.10 15.50  ? 88  ARG B CB  1 
ATOM   714  C CB  B ARG A 1 82  ? 0.203   -5.018  12.266  0.08 16.07  ? 88  ARG B CB  1 
ATOM   715  C CG  A ARG A 1 82  ? 1.324   -4.706  12.755  0.10 15.62  ? 88  ARG B CG  1 
ATOM   716  C CG  B ARG A 1 82  ? 0.268   -6.168  13.259  0.08 16.53  ? 88  ARG B CG  1 
ATOM   717  C CD  A ARG A 1 82  ? 1.285   -4.295  14.206  0.10 15.98  ? 88  ARG B CD  1 
ATOM   718  C CD  B ARG A 1 82  ? 0.499   -5.696  14.677  0.08 16.56  ? 88  ARG B CD  1 
ATOM   719  N NE  A ARG A 1 82  ? 2.588   -3.807  14.634  0.10 15.55  ? 88  ARG B NE  1 
ATOM   720  N NE  B ARG A 1 82  ? 1.736   -4.936  14.798  0.08 17.27  ? 88  ARG B NE  1 
ATOM   721  C CZ  A ARG A 1 82  ? 2.782   -2.842  15.525  0.10 15.45  ? 88  ARG B CZ  1 
ATOM   722  C CZ  B ARG A 1 82  ? 1.842   -3.679  15.237  0.08 17.01  ? 88  ARG B CZ  1 
ATOM   723  N NH1 A ARG A 1 82  ? 1.755   -2.213  16.073  0.10 15.43  ? 88  ARG B NH1 1 
ATOM   724  N NH1 B ARG A 1 82  ? 0.779   -2.997  15.628  0.08 17.41  ? 88  ARG B NH1 1 
ATOM   725  N NH2 A ARG A 1 82  ? 4.013   -2.483  15.841  0.10 15.75  ? 88  ARG B NH2 1 
ATOM   726  N NH2 B ARG A 1 82  ? 3.032   -3.107  15.296  0.08 16.78  ? 88  ARG B NH2 1 
ATOM   727  N N   . ASP A 1 83  ? -1.812  -7.163  10.585  1.00 16.10  ? 89  ASP B N   1 
ATOM   728  C CA  . ASP A 1 83  ? -3.197  -7.662  10.375  1.00 17.36  ? 89  ASP B CA  1 
ATOM   729  C C   . ASP A 1 83  ? -4.136  -7.008  11.394  1.00 19.37  ? 89  ASP B C   1 
ATOM   730  O O   . ASP A 1 83  ? -5.353  -6.911  11.121  1.00 21.28  ? 89  ASP B O   1 
ATOM   731  C CB  . ASP A 1 83  ? -3.212  -9.187  10.469  1.00 21.04  ? 89  ASP B CB  1 
ATOM   732  C CG  . ASP A 1 83  ? -2.866  -9.771  11.814  1.00 26.57  ? 89  ASP B CG  1 
ATOM   733  O OD1 . ASP A 1 83  ? -2.351  -9.023  12.714  1.00 33.46  ? 89  ASP B OD1 1 
ATOM   734  O OD2 . ASP A 1 83  ? -3.130  -10.993 11.970  1.00 34.61  ? 89  ASP B OD2 1 
ATOM   735  N N   . SER A 1 84  ? -3.634  -6.557  12.539  1.00 18.79  ? 90  SER B N   1 
ATOM   736  C CA  . SER A 1 84  ? -4.478  -6.040  13.647  1.00 19.84  ? 90  SER B CA  1 
ATOM   737  C C   . SER A 1 84  ? -4.599  -4.508  13.655  1.00 18.50  ? 90  SER B C   1 
ATOM   738  O O   . SER A 1 84  ? -5.080  -3.979  14.645  1.00 18.65  ? 90  SER B O   1 
ATOM   739  C CB  . SER A 1 84  ? -3.935  -6.549  14.980  1.00 22.46  ? 90  SER B CB  1 
ATOM   740  O OG  . SER A 1 84  ? -2.603  -6.181  15.154  1.00 23.08  ? 90  SER B OG  1 
ATOM   741  N N   . VAL A 1 85  ? -4.232  -3.814  12.570  1.00 16.26  ? 91  VAL B N   1 
ATOM   742  C CA  . VAL A 1 85  ? -4.393  -2.343  12.526  1.00 16.00  ? 91  VAL B CA  1 
ATOM   743  C C   . VAL A 1 85  ? -5.860  -1.995  12.741  1.00 15.24  ? 91  VAL B C   1 
ATOM   744  O O   . VAL A 1 85  ? -6.756  -2.726  12.257  1.00 15.96  ? 91  VAL B O   1 
ATOM   745  C CB  . VAL A 1 85  ? -3.813  -1.660  11.262  1.00 15.29  ? 91  VAL B CB  1 
ATOM   746  C CG1 . VAL A 1 85  ? -2.321  -1.832  11.219  1.00 15.85  ? 91  VAL B CG1 1 
ATOM   747  C CG2 . VAL A 1 85  ? -4.444  -2.069  9.959   1.00 16.02  ? 91  VAL B CG2 1 
ATOM   748  N N   . GLN A 1 86  ? -6.018  -0.819  13.317  1.00 17.98  ? 92  GLN B N   1 
ATOM   749  C CA  . GLN A 1 86  ? -7.323  -0.117  13.492  1.00 19.48  ? 92  GLN B CA  1 
ATOM   750  C C   . GLN A 1 86  ? -7.979  0.013   12.113  1.00 17.94  ? 92  GLN B C   1 
ATOM   751  O O   . GLN A 1 86  ? -7.296  0.469   11.164  1.00 19.13  ? 92  GLN B O   1 
ATOM   752  C CB  . GLN A 1 86  ? -7.040  1.230   14.170  1.00 21.87  ? 92  GLN B CB  1 
ATOM   753  C CG  . GLN A 1 86  ? -8.246  2.139   14.378  1.00 25.14  ? 92  GLN B CG  1 
ATOM   754  C CD  . GLN A 1 86  ? -7.822  3.500   14.895  1.00 27.40  ? 92  GLN B CD  1 
ATOM   755  O OE1 . GLN A 1 86  ? -6.696  3.705   15.394  1.00 27.85  ? 92  GLN B OE1 1 
ATOM   756  N NE2 . GLN A 1 86  ? -8.743  4.466   14.810  1.00 29.32  ? 92  GLN B NE2 1 
ATOM   757  N N   . ARG A 1 87  ? -9.294  -0.256  12.044  1.00 18.41  ? 93  ARG B N   1 
ATOM   758  C CA  . ARG A 1 87  ? -10.083 -0.117  10.787  1.00 16.95  ? 93  ARG B CA  1 
ATOM   759  C C   . ARG A 1 87  ? -11.010 1.105   10.847  1.00 18.40  ? 93  ARG B C   1 
ATOM   760  O O   . ARG A 1 87  ? -11.260 1.665   9.780   1.00 16.70  ? 93  ARG B O   1 
ATOM   761  C CB  . ARG A 1 87  ? -10.907 -1.357  10.466  1.00 16.93  ? 93  ARG B CB  1 
ATOM   762  C CG  . ARG A 1 87  ? -10.095 -2.638  10.426  1.00 15.72  ? 93  ARG B CG  1 
ATOM   763  C CD  . ARG A 1 87  ? -8.865  -2.606  9.505   1.00 18.94  ? 93  ARG B CD  1 
ATOM   764  N NE  . ARG A 1 87  ? -8.065  -3.834  9.726   1.00 20.52  ? 93  ARG B NE  1 
ATOM   765  C CZ  . ARG A 1 87  ? -8.285  -5.036  9.211   1.00 20.22  ? 93  ARG B CZ  1 
ATOM   766  N NH1 . ARG A 1 87  ? -9.270  -5.266  8.369   1.00 21.20  ? 93  ARG B NH1 1 
ATOM   767  N NH2 . ARG A 1 87  ? -7.505  -6.036  9.543   1.00 21.51  ? 93  ARG B NH2 1 
ATOM   768  N N   . LYS A 1 88  ? -11.499 1.491   12.022  1.00 18.13  ? 94  LYS B N   1 
ATOM   769  C CA  . LYS A 1 88  ? -12.570 2.508   12.153  1.00 19.23  ? 94  LYS B CA  1 
ATOM   770  C C   . LYS A 1 88  ? -11.996 3.800   12.697  1.00 21.46  ? 94  LYS B C   1 
ATOM   771  O O   . LYS A 1 88  ? -11.127 3.756   13.589  1.00 23.81  ? 94  LYS B O   1 
ATOM   772  C CB  . LYS A 1 88  ? -13.715 1.975   13.020  1.00 20.88  ? 94  LYS B CB  1 
ATOM   773  C CG  . LYS A 1 88  ? -14.202 0.570   12.667  1.00 21.03  ? 94  LYS B CG  1 
ATOM   774  C CD  . LYS A 1 88  ? -14.739 0.404   11.236  1.00 20.85  ? 94  LYS B CD  1 
ATOM   775  C CE  . LYS A 1 88  ? -15.343 -0.948  10.984  1.00 22.06  ? 94  LYS B CE  1 
ATOM   776  N NZ  . LYS A 1 88  ? -15.806 -1.045  9.580   1.00 24.36  ? 94  LYS B NZ  1 
ATOM   777  N N   . GLY A 1 89  ? -12.543 4.913   12.233  1.00 20.97  ? 95  GLY B N   1 
ATOM   778  C CA  . GLY A 1 89  ? -12.177 6.245   12.707  1.00 22.55  ? 95  GLY B CA  1 
ATOM   779  C C   . GLY A 1 89  ? -10.878 6.747   12.130  1.00 23.93  ? 95  GLY B C   1 
ATOM   780  O O   . GLY A 1 89  ? -10.428 6.185   11.071  1.00 21.68  ? 95  GLY B O   1 
ATOM   781  N N   . GLN A 1 90  ? -10.362 7.818   12.729  1.00 24.38  ? 96  GLN B N   1 
ATOM   782  C CA  . GLN A 1 90  ? -9.171  8.531   12.247  1.00 27.63  ? 96  GLN B CA  1 
ATOM   783  C C   . GLN A 1 90  ? -7.922  7.943   12.894  1.00 24.06  ? 96  GLN B C   1 
ATOM   784  O O   . GLN A 1 90  ? -7.978  7.486   14.060  1.00 22.42  ? 96  GLN B O   1 
ATOM   785  C CB  . GLN A 1 90  ? -9.284  10.030  12.513  1.00 32.52  ? 96  GLN B CB  1 
ATOM   786  C CG  . GLN A 1 90  ? -10.416 10.674  11.736  1.00 36.93  ? 96  GLN B CG  1 
ATOM   787  C CD  . GLN A 1 90  ? -10.799 11.988  12.354  1.00 47.87  ? 96  GLN B CD  1 
ATOM   788  O OE1 . GLN A 1 90  ? -10.176 13.012  12.073  1.00 60.59  ? 96  GLN B OE1 1 
ATOM   789  N NE2 . GLN A 1 90  ? -11.816 11.960  13.206  1.00 52.26  ? 96  GLN B NE2 1 
ATOM   790  N N   . PHE A 1 91  ? -6.847  7.882   12.118  1.00 19.62  ? 97  PHE B N   1 
ATOM   791  C CA  . PHE A 1 91  ? -5.519  7.401   12.558  1.00 20.20  ? 97  PHE B CA  1 
ATOM   792  C C   . PHE A 1 91  ? -4.455  7.908   11.595  1.00 20.08  ? 97  PHE B C   1 
ATOM   793  O O   . PHE A 1 91  ? -4.739  8.263   10.427  1.00 21.15  ? 97  PHE B O   1 
ATOM   794  C CB  . PHE A 1 91  ? -5.541  5.874   12.692  1.00 20.16  ? 97  PHE B CB  1 
ATOM   795  C CG  . PHE A 1 91  ? -5.880  5.132   11.426  1.00 19.60  ? 97  PHE B CG  1 
ATOM   796  C CD1 . PHE A 1 91  ? -4.897  4.893   10.468  1.00 19.86  ? 97  PHE B CD1 1 
ATOM   797  C CD2 . PHE A 1 91  ? -7.156  4.662   11.191  1.00 20.99  ? 97  PHE B CD2 1 
ATOM   798  C CE1 . PHE A 1 91  ? -5.199  4.201   9.312   1.00 17.90  ? 97  PHE B CE1 1 
ATOM   799  C CE2 . PHE A 1 91  ? -7.456  3.945   10.048  1.00 20.28  ? 97  PHE B CE2 1 
ATOM   800  C CZ  . PHE A 1 91  ? -6.459  3.676   9.129   1.00 19.42  ? 97  PHE B CZ  1 
ATOM   801  N N   A SER A 1 92  ? -3.215  7.987   12.083  0.25 20.50  ? 98  SER B N   1 
ATOM   802  N N   B SER A 1 92  ? -3.216  7.947   12.092  0.25 19.97  ? 98  SER B N   1 
ATOM   803  C CA  A SER A 1 92  ? -2.024  8.333   11.268  0.25 20.71  ? 98  SER B CA  1 
ATOM   804  C CA  B SER A 1 92  ? -2.004  8.311   11.319  0.25 19.88  ? 98  SER B CA  1 
ATOM   805  C C   A SER A 1 92  ? -1.334  7.054   10.797  0.25 19.37  ? 98  SER B C   1 
ATOM   806  C C   B SER A 1 92  ? -1.313  7.046   10.812  0.25 18.89  ? 98  SER B C   1 
ATOM   807  O O   A SER A 1 92  ? -1.367  6.050   11.541  0.25 19.35  ? 98  SER B O   1 
ATOM   808  O O   B SER A 1 92  ? -1.341  6.026   11.539  0.25 18.91  ? 98  SER B O   1 
ATOM   809  C CB  A SER A 1 92  ? -1.069  9.175   12.057  0.25 23.33  ? 98  SER B CB  1 
ATOM   810  C CB  B SER A 1 92  ? -1.082  9.135   12.173  0.25 21.64  ? 98  SER B CB  1 
ATOM   811  O OG  A SER A 1 92  ? -0.918  8.631   13.350  0.25 25.49  ? 98  SER B OG  1 
ATOM   812  O OG  B SER A 1 92  ? -1.709  10.368  12.499  0.25 22.67  ? 98  SER B OG  1 
ATOM   813  N N   . LEU A 1 93  ? -0.729  7.113   9.609   1.00 17.92  ? 99  LEU B N   1 
ATOM   814  C CA  . LEU A 1 93  ? 0.106   6.009   9.084   1.00 18.65  ? 99  LEU B CA  1 
ATOM   815  C C   . LEU A 1 93  ? 1.498   6.140   9.702   1.00 19.48  ? 99  LEU B C   1 
ATOM   816  O O   . LEU A 1 93  ? 2.274   7.009   9.295   1.00 21.01  ? 99  LEU B O   1 
ATOM   817  C CB  . LEU A 1 93  ? 0.143   6.035   7.560   1.00 18.74  ? 99  LEU B CB  1 
ATOM   818  C CG  . LEU A 1 93  ? -1.171  5.827   6.842   1.00 20.20  ? 99  LEU B CG  1 
ATOM   819  C CD1 . LEU A 1 93  ? -0.963  5.916   5.331   1.00 22.34  ? 99  LEU B CD1 1 
ATOM   820  C CD2 . LEU A 1 93  ? -1.839  4.509   7.176   1.00 21.93  ? 99  LEU B CD2 1 
ATOM   821  N N   . SER A 1 94  ? 1.825   5.279   10.683  1.00 18.20  ? 100 SER B N   1 
ATOM   822  C CA  . SER A 1 94  ? 3.142   5.286   11.345  1.00 18.48  ? 100 SER B CA  1 
ATOM   823  C C   . SER A 1 94  ? 3.454   3.868   11.814  1.00 16.41  ? 100 SER B C   1 
ATOM   824  O O   . SER A 1 94  ? 2.535   3.062   11.998  1.00 15.96  ? 100 SER B O   1 
ATOM   825  C CB  . SER A 1 94  ? 3.183   6.187   12.545  1.00 21.48  ? 100 SER B CB  1 
ATOM   826  O OG  . SER A 1 94  ? 2.288   5.682   13.542  1.00 21.81  ? 100 SER B OG  1 
ATOM   827  N N   . PRO A 1 95  ? 4.739   3.551   11.992  1.00 16.14  ? 101 PRO B N   1 
ATOM   828  C CA  . PRO A 1 95  ? 5.106   2.233   12.502  1.00 15.85  ? 101 PRO B CA  1 
ATOM   829  C C   . PRO A 1 95  ? 4.515   1.998   13.894  1.00 17.05  ? 101 PRO B C   1 
ATOM   830  O O   . PRO A 1 95  ? 4.121   0.852   14.134  1.00 15.66  ? 101 PRO B O   1 
ATOM   831  C CB  . PRO A 1 95  ? 6.649   2.256   12.482  1.00 17.64  ? 101 PRO B CB  1 
ATOM   832  C CG  . PRO A 1 95  ? 6.939   3.248   11.353  1.00 18.21  ? 101 PRO B CG  1 
ATOM   833  C CD  . PRO A 1 95  ? 5.917   4.330   11.595  1.00 17.70  ? 101 PRO B CD  1 
ATOM   834  N N   . GLU A 1 96  ? 4.359   3.043   14.707  1.00 18.68  ? 102 GLU B N   1 
ATOM   835  C CA  . GLU A 1 96  ? 3.724   2.904   16.056  1.00 22.86  ? 102 GLU B CA  1 
ATOM   836  C C   . GLU A 1 96  ? 2.287   2.393   15.925  1.00 22.80  ? 102 GLU B C   1 
ATOM   837  O O   . GLU A 1 96  ? 1.824   1.637   16.822  1.00 22.15  ? 102 GLU B O   1 
ATOM   838  C CB  . GLU A 1 96  ? 3.750   4.215   16.842  1.00 29.20  ? 102 GLU B CB  1 
ATOM   839  C CG  . GLU A 1 96  ? 5.150   4.776   16.989  1.00 40.01  ? 102 GLU B CG  1 
ATOM   840  C CD  . GLU A 1 96  ? 5.514   5.868   15.986  1.00 46.00  ? 102 GLU B CD  1 
ATOM   841  O OE1 . GLU A 1 96  ? 5.818   5.540   14.811  1.00 31.59  ? 102 GLU B OE1 1 
ATOM   842  O OE2 . GLU A 1 96  ? 5.504   7.065   16.395  1.00 57.19  ? 102 GLU B OE2 1 
ATOM   843  N N   . ASN A 1 97  ? 1.576   2.772   14.859  1.00 19.14  ? 103 ASN B N   1 
ATOM   844  C CA  . ASN A 1 97  ? 0.197   2.313   14.583  1.00 18.14  ? 103 ASN B CA  1 
ATOM   845  C C   . ASN A 1 97  ? 0.181   1.046   13.729  1.00 17.31  ? 103 ASN B C   1 
ATOM   846  O O   . ASN A 1 97  ? -0.925  0.568   13.426  1.00 17.87  ? 103 ASN B O   1 
ATOM   847  C CB  . ASN A 1 97  ? -0.632  3.435   13.938  1.00 18.64  ? 103 ASN B CB  1 
ATOM   848  C CG  . ASN A 1 97  ? -1.028  4.518   14.920  1.00 23.26  ? 103 ASN B CG  1 
ATOM   849  O OD1 . ASN A 1 97  ? -0.997  4.311   16.151  1.00 23.74  ? 103 ASN B OD1 1 
ATOM   850  N ND2 . ASN A 1 97  ? -1.362  5.695   14.400  1.00 23.36  ? 103 ASN B ND2 1 
ATOM   851  N N   . GLY A 1 98  ? 1.334   0.465   13.366  1.00 15.14  ? 104 GLY B N   1 
ATOM   852  C CA  . GLY A 1 98  ? 1.372   -0.823  12.645  1.00 14.75  ? 104 GLY B CA  1 
ATOM   853  C C   . GLY A 1 98  ? 1.430   -0.679  11.120  1.00 14.89  ? 104 GLY B C   1 
ATOM   854  O O   . GLY A 1 98  ? 1.012   -1.596  10.446  1.00 14.54  ? 104 GLY B O   1 
ATOM   855  N N   . PHE A 1 99  ? 1.878   0.471   10.599  1.00 15.00  ? 105 PHE B N   1 
ATOM   856  C CA  . PHE A 1 99  ? 1.996   0.696   9.127   1.00 13.81  ? 105 PHE B CA  1 
ATOM   857  C C   . PHE A 1 99  ? 3.429   1.015   8.723   1.00 13.59  ? 105 PHE B C   1 
ATOM   858  O O   . PHE A 1 99  ? 4.103   1.894   9.396   1.00 14.21  ? 105 PHE B O   1 
ATOM   859  C CB  . PHE A 1 99  ? 1.116   1.876   8.685   1.00 14.17  ? 105 PHE B CB  1 
ATOM   860  C CG  . PHE A 1 99  ? -0.357  1.696   8.963   1.00 13.61  ? 105 PHE B CG  1 
ATOM   861  C CD1 . PHE A 1 99  ? -0.907  2.070   10.167  1.00 13.43  ? 105 PHE B CD1 1 
ATOM   862  C CD2 . PHE A 1 99  ? -1.196  1.132   8.013   1.00 13.42  ? 105 PHE B CD2 1 
ATOM   863  C CE1 . PHE A 1 99  ? -2.253  1.881   10.436  1.00 13.53  ? 105 PHE B CE1 1 
ATOM   864  C CE2 . PHE A 1 99  ? -2.551  1.026   8.243   1.00 14.93  ? 105 PHE B CE2 1 
ATOM   865  C CZ  . PHE A 1 99  ? -3.067  1.387   9.458   1.00 13.75  ? 105 PHE B CZ  1 
ATOM   866  N N   . TRP A 1 100 ? 3.901   0.466   7.592   1.00 12.87  ? 106 TRP B N   1 
ATOM   867  C CA  . TRP A 1 100 ? 5.213   0.727   6.964   1.00 11.52  ? 106 TRP B CA  1 
ATOM   868  C C   . TRP A 1 100 ? 4.957   1.132   5.517   1.00 11.12  ? 106 TRP B C   1 
ATOM   869  O O   . TRP A 1 100 ? 4.655   0.241   4.689   1.00 12.09  ? 106 TRP B O   1 
ATOM   870  C CB  . TRP A 1 100 ? 6.196   -0.463  7.102   1.00 11.20  ? 106 TRP B CB  1 
ATOM   871  C CG  . TRP A 1 100 ? 6.486   -0.719  8.550   1.00 11.89  ? 106 TRP B CG  1 
ATOM   872  C CD1 . TRP A 1 100 ? 7.527   -0.211  9.289   1.00 13.28  ? 106 TRP B CD1 1 
ATOM   873  C CD2 . TRP A 1 100 ? 5.710   -1.546  9.449   1.00 12.79  ? 106 TRP B CD2 1 
ATOM   874  N NE1 . TRP A 1 100 ? 7.423   -0.699  10.603  1.00 13.54  ? 106 TRP B NE1 1 
ATOM   875  C CE2 . TRP A 1 100 ? 6.303   -1.470  10.719  1.00 13.54  ? 106 TRP B CE2 1 
ATOM   876  C CE3 . TRP A 1 100 ? 4.553   -2.313  9.296   1.00 12.50  ? 106 TRP B CE3 1 
ATOM   877  C CZ2 . TRP A 1 100 ? 5.786   -2.149  11.842  1.00 14.82  ? 106 TRP B CZ2 1 
ATOM   878  C CZ3 . TRP A 1 100 ? 4.052   -2.969  10.406  1.00 15.77  ? 106 TRP B CZ3 1 
ATOM   879  C CH2 . TRP A 1 100 ? 4.638   -2.881  11.650  1.00 14.26  ? 106 TRP B CH2 1 
ATOM   880  N N   . THR A 1 101 ? 4.832   2.460   5.302   1.00 12.38  ? 107 THR B N   1 
ATOM   881  C CA  . THR A 1 101 ? 4.231   3.002   4.045   1.00 13.02  ? 107 THR B CA  1 
ATOM   882  C C   . THR A 1 101 ? 5.029   4.198   3.503   1.00 12.83  ? 107 THR B C   1 
ATOM   883  O O   . THR A 1 101 ? 5.767   4.866   4.234   1.00 12.94  ? 107 THR B O   1 
ATOM   884  C CB  . THR A 1 101 ? 2.760   3.412   4.270   1.00 14.21  ? 107 THR B CB  1 
ATOM   885  O OG1 . THR A 1 101 ? 2.743   4.496   5.193   1.00 15.74  ? 107 THR B OG1 1 
ATOM   886  C CG2 . THR A 1 101 ? 1.921   2.242   4.716   1.00 14.92  ? 107 THR B CG2 1 
ATOM   887  N N   . ILE A 1 102 ? 4.862   4.411   2.202   1.00 11.94  ? 108 ILE B N   1 
ATOM   888  C CA  . ILE A 1 102 ? 5.200   5.712   1.552   1.00 12.91  ? 108 ILE B CA  1 
ATOM   889  C C   . ILE A 1 102 ? 3.952   6.219   0.834   1.00 14.24  ? 108 ILE B C   1 
ATOM   890  O O   . ILE A 1 102 ? 2.958   5.455   0.637   1.00 12.79  ? 108 ILE B O   1 
ATOM   891  C CB  . ILE A 1 102 ? 6.377   5.571   0.582   1.00 14.09  ? 108 ILE B CB  1 
ATOM   892  C CG1 . ILE A 1 102 ? 5.993   4.762   -0.663  1.00 14.11  ? 108 ILE B CG1 1 
ATOM   893  C CG2 . ILE A 1 102 ? 7.589   5.027   1.312   1.00 15.04  ? 108 ILE B CG2 1 
ATOM   894  C CD1 . ILE A 1 102 ? 7.062   4.705   -1.724  1.00 14.49  ? 108 ILE B CD1 1 
ATOM   895  N N   . TRP A 1 103 ? 4.012   7.497   0.466   1.00 14.38  ? 109 TRP B N   1 
ATOM   896  C CA  . TRP A 1 103 ? 2.863   8.116   -0.225  1.00 14.17  ? 109 TRP B CA  1 
ATOM   897  C C   . TRP A 1 103 ? 3.263   9.249   -1.126  1.00 15.00  ? 109 TRP B C   1 
ATOM   898  O O   . TRP A 1 103 ? 4.347   9.836   -0.959  1.00 14.07  ? 109 TRP B O   1 
ATOM   899  C CB  . TRP A 1 103 ? 1.810   8.554   0.768   1.00 16.75  ? 109 TRP B CB  1 
ATOM   900  C CG  . TRP A 1 103 ? 2.226   9.622   1.721   1.00 17.16  ? 109 TRP B CG  1 
ATOM   901  C CD1 . TRP A 1 103 ? 2.353   10.960  1.445   1.00 18.15  ? 109 TRP B CD1 1 
ATOM   902  C CD2 . TRP A 1 103 ? 2.324   9.488   3.138   1.00 18.58  ? 109 TRP B CD2 1 
ATOM   903  N NE1 . TRP A 1 103 ? 2.575   11.659  2.585   1.00 21.93  ? 109 TRP B NE1 1 
ATOM   904  C CE2 . TRP A 1 103 ? 2.548   10.788  3.636   1.00 19.01  ? 109 TRP B CE2 1 
ATOM   905  C CE3 . TRP A 1 103 ? 2.208   8.412   4.022   1.00 19.34  ? 109 TRP B CE3 1 
ATOM   906  C CZ2 . TRP A 1 103 ? 2.732   11.015  4.990   1.00 22.11  ? 109 TRP B CZ2 1 
ATOM   907  C CZ3 . TRP A 1 103 ? 2.361   8.649   5.359   1.00 20.67  ? 109 TRP B CZ3 1 
ATOM   908  C CH2 . TRP A 1 103 ? 2.627   9.926   5.821   1.00 20.01  ? 109 TRP B CH2 1 
ATOM   909  N N   . LEU A 1 104 ? 2.336   9.553   -2.045  1.00 15.34  ? 110 LEU B N   1 
ATOM   910  C CA  . LEU A 1 104 ? 2.328   10.790  -2.826  1.00 13.45  ? 110 LEU B CA  1 
ATOM   911  C C   . LEU A 1 104 ? 1.169   11.653  -2.330  1.00 14.42  ? 110 LEU B C   1 
ATOM   912  O O   . LEU A 1 104 ? 0.049   11.168  -2.242  1.00 14.45  ? 110 LEU B O   1 
ATOM   913  C CB  . LEU A 1 104 ? 2.166   10.449  -4.311  1.00 14.26  ? 110 LEU B CB  1 
ATOM   914  C CG  . LEU A 1 104 ? 1.964   11.615  -5.272  1.00 14.60  ? 110 LEU B CG  1 
ATOM   915  C CD1 . LEU A 1 104 ? 3.123   12.579  -5.222  1.00 15.02  ? 110 LEU B CD1 1 
ATOM   916  C CD2 . LEU A 1 104 ? 1.681   11.159  -6.682  1.00 16.27  ? 110 LEU B CD2 1 
ATOM   917  N N   . TRP A 1 105 ? 1.456   12.934  -2.125  1.00 15.39  ? 111 TRP B N   1 
ATOM   918  C CA  . TRP A 1 105 ? 0.429   13.906  -1.701  1.00 16.45  ? 111 TRP B CA  1 
ATOM   919  C C   . TRP A 1 105 ? 0.881   15.292  -2.166  1.00 17.87  ? 111 TRP B C   1 
ATOM   920  O O   . TRP A 1 105 ? 2.013   15.699  -1.781  1.00 17.63  ? 111 TRP B O   1 
ATOM   921  C CB  . TRP A 1 105 ? 0.287   13.843  -0.179  1.00 19.98  ? 111 TRP B CB  1 
ATOM   922  C CG  . TRP A 1 105 ? -0.566  14.910  0.390   1.00 24.02  ? 111 TRP B CG  1 
ATOM   923  C CD1 . TRP A 1 105 ? -0.195  16.000  1.134   1.00 24.93  ? 111 TRP B CD1 1 
ATOM   924  C CD2 . TRP A 1 105 ? -1.975  14.984  0.226   1.00 24.33  ? 111 TRP B CD2 1 
ATOM   925  N NE1 . TRP A 1 105 ? -1.299  16.743  1.442   1.00 25.28  ? 111 TRP B NE1 1 
ATOM   926  C CE2 . TRP A 1 105 ? -2.400  16.144  0.899   1.00 23.38  ? 111 TRP B CE2 1 
ATOM   927  C CE3 . TRP A 1 105 ? -2.900  14.207  -0.449  1.00 26.39  ? 111 TRP B CE3 1 
ATOM   928  C CZ2 . TRP A 1 105 ? -3.726  16.539  0.936   1.00 28.90  ? 111 TRP B CZ2 1 
ATOM   929  C CZ3 . TRP A 1 105 ? -4.228  14.566  -0.381  1.00 31.54  ? 111 TRP B CZ3 1 
ATOM   930  C CH2 . TRP A 1 105 ? -4.627  15.742  0.263   1.00 31.06  ? 111 TRP B CH2 1 
ATOM   931  N N   . GLN A 1 106 ? 0.068   15.995  -2.979  1.00 17.19  ? 112 GLN B N   1 
ATOM   932  C CA  . GLN A 1 106 ? 0.387   17.395  -3.399  1.00 18.50  ? 112 GLN B CA  1 
ATOM   933  C C   . GLN A 1 106 ? 1.806   17.516  -3.934  1.00 19.31  ? 112 GLN B C   1 
ATOM   934  O O   . GLN A 1 106 ? 2.572   18.415  -3.430  1.00 21.44  ? 112 GLN B O   1 
ATOM   935  C CB  . GLN A 1 106 ? 0.172   18.352  -2.231  1.00 21.88  ? 112 GLN B CB  1 
ATOM   936  C CG  . GLN A 1 106 ? -1.267  18.322  -1.737  1.00 22.18  ? 112 GLN B CG  1 
ATOM   937  C CD  . GLN A 1 106 ? -1.722  19.428  -0.814  1.00 24.46  ? 112 GLN B CD  1 
ATOM   938  O OE1 . GLN A 1 106 ? -2.937  19.616  -0.592  1.00 27.37  ? 112 GLN B OE1 1 
ATOM   939  N NE2 . GLN A 1 106 ? -0.769  20.071  -0.176  1.00 19.57  ? 112 GLN B NE2 1 
ATOM   940  N N   . ASP A 1 107 ? 2.168   16.702  -4.910  1.00 19.33  ? 113 ASP B N   1 
ATOM   941  C CA  . ASP A 1 107 ? 3.430   16.850  -5.660  1.00 27.17  ? 113 ASP B CA  1 
ATOM   942  C C   . ASP A 1 107 ? 4.654   16.521  -4.785  1.00 24.55  ? 113 ASP B C   1 
ATOM   943  O O   . ASP A 1 107 ? 5.769   16.684  -5.308  1.00 32.38  ? 113 ASP B O   1 
ATOM   944  C CB  . ASP A 1 107 ? 3.509   18.286  -6.186  1.00 31.77  ? 113 ASP B CB  1 
ATOM   945  C CG  . ASP A 1 107 ? 4.135   18.460  -7.549  1.00 44.24  ? 113 ASP B CG  1 
ATOM   946  O OD1 . ASP A 1 107 ? 4.399   17.433  -8.234  1.00 48.25  ? 113 ASP B OD1 1 
ATOM   947  O OD2 . ASP A 1 107 ? 4.342   19.651  -7.932  1.00 58.42  ? 113 ASP B OD2 1 
ATOM   948  N N   . SER A 1 108 ? 4.488   15.984  -3.575  1.00 21.60  ? 114 SER B N   1 
ATOM   949  C CA  . SER A 1 108 ? 5.635   15.501  -2.762  1.00 22.05  ? 114 SER B CA  1 
ATOM   950  C C   . SER A 1 108 ? 5.478   14.023  -2.349  1.00 18.52  ? 114 SER B C   1 
ATOM   951  O O   . SER A 1 108 ? 4.354   13.547  -2.045  1.00 19.16  ? 114 SER B O   1 
ATOM   952  C CB  . SER A 1 108 ? 5.932   16.412  -1.621  1.00 27.87  ? 114 SER B CB  1 
ATOM   953  O OG  . SER A 1 108 ? 4.985   16.289  -0.598  1.00 35.03  ? 114 SER B OG  1 
ATOM   954  N N   . TYR A 1 109 ? 6.601   13.316  -2.350  1.00 16.15  ? 115 TYR B N   1 
ATOM   955  C CA  . TYR A 1 109 ? 6.647   11.902  -1.863  1.00 14.91  ? 115 TYR B CA  1 
ATOM   956  C C   . TYR A 1 109 ? 7.212   11.910  -0.449  1.00 15.12  ? 115 TYR B C   1 
ATOM   957  O O   . TYR A 1 109 ? 8.208   12.596  -0.168  1.00 14.88  ? 115 TYR B O   1 
ATOM   958  C CB  . TYR A 1 109 ? 7.474   11.034  -2.800  1.00 16.08  ? 115 TYR B CB  1 
ATOM   959  C CG  . TYR A 1 109 ? 6.982   10.950  -4.227  1.00 17.26  ? 115 TYR B CG  1 
ATOM   960  C CD1 . TYR A 1 109 ? 7.413   11.844  -5.194  1.00 17.83  ? 115 TYR B CD1 1 
ATOM   961  C CD2 . TYR A 1 109 ? 6.080   9.960   -4.598  1.00 15.34  ? 115 TYR B CD2 1 
ATOM   962  C CE1 . TYR A 1 109 ? 6.973   11.752  -6.512  1.00 18.70  ? 115 TYR B CE1 1 
ATOM   963  C CE2 . TYR A 1 109 ? 5.639   9.860   -5.902  1.00 15.65  ? 115 TYR B CE2 1 
ATOM   964  C CZ  . TYR A 1 109 ? 6.060   10.767  -6.855  1.00 17.69  ? 115 TYR B CZ  1 
ATOM   965  O OH  . TYR A 1 109 ? 5.618   10.703  -8.157  1.00 18.92  ? 115 TYR B OH  1 
ATOM   966  N N   A GLU A 1 110 ? 6.614   11.123  0.450   0.25 15.46  ? 116 GLU B N   1 
ATOM   967  N N   B GLU A 1 110 ? 6.587   11.140  0.446   0.25 15.54  ? 116 GLU B N   1 
ATOM   968  C CA  A GLU A 1 110 ? 7.014   11.079  1.883   0.25 15.73  ? 116 GLU B CA  1 
ATOM   969  C CA  B GLU A 1 110 ? 6.943   11.069  1.889   0.25 15.77  ? 116 GLU B CA  1 
ATOM   970  C C   A GLU A 1 110 ? 6.902   9.651   2.417   0.25 14.68  ? 116 GLU B C   1 
ATOM   971  C C   B GLU A 1 110 ? 7.004   9.596   2.310   0.25 14.65  ? 116 GLU B C   1 
ATOM   972  O O   A GLU A 1 110 ? 5.968   8.924   2.027   0.25 14.00  ? 116 GLU B O   1 
ATOM   973  O O   B GLU A 1 110 ? 6.333   8.761   1.681   0.25 14.25  ? 116 GLU B O   1 
ATOM   974  C CB  A GLU A 1 110 ? 6.174   12.036  2.724   0.25 16.84  ? 116 GLU B CB  1 
ATOM   975  C CB  B GLU A 1 110 ? 5.936   11.836  2.748   0.25 16.86  ? 116 GLU B CB  1 
ATOM   976  C CG  A GLU A 1 110 ? 6.402   13.494  2.347   0.25 18.45  ? 116 GLU B CG  1 
ATOM   977  C CG  B GLU A 1 110 ? 5.778   13.297  2.355   0.25 19.27  ? 116 GLU B CG  1 
ATOM   978  C CD  A GLU A 1 110 ? 5.477   14.467  3.052   0.25 21.02  ? 116 GLU B CD  1 
ATOM   979  C CD  B GLU A 1 110 ? 6.869   14.209  2.887   0.25 20.67  ? 116 GLU B CD  1 
ATOM   980  O OE1 A GLU A 1 110 ? 4.291   14.115  3.233   0.25 21.64  ? 116 GLU B OE1 1 
ATOM   981  O OE1 B GLU A 1 110 ? 7.416   13.919  3.958   0.25 23.91  ? 116 GLU B OE1 1 
ATOM   982  O OE2 A GLU A 1 110 ? 5.948   15.558  3.443   0.25 20.29  ? 116 GLU B OE2 1 
ATOM   983  O OE2 B GLU A 1 110 ? 7.145   15.220  2.235   0.25 26.97  ? 116 GLU B OE2 1 
ATOM   984  N N   . ALA A 1 111 ? 7.801   9.289   3.334   1.00 15.19  ? 117 ALA B N   1 
ATOM   985  C CA  . ALA A 1 111 ? 7.710   8.017   4.058   1.00 14.56  ? 117 ALA B CA  1 
ATOM   986  C C   . ALA A 1 111 ? 6.881   8.237   5.341   1.00 15.69  ? 117 ALA B C   1 
ATOM   987  O O   . ALA A 1 111 ? 7.024   9.289   6.023   1.00 15.18  ? 117 ALA B O   1 
ATOM   988  C CB  . ALA A 1 111 ? 9.093   7.461   4.356   1.00 15.32  ? 117 ALA B CB  1 
ATOM   989  N N   . GLY A 1 112 ? 6.008   7.286   5.637   1.00 16.28  ? 118 GLY B N   1 
ATOM   990  C CA  . GLY A 1 112 ? 5.107   7.285   6.811   1.00 16.85  ? 118 GLY B CA  1 
ATOM   991  C C   . GLY A 1 112 ? 5.799   7.045   8.136   1.00 17.42  ? 118 GLY B C   1 
ATOM   992  O O   . GLY A 1 112 ? 5.428   6.141   8.836   1.00 19.31  ? 118 GLY B O   1 
ATOM   993  N N   . THR A 1 113 ? 6.866   7.781   8.428   1.00 19.66  ? 119 THR B N   1 
ATOM   994  C CA  . THR A 1 113 ? 7.430   7.822   9.788   1.00 20.70  ? 119 THR B CA  1 
ATOM   995  C C   . THR A 1 113 ? 6.628   8.844   10.613  1.00 21.44  ? 119 THR B C   1 
ATOM   996  O O   . THR A 1 113 ? 5.822   9.551   10.049  1.00 24.90  ? 119 THR B O   1 
ATOM   997  C CB  . THR A 1 113 ? 8.907   8.140   9.660   1.00 18.10  ? 119 THR B CB  1 
ATOM   998  O OG1 . THR A 1 113 ? 9.002   9.322   8.867   1.00 17.75  ? 119 THR B OG1 1 
ATOM   999  C CG2 . THR A 1 113 ? 9.770   7.092   9.015   1.00 19.72  ? 119 THR B CG2 1 
ATOM   1000 N N   . SER A 1 114 ? 6.894   8.949   11.924  1.00 24.15  ? 120 SER B N   1 
ATOM   1001 C CA  . SER A 1 114 ? 6.241   9.934   12.811  1.00 28.41  ? 120 SER B CA  1 
ATOM   1002 C C   . SER A 1 114 ? 7.332   10.805  13.437  1.00 30.11  ? 120 SER B C   1 
ATOM   1003 O O   . SER A 1 114 ? 8.139   10.317  14.221  1.00 31.09  ? 120 SER B O   1 
ATOM   1004 C CB  . SER A 1 114 ? 5.395   9.247   13.871  1.00 37.12  ? 120 SER B CB  1 
ATOM   1005 O OG  . SER A 1 114 ? 4.677   10.226  14.604  1.00 41.26  ? 120 SER B OG  1 
ATOM   1006 N N   . PRO A 1 115 ? 7.526   12.048  12.981  1.00 26.59  ? 121 PRO B N   1 
ATOM   1007 C CA  . PRO A 1 115 ? 6.771   12.628  11.872  1.00 27.52  ? 121 PRO B CA  1 
ATOM   1008 C C   . PRO A 1 115 ? 7.284   12.141  10.513  1.00 22.77  ? 121 PRO B C   1 
ATOM   1009 O O   . PRO A 1 115 ? 8.351   11.515  10.441  1.00 21.57  ? 121 PRO B O   1 
ATOM   1010 C CB  . PRO A 1 115 ? 7.063   14.119  12.022  1.00 29.32  ? 121 PRO B CB  1 
ATOM   1011 C CG  . PRO A 1 115 ? 8.500   14.158  12.561  1.00 30.30  ? 121 PRO B CG  1 
ATOM   1012 C CD  . PRO A 1 115 ? 8.602   12.938  13.463  1.00 29.86  ? 121 PRO B CD  1 
ATOM   1013 N N   . GLN A 1 116 ? 6.567   12.490  9.461   1.00 23.40  ? 122 GLN B N   1 
ATOM   1014 C CA  . GLN A 1 116 ? 6.844   11.978  8.097   1.00 23.07  ? 122 GLN B CA  1 
ATOM   1015 C C   . GLN A 1 116 ? 8.201   12.478  7.584   1.00 20.12  ? 122 GLN B C   1 
ATOM   1016 O O   . GLN A 1 116 ? 8.668   13.560  7.967   1.00 20.35  ? 122 GLN B O   1 
ATOM   1017 C CB  . GLN A 1 116 ? 5.692   12.283  7.134   1.00 28.19  ? 122 GLN B CB  1 
ATOM   1018 C CG  . GLN A 1 116 ? 5.690   13.684  6.548   1.00 33.44  ? 122 GLN B CG  1 
ATOM   1019 C CD  . GLN A 1 116 ? 4.479   14.473  6.964   1.00 45.78  ? 122 GLN B CD  1 
ATOM   1020 O OE1 . GLN A 1 116 ? 3.761   14.104  7.890   1.00 53.35  ? 122 GLN B OE1 1 
ATOM   1021 N NE2 . GLN A 1 116 ? 4.261   15.591  6.292   1.00 50.80  ? 122 GLN B NE2 1 
ATOM   1022 N N   . THR A 1 117 ? 8.808   11.687  6.709   1.00 17.69  ? 123 THR B N   1 
ATOM   1023 C CA  . THR A 1 117 ? 10.133  11.926  6.124   1.00 15.23  ? 123 THR B CA  1 
ATOM   1024 C C   . THR A 1 117 ? 10.027  12.265  4.643   1.00 16.07  ? 123 THR B C   1 
ATOM   1025 O O   . THR A 1 117 ? 9.464   11.456  3.876   1.00 16.52  ? 123 THR B O   1 
ATOM   1026 C CB  . THR A 1 117 ? 11.010  10.692  6.326   1.00 15.74  ? 123 THR B CB  1 
ATOM   1027 O OG1 . THR A 1 117 ? 11.129  10.471  7.724   1.00 17.01  ? 123 THR B OG1 1 
ATOM   1028 C CG2 . THR A 1 117 ? 12.380  10.866  5.742   1.00 16.11  ? 123 THR B CG2 1 
ATOM   1029 N N   . THR A 1 118 ? 10.633  13.376  4.252   1.00 15.76  ? 124 THR B N   1 
ATOM   1030 C CA  . THR A 1 118 ? 10.791  13.796  2.834   1.00 16.56  ? 124 THR B CA  1 
ATOM   1031 C C   . THR A 1 118 ? 11.580  12.787  2.012   1.00 16.66  ? 124 THR B C   1 
ATOM   1032 O O   . THR A 1 118 ? 12.721  12.467  2.376   1.00 19.82  ? 124 THR B O   1 
ATOM   1033 C CB  . THR A 1 118 ? 11.451  15.186  2.780   1.00 20.05  ? 124 THR B CB  1 
ATOM   1034 O OG1 . THR A 1 118 ? 10.566  16.065  3.458   1.00 22.05  ? 124 THR B OG1 1 
ATOM   1035 C CG2 . THR A 1 118 ? 11.685  15.654  1.368   1.00 23.32  ? 124 THR B CG2 1 
ATOM   1036 N N   . LEU A 1 119 ? 11.044  12.325  0.875   1.00 15.04  ? 125 LEU B N   1 
ATOM   1037 C CA  . LEU A 1 119 ? 11.778  11.448  -0.079  1.00 15.45  ? 125 LEU B CA  1 
ATOM   1038 C C   . LEU A 1 119 ? 12.350  12.304  -1.217  1.00 19.18  ? 125 LEU B C   1 
ATOM   1039 O O   . LEU A 1 119 ? 11.867  13.430  -1.460  1.00 21.21  ? 125 LEU B O   1 
ATOM   1040 C CB  . LEU A 1 119 ? 10.841  10.372  -0.657  1.00 15.55  ? 125 LEU B CB  1 
ATOM   1041 C CG  . LEU A 1 119 ? 10.210  9.497   0.422   1.00 16.08  ? 125 LEU B CG  1 
ATOM   1042 C CD1 . LEU A 1 119 ? 9.161   8.559   -0.139  1.00 16.30  ? 125 LEU B CD1 1 
ATOM   1043 C CD2 . LEU A 1 119 ? 11.264  8.701   1.177   1.00 18.90  ? 125 LEU B CD2 1 
ATOM   1044 N N   . HIS A 1 120 ? 13.419  11.813  -1.818  1.00 20.39  ? 126 HIS B N   1 
ATOM   1045 C CA  . HIS A 1 120 ? 14.141  12.489  -2.920  1.00 22.02  ? 126 HIS B CA  1 
ATOM   1046 C C   . HIS A 1 120 ? 14.028  11.563  -4.118  1.00 24.16  ? 126 HIS B C   1 
ATOM   1047 O O   . HIS A 1 120 ? 14.791  10.589  -4.190  1.00 29.74  ? 126 HIS B O   1 
ATOM   1048 C CB  . HIS A 1 120 ? 15.595  12.781  -2.509  1.00 25.77  ? 126 HIS B CB  1 
ATOM   1049 C CG  . HIS A 1 120 ? 15.705  13.644  -1.281  1.00 30.76  ? 126 HIS B CG  1 
ATOM   1050 N ND1 . HIS A 1 120 ? 15.814  13.110  0.019   1.00 36.93  ? 126 HIS B ND1 1 
ATOM   1051 C CD2 . HIS A 1 120 ? 15.655  14.989  -1.135  1.00 34.06  ? 126 HIS B CD2 1 
ATOM   1052 C CE1 . HIS A 1 120 ? 15.811  14.108  0.898   1.00 34.77  ? 126 HIS B CE1 1 
ATOM   1053 N NE2 . HIS A 1 120 ? 15.757  15.271  0.203   1.00 36.51  ? 126 HIS B NE2 1 
ATOM   1054 N N   . ILE A 1 121 ? 13.088  11.813  -4.994  1.00 23.33  ? 127 ILE B N   1 
ATOM   1055 C CA  . ILE A 1 121 ? 12.880  10.967  -6.196  1.00 24.95  ? 127 ILE B CA  1 
ATOM   1056 C C   . ILE A 1 121 ? 13.110  11.883  -7.426  1.00 26.97  ? 127 ILE B C   1 
ATOM   1057 O O   . ILE A 1 121 ? 12.431  12.857  -7.566  1.00 29.87  ? 127 ILE B O   1 
ATOM   1058 C CB  . ILE A 1 121 ? 11.507  10.254  -6.173  1.00 27.25  ? 127 ILE B CB  1 
ATOM   1059 C CG1 . ILE A 1 121 ? 11.211  9.515   -4.854  1.00 23.72  ? 127 ILE B CG1 1 
ATOM   1060 C CG2 . ILE A 1 121 ? 11.464  9.270   -7.328  1.00 29.16  ? 127 ILE B CG2 1 
ATOM   1061 C CD1 . ILE A 1 121 ? 9.879   8.763   -4.843  1.00 25.80  ? 127 ILE B CD1 1 
ATOM   1062 N N   . GLN A 1 122 ? 14.090  11.582  -8.263  1.00 31.69  ? 128 GLN B N   1 
ATOM   1063 C CA  . GLN A 1 122 ? 14.388  12.461  -9.439  1.00 36.77  ? 128 GLN B CA  1 
ATOM   1064 C C   . GLN A 1 122 ? 13.410  12.136  -10.583 1.00 33.15  ? 128 GLN B C   1 
ATOM   1065 O O   . GLN A 1 122 ? 13.073  13.059  -11.345 1.00 34.26  ? 128 GLN B O   1 
ATOM   1066 C CB  . GLN A 1 122 ? 15.871  12.319  -9.799  1.00 41.32  ? 128 GLN B CB  1 
ATOM   1067 C CG  . GLN A 1 122 ? 16.287  13.016  -11.102 1.00 55.49  ? 128 GLN B CG  1 
ATOM   1068 C CD  . GLN A 1 122 ? 16.154  14.528  -11.131 1.00 63.20  ? 128 GLN B CD  1 
ATOM   1069 O OE1 . GLN A 1 122 ? 15.622  15.167  -10.222 1.00 66.59  ? 128 GLN B OE1 1 
ATOM   1070 N NE2 . GLN A 1 122 ? 16.638  15.130  -12.210 1.00 69.17  ? 128 GLN B NE2 1 
ATOM   1071 N N   . VAL A 1 123 ? 12.982  10.880  -10.691 1.00 27.26  ? 129 VAL B N   1 
ATOM   1072 C CA  . VAL A 1 123 ? 12.104  10.349  -11.792 1.00 26.76  ? 129 VAL B CA  1 
ATOM   1073 C C   . VAL A 1 123 ? 10.771  9.913   -11.184 1.00 25.54  ? 129 VAL B C   1 
ATOM   1074 O O   . VAL A 1 123 ? 10.722  8.900   -10.452 1.00 25.21  ? 129 VAL B O   1 
ATOM   1075 C CB  . VAL A 1 123 ? 12.763  9.161   -12.515 1.00 29.51  ? 129 VAL B CB  1 
ATOM   1076 C CG1 . VAL A 1 123 ? 11.851  8.529   -13.571 1.00 28.06  ? 129 VAL B CG1 1 
ATOM   1077 C CG2 . VAL A 1 123 ? 14.110  9.518   -13.127 1.00 31.55  ? 129 VAL B CG2 1 
ATOM   1078 N N   . PRO A 1 124 ? 9.680   10.695  -11.331 1.00 27.14  ? 130 PRO B N   1 
ATOM   1079 C CA  . PRO A 1 124 ? 8.394   10.338  -10.723 1.00 25.34  ? 130 PRO B CA  1 
ATOM   1080 C C   . PRO A 1 124 ? 7.998   8.912   -11.093 1.00 23.25  ? 130 PRO B C   1 
ATOM   1081 O O   . PRO A 1 124 ? 7.948   8.563   -12.252 1.00 22.31  ? 130 PRO B O   1 
ATOM   1082 C CB  . PRO A 1 124 ? 7.439   11.396  -11.311 1.00 30.71  ? 130 PRO B CB  1 
ATOM   1083 C CG  . PRO A 1 124 ? 8.336   12.612  -11.527 1.00 29.14  ? 130 PRO B CG  1 
ATOM   1084 C CD  . PRO A 1 124 ? 9.636   12.019  -12.000 1.00 28.77  ? 130 PRO B CD  1 
ATOM   1085 N N   . PRO A 1 125 ? 7.795   7.993   -10.140 1.00 21.83  ? 131 PRO B N   1 
ATOM   1086 C CA  . PRO A 1 125 ? 7.530   6.601   -10.492 1.00 20.06  ? 131 PRO B CA  1 
ATOM   1087 C C   . PRO A 1 125 ? 6.146   6.316   -11.093 1.00 20.01  ? 131 PRO B C   1 
ATOM   1088 O O   . PRO A 1 125 ? 5.165   6.916   -10.636 1.00 20.33  ? 131 PRO B O   1 
ATOM   1089 C CB  . PRO A 1 125 ? 7.701   5.841   -9.161  1.00 20.59  ? 131 PRO B CB  1 
ATOM   1090 C CG  . PRO A 1 125 ? 7.649   6.870   -8.101  1.00 22.73  ? 131 PRO B CG  1 
ATOM   1091 C CD  . PRO A 1 125 ? 7.980   8.211   -8.702  1.00 21.42  ? 131 PRO B CD  1 
ATOM   1092 N N   . CYS A 1 126 ? 6.097   5.484   -12.132 1.00 19.96  ? 132 CYS B N   1 
ATOM   1093 C CA  . CYS A 1 126 ? 4.837   4.896   -12.637 1.00 21.26  ? 132 CYS B CA  1 
ATOM   1094 C C   . CYS A 1 126 ? 4.589   3.521   -11.999 1.00 19.30  ? 132 CYS B C   1 
ATOM   1095 O O   . CYS A 1 126 ? 3.427   3.064   -11.965 1.00 17.77  ? 132 CYS B O   1 
ATOM   1096 C CB  . CYS A 1 126 ? 4.828   4.756   -14.153 1.00 25.31  ? 132 CYS B CB  1 
ATOM   1097 S SG  . CYS A 1 126 ? 4.954   6.385   -14.945 1.00 34.41  ? 132 CYS B SG  1 
ATOM   1098 N N   A GLN A 1 127 ? 5.642   2.833   -11.545 0.25 19.54  ? 133 GLN B N   1 
ATOM   1099 N N   B GLN A 1 127 ? 5.647   2.880   -11.494 0.25 19.50  ? 133 GLN B N   1 
ATOM   1100 C CA  A GLN A 1 127 ? 5.504   1.537   -10.821 0.25 20.66  ? 133 GLN B CA  1 
ATOM   1101 C CA  B GLN A 1 127 ? 5.564   1.543   -10.846 0.25 20.82  ? 133 GLN B CA  1 
ATOM   1102 C C   A GLN A 1 127 ? 6.462   1.535   -9.625  0.25 19.46  ? 133 GLN B C   1 
ATOM   1103 C C   B GLN A 1 127 ? 6.481   1.540   -9.619  0.25 19.50  ? 133 GLN B C   1 
ATOM   1104 O O   A GLN A 1 127 ? 7.591   2.083   -9.748  0.25 18.10  ? 133 GLN B O   1 
ATOM   1105 O O   B GLN A 1 127 ? 7.600   2.118   -9.705  0.25 17.98  ? 133 GLN B O   1 
ATOM   1106 C CB  A GLN A 1 127 ? 5.770   0.312   -11.705 0.25 23.55  ? 133 GLN B CB  1 
ATOM   1107 C CB  B GLN A 1 127 ? 5.938   0.428   -11.827 0.25 23.96  ? 133 GLN B CB  1 
ATOM   1108 C CG  A GLN A 1 127 ? 4.783   0.130   -12.845 0.25 26.56  ? 133 GLN B CG  1 
ATOM   1109 C CG  B GLN A 1 127 ? 4.828   0.073   -12.801 0.25 26.95  ? 133 GLN B CG  1 
ATOM   1110 C CD  A GLN A 1 127 ? 5.264   0.819   -14.096 0.25 28.14  ? 133 GLN B CD  1 
ATOM   1111 C CD  B GLN A 1 127 ? 5.147   -1.153  -13.617 0.25 27.67  ? 133 GLN B CD  1 
ATOM   1112 O OE1 A GLN A 1 127 ? 6.463   1.009   -14.293 0.25 28.21  ? 133 GLN B OE1 1 
ATOM   1113 O OE1 B GLN A 1 127 ? 5.722   -2.129  -13.129 0.25 31.83  ? 133 GLN B OE1 1 
ATOM   1114 N NE2 A GLN A 1 127 ? 4.325   1.204   -14.951 0.25 28.05  ? 133 GLN B NE2 1 
ATOM   1115 N NE2 B GLN A 1 127 ? 4.757   -1.108  -14.876 0.25 28.51  ? 133 GLN B NE2 1 
ATOM   1116 N N   . ILE A 1 128 ? 5.995   0.949   -8.517  1.00 18.85  ? 134 ILE B N   1 
ATOM   1117 C CA  . ILE A 1 128 ? 6.699   0.917   -7.207  1.00 17.82  ? 134 ILE B CA  1 
ATOM   1118 C C   . ILE A 1 128 ? 6.888   -0.569  -6.888  1.00 16.77  ? 134 ILE B C   1 
ATOM   1119 O O   . ILE A 1 128 ? 5.925   -1.354  -6.969  1.00 16.19  ? 134 ILE B O   1 
ATOM   1120 C CB  . ILE A 1 128 ? 5.880   1.612   -6.116  1.00 18.87  ? 134 ILE B CB  1 
ATOM   1121 C CG1 . ILE A 1 128 ? 5.561   3.086   -6.386  1.00 20.89  ? 134 ILE B CG1 1 
ATOM   1122 C CG2 . ILE A 1 128 ? 6.589   1.447   -4.773  1.00 18.43  ? 134 ILE B CG2 1 
ATOM   1123 C CD1 . ILE A 1 128 ? 6.692   3.969   -6.231  1.00 21.86  ? 134 ILE B CD1 1 
ATOM   1124 N N   . GLY A 1 129 ? 8.099   -0.965  -6.528  1.00 16.49  ? 135 GLY B N   1 
ATOM   1125 C CA  . GLY A 1 129 ? 8.339   -2.299  -5.969  1.00 15.66  ? 135 GLY B CA  1 
ATOM   1126 C C   . GLY A 1 129 ? 8.419   -2.245  -4.456  1.00 16.03  ? 135 GLY B C   1 
ATOM   1127 O O   . GLY A 1 129 ? 9.049   -1.325  -3.889  1.00 15.85  ? 135 GLY B O   1 
ATOM   1128 N N   . ILE A 1 130 ? 7.784   -3.204  -3.781  1.00 16.77  ? 136 ILE B N   1 
ATOM   1129 C CA  . ILE A 1 130 ? 7.757   -3.297  -2.307  1.00 14.76  ? 136 ILE B CA  1 
ATOM   1130 C C   . ILE A 1 130 ? 8.387   -4.623  -1.895  1.00 15.94  ? 136 ILE B C   1 
ATOM   1131 O O   . ILE A 1 130 ? 7.951   -5.673  -2.352  1.00 17.72  ? 136 ILE B O   1 
ATOM   1132 C CB  . ILE A 1 130 ? 6.325   -3.177  -1.784  1.00 16.65  ? 136 ILE B CB  1 
ATOM   1133 C CG1 . ILE A 1 130 ? 5.719   -1.846  -2.217  1.00 18.68  ? 136 ILE B CG1 1 
ATOM   1134 C CG2 . ILE A 1 130 ? 6.280   -3.335  -0.269  1.00 17.16  ? 136 ILE B CG2 1 
ATOM   1135 C CD1 . ILE A 1 130 ? 4.271   -1.753  -1.976  1.00 23.57  ? 136 ILE B CD1 1 
ATOM   1136 N N   . PHE A 1 131 ? 9.421   -4.529  -1.078  1.00 16.48  ? 137 PHE B N   1 
ATOM   1137 C CA  . PHE A 1 131 ? 10.176  -5.709  -0.589  1.00 15.54  ? 137 PHE B CA  1 
ATOM   1138 C C   . PHE A 1 131 ? 10.010  -5.772  0.923   1.00 15.12  ? 137 PHE B C   1 
ATOM   1139 O O   . PHE A 1 131 ? 10.341  -4.827  1.600   1.00 16.37  ? 137 PHE B O   1 
ATOM   1140 C CB  . PHE A 1 131 ? 11.653  -5.564  -0.943  1.00 16.83  ? 137 PHE B CB  1 
ATOM   1141 C CG  . PHE A 1 131 ? 12.557  -6.662  -0.410  1.00 18.32  ? 137 PHE B CG  1 
ATOM   1142 C CD1 . PHE A 1 131 ? 12.388  -7.959  -0.837  1.00 20.73  ? 137 PHE B CD1 1 
ATOM   1143 C CD2 . PHE A 1 131 ? 13.534  -6.389  0.535   1.00 20.33  ? 137 PHE B CD2 1 
ATOM   1144 C CE1 . PHE A 1 131 ? 13.249  -8.956  -0.399  1.00 22.73  ? 137 PHE B CE1 1 
ATOM   1145 C CE2 . PHE A 1 131 ? 14.340  -7.407  1.040   1.00 22.03  ? 137 PHE B CE2 1 
ATOM   1146 C CZ  . PHE A 1 131 ? 14.194  -8.684  0.559   1.00 20.59  ? 137 PHE B CZ  1 
ATOM   1147 N N   . VAL A 1 132 ? 9.711   -6.951  1.423   1.00 14.12  ? 138 VAL B N   1 
ATOM   1148 C CA  . VAL A 1 132 ? 9.653   -7.193  2.887   1.00 14.52  ? 138 VAL B CA  1 
ATOM   1149 C C   . VAL A 1 132 ? 10.567  -8.382  3.215   1.00 16.20  ? 138 VAL B C   1 
ATOM   1150 O O   . VAL A 1 132 ? 10.336  -9.478  2.678   1.00 18.98  ? 138 VAL B O   1 
ATOM   1151 C CB  . VAL A 1 132 ? 8.226   -7.500  3.358   1.00 15.73  ? 138 VAL B CB  1 
ATOM   1152 C CG1 . VAL A 1 132 ? 8.173   -7.773  4.862   1.00 16.57  ? 138 VAL B CG1 1 
ATOM   1153 C CG2 . VAL A 1 132 ? 7.299   -6.354  2.988   1.00 17.42  ? 138 VAL B CG2 1 
ATOM   1154 N N   . ASP A 1 133 ? 11.499  -8.145  4.135   1.00 16.64  ? 139 ASP B N   1 
ATOM   1155 C CA  . ASP A 1 133 ? 12.262  -9.253  4.782   1.00 17.87  ? 139 ASP B CA  1 
ATOM   1156 C C   . ASP A 1 133 ? 11.782  -9.372  6.239   1.00 15.81  ? 139 ASP B C   1 
ATOM   1157 O O   . ASP A 1 133 ? 12.158  -8.539  7.086   1.00 17.52  ? 139 ASP B O   1 
ATOM   1158 C CB  . ASP A 1 133 ? 13.755  -9.043  4.631   1.00 17.87  ? 139 ASP B CB  1 
ATOM   1159 C CG  . ASP A 1 133 ? 14.603  -10.200 5.111   1.00 21.85  ? 139 ASP B CG  1 
ATOM   1160 O OD1 . ASP A 1 133 ? 14.146  -10.948 6.021   1.00 22.16  ? 139 ASP B OD1 1 
ATOM   1161 O OD2 . ASP A 1 133 ? 15.767  -10.257 4.624   1.00 24.14  ? 139 ASP B OD2 1 
ATOM   1162 N N   . TYR A 1 134 ? 10.933  -10.351 6.513   1.00 16.51  ? 140 TYR B N   1 
ATOM   1163 C CA  . TYR A 1 134 ? 10.323  -10.501 7.855   1.00 16.27  ? 140 TYR B CA  1 
ATOM   1164 C C   . TYR A 1 134 ? 11.380  -10.710 8.946   1.00 19.80  ? 140 TYR B C   1 
ATOM   1165 O O   . TYR A 1 134 ? 11.432  -9.982  9.927   1.00 20.92  ? 140 TYR B O   1 
ATOM   1166 C CB  . TYR A 1 134 ? 9.300   -11.640 7.895   1.00 16.84  ? 140 TYR B CB  1 
ATOM   1167 C CG  . TYR A 1 134 ? 8.367   -11.468 9.067   1.00 16.15  ? 140 TYR B CG  1 
ATOM   1168 C CD1 . TYR A 1 134 ? 8.757   -11.776 10.364  1.00 16.32  ? 140 TYR B CD1 1 
ATOM   1169 C CD2 . TYR A 1 134 ? 7.100   -10.908 8.909   1.00 16.70  ? 140 TYR B CD2 1 
ATOM   1170 C CE1 . TYR A 1 134 ? 7.948   -11.534 11.446  1.00 18.23  ? 140 TYR B CE1 1 
ATOM   1171 C CE2 . TYR A 1 134 ? 6.260   -10.701 9.986   1.00 15.07  ? 140 TYR B CE2 1 
ATOM   1172 C CZ  . TYR A 1 134 ? 6.670   -11.028 11.274  1.00 16.72  ? 140 TYR B CZ  1 
ATOM   1173 O OH  . TYR A 1 134 ? 5.866   -10.785 12.359  1.00 17.19  ? 140 TYR B OH  1 
ATOM   1174 N N   . GLU A 1 135 ? 12.285  -11.671 8.729   1.00 21.66  ? 141 GLU B N   1 
ATOM   1175 C CA  . GLU A 1 135 ? 13.313  -11.992 9.750   1.00 22.36  ? 141 GLU B CA  1 
ATOM   1176 C C   . GLU A 1 135 ? 14.253  -10.808 9.975   1.00 20.72  ? 141 GLU B C   1 
ATOM   1177 O O   . GLU A 1 135 ? 14.572  -10.564 11.120  1.00 23.56  ? 141 GLU B O   1 
ATOM   1178 C CB  . GLU A 1 135 ? 14.019  -13.288 9.368   1.00 24.47  ? 141 GLU B CB  1 
ATOM   1179 C CG  . GLU A 1 135 ? 13.218  -14.499 9.875   1.00 29.23  ? 141 GLU B CG  1 
ATOM   1180 C CD  . GLU A 1 135 ? 11.998  -14.770 9.038   1.00 33.06  ? 141 GLU B CD  1 
ATOM   1181 O OE1 . GLU A 1 135 ? 11.046  -15.318 9.548   1.00 32.71  ? 141 GLU B OE1 1 
ATOM   1182 O OE2 . GLU A 1 135 ? 12.023  -14.425 7.829   1.00 39.82  ? 141 GLU B OE2 1 
ATOM   1183 N N   . ALA A 1 136 ? 14.664  -10.075 8.936   1.00 20.26  ? 142 ALA B N   1 
ATOM   1184 C CA  . ALA A 1 136 ? 15.594  -8.930  9.041   1.00 20.26  ? 142 ALA B CA  1 
ATOM   1185 C C   . ALA A 1 136 ? 14.913  -7.679  9.605   1.00 18.85  ? 142 ALA B C   1 
ATOM   1186 O O   . ALA A 1 136 ? 15.629  -6.742  10.039  1.00 22.94  ? 142 ALA B O   1 
ATOM   1187 C CB  . ALA A 1 136 ? 16.157  -8.618  7.672   1.00 20.91  ? 142 ALA B CB  1 
ATOM   1188 N N   . GLY A 1 137 ? 13.582  -7.636  9.630   1.00 17.89  ? 143 GLY B N   1 
ATOM   1189 C CA  . GLY A 1 137 ? 12.829  -6.452  10.037  1.00 16.61  ? 143 GLY B CA  1 
ATOM   1190 C C   . GLY A 1 137 ? 13.007  -5.301  9.043   1.00 16.35  ? 143 GLY B C   1 
ATOM   1191 O O   . GLY A 1 137 ? 13.276  -4.163  9.491   1.00 17.20  ? 143 GLY B O   1 
ATOM   1192 N N   . VAL A 1 138 ? 12.825  -5.563  7.761   1.00 17.01  ? 144 VAL B N   1 
ATOM   1193 C CA  . VAL A 1 138 ? 13.085  -4.570  6.674   1.00 15.88  ? 144 VAL B CA  1 
ATOM   1194 C C   . VAL A 1 138 ? 11.864  -4.434  5.771   1.00 15.17  ? 144 VAL B C   1 
ATOM   1195 O O   . VAL A 1 138 ? 11.293  -5.460  5.317   1.00 15.47  ? 144 VAL B O   1 
ATOM   1196 C CB  . VAL A 1 138 ? 14.327  -4.982  5.866   1.00 17.19  ? 144 VAL B CB  1 
ATOM   1197 C CG1 . VAL A 1 138 ? 14.420  -4.144  4.588   1.00 18.22  ? 144 VAL B CG1 1 
ATOM   1198 C CG2 . VAL A 1 138 ? 15.561  -4.841  6.742   1.00 18.37  ? 144 VAL B CG2 1 
ATOM   1199 N N   . VAL A 1 139 ? 11.497  -3.183  5.456   1.00 14.59  ? 145 VAL B N   1 
ATOM   1200 C CA  . VAL A 1 139 ? 10.534  -2.932  4.345   1.00 14.56  ? 145 VAL B CA  1 
ATOM   1201 C C   . VAL A 1 139 ? 11.191  -1.925  3.414   1.00 14.12  ? 145 VAL B C   1 
ATOM   1202 O O   . VAL A 1 139 ? 11.546  -0.798  3.903   1.00 15.72  ? 145 VAL B O   1 
ATOM   1203 C CB  . VAL A 1 139 ? 9.191   -2.369  4.854   1.00 14.37  ? 145 VAL B CB  1 
ATOM   1204 C CG1 . VAL A 1 139 ? 8.236   -2.203  3.677   1.00 14.31  ? 145 VAL B CG1 1 
ATOM   1205 C CG2 . VAL A 1 139 ? 8.645   -3.259  5.931   1.00 14.99  ? 145 VAL B CG2 1 
ATOM   1206 N N   . SER A 1 140 ? 11.381  -2.248  2.136   1.00 14.28  ? 146 SER B N   1 
ATOM   1207 C CA  . SER A 1 140 ? 12.056  -1.344  1.184   1.00 15.47  ? 146 SER B CA  1 
ATOM   1208 C C   . SER A 1 140 ? 11.184  -1.069  -0.021  1.00 14.67  ? 146 SER B C   1 
ATOM   1209 O O   . SER A 1 140 ? 10.395  -1.922  -0.413  1.00 15.65  ? 146 SER B O   1 
ATOM   1210 C CB  . SER A 1 140 ? 13.386  -1.942  0.736   1.00 15.46  ? 146 SER B CB  1 
ATOM   1211 O OG  . SER A 1 140 ? 14.311  -1.939  1.832   1.00 16.49  ? 146 SER B OG  1 
ATOM   1212 N N   . PHE A 1 141 ? 11.307  0.125   -0.565  1.00 14.22  ? 147 PHE B N   1 
ATOM   1213 C CA  . PHE A 1 141 ? 10.555  0.587   -1.746  1.00 13.87  ? 147 PHE B CA  1 
ATOM   1214 C C   . PHE A 1 141 ? 11.512  0.960   -2.880  1.00 13.57  ? 147 PHE B C   1 
ATOM   1215 O O   . PHE A 1 141 ? 12.522  1.720   -2.623  1.00 13.93  ? 147 PHE B O   1 
ATOM   1216 C CB  . PHE A 1 141 ? 9.680   1.787   -1.365  1.00 13.50  ? 147 PHE B CB  1 
ATOM   1217 C CG  . PHE A 1 141 ? 8.690   1.524   -0.279  1.00 12.49  ? 147 PHE B CG  1 
ATOM   1218 C CD1 . PHE A 1 141 ? 9.065   1.536   1.062   1.00 12.43  ? 147 PHE B CD1 1 
ATOM   1219 C CD2 . PHE A 1 141 ? 7.376   1.196   -0.619  1.00 13.24  ? 147 PHE B CD2 1 
ATOM   1220 C CE1 . PHE A 1 141 ? 8.130   1.186   2.038   1.00 13.00  ? 147 PHE B CE1 1 
ATOM   1221 C CE2 . PHE A 1 141 ? 6.440   0.952   0.360   1.00 12.27  ? 147 PHE B CE2 1 
ATOM   1222 C CZ  . PHE A 1 141 ? 6.822   0.911   1.685   1.00 11.61  ? 147 PHE B CZ  1 
ATOM   1223 N N   . TYR A 1 142 ? 11.163  0.547   -4.099  1.00 15.46  ? 148 TYR B N   1 
ATOM   1224 C CA  . TYR A 1 142 ? 12.040  0.664   -5.302  1.00 17.34  ? 148 TYR B CA  1 
ATOM   1225 C C   . TYR A 1 142 ? 11.268  1.379   -6.424  1.00 19.31  ? 148 TYR B C   1 
ATOM   1226 O O   . TYR A 1 142 ? 10.068  1.155   -6.598  1.00 17.30  ? 148 TYR B O   1 
ATOM   1227 C CB  . TYR A 1 142 ? 12.590  -0.704  -5.704  1.00 18.89  ? 148 TYR B CB  1 
ATOM   1228 C CG  . TYR A 1 142 ? 13.462  -1.330  -4.645  1.00 18.10  ? 148 TYR B CG  1 
ATOM   1229 C CD1 . TYR A 1 142 ? 14.790  -0.942  -4.538  1.00 20.19  ? 148 TYR B CD1 1 
ATOM   1230 C CD2 . TYR A 1 142 ? 12.968  -2.236  -3.724  1.00 20.01  ? 148 TYR B CD2 1 
ATOM   1231 C CE1 . TYR A 1 142 ? 15.608  -1.466  -3.552  1.00 21.54  ? 148 TYR B CE1 1 
ATOM   1232 C CE2 . TYR A 1 142 ? 13.775  -2.772  -2.739  1.00 19.10  ? 148 TYR B CE2 1 
ATOM   1233 C CZ  . TYR A 1 142 ? 15.119  -2.420  -2.682  1.00 21.11  ? 148 TYR B CZ  1 
ATOM   1234 O OH  . TYR A 1 142 ? 15.890  -2.896  -1.659  1.00 22.47  ? 148 TYR B OH  1 
ATOM   1235 N N   . ASN A 1 143 ? 11.954  2.214   -7.188  1.00 19.65  ? 149 ASN B N   1 
ATOM   1236 C CA  . ASN A 1 143 ? 11.380  2.987   -8.327  1.00 19.05  ? 149 ASN B CA  1 
ATOM   1237 C C   . ASN A 1 143 ? 11.579  2.177   -9.614  1.00 21.15  ? 149 ASN B C   1 
ATOM   1238 O O   . ASN A 1 143 ? 12.725  2.148   -10.155 1.00 20.68  ? 149 ASN B O   1 
ATOM   1239 C CB  . ASN A 1 143 ? 12.012  4.376   -8.359  1.00 19.13  ? 149 ASN B CB  1 
ATOM   1240 C CG  . ASN A 1 143 ? 11.480  5.264   -9.464  1.00 19.31  ? 149 ASN B CG  1 
ATOM   1241 O OD1 . ASN A 1 143 ? 10.786  4.776   -10.359 1.00 19.79  ? 149 ASN B OD1 1 
ATOM   1242 N ND2 . ASN A 1 143 ? 11.729  6.545   -9.345  1.00 18.86  ? 149 ASN B ND2 1 
ATOM   1243 N N   . ILE A 1 144 ? 10.564  1.451   -10.074 1.00 18.74  ? 150 ILE B N   1 
ATOM   1244 C CA  . ILE A 1 144 ? 10.731  0.483   -11.181 1.00 21.16  ? 150 ILE B CA  1 
ATOM   1245 C C   . ILE A 1 144 ? 10.973  1.320   -12.454 1.00 22.14  ? 150 ILE B C   1 
ATOM   1246 O O   . ILE A 1 144 ? 11.713  0.864   -13.324 1.00 24.68  ? 150 ILE B O   1 
ATOM   1247 C CB  . ILE A 1 144 ? 9.521   -0.444  -11.305 1.00 22.70  ? 150 ILE B CB  1 
ATOM   1248 C CG1 . ILE A 1 144 ? 9.226   -1.264  -10.031 1.00 23.23  ? 150 ILE B CG1 1 
ATOM   1249 C CG2 . ILE A 1 144 ? 9.676   -1.349  -12.520 1.00 23.78  ? 150 ILE B CG2 1 
ATOM   1250 C CD1 . ILE A 1 144 ? 10.479  -1.864  -9.398  1.00 27.91  ? 150 ILE B CD1 1 
ATOM   1251 N N   . THR A 1 145 ? 10.392  2.511   -12.527 1.00 20.54  ? 151 THR B N   1 
ATOM   1252 C CA  . THR A 1 145 ? 10.518  3.433   -13.712 1.00 22.24  ? 151 THR B CA  1 
ATOM   1253 C C   . THR A 1 145 ? 11.978  3.884   -13.841 1.00 26.78  ? 151 THR B C   1 
ATOM   1254 O O   . THR A 1 145 ? 12.420  4.111   -14.984 1.00 30.32  ? 151 THR B O   1 
ATOM   1255 C CB  . THR A 1 145 ? 9.575   4.639   -13.567 1.00 22.24  ? 151 THR B CB  1 
ATOM   1256 O OG1 . THR A 1 145 ? 8.275   4.120   -13.254 1.00 20.86  ? 151 THR B OG1 1 
ATOM   1257 C CG2 . THR A 1 145 ? 9.526   5.475   -14.827 1.00 26.05  ? 151 THR B CG2 1 
ATOM   1258 N N   . ASP A 1 146 ? 12.715  3.980   -12.734 1.00 26.75  ? 152 ASP B N   1 
ATOM   1259 C CA  . ASP A 1 146 ? 14.131  4.438   -12.716 1.00 28.77  ? 152 ASP B CA  1 
ATOM   1260 C C   . ASP A 1 146 ? 15.076  3.260   -12.441 1.00 30.00  ? 152 ASP B C   1 
ATOM   1261 O O   . ASP A 1 146 ? 15.883  3.374   -11.506 1.00 28.94  ? 152 ASP B O   1 
ATOM   1262 C CB  . ASP A 1 146 ? 14.288  5.594   -11.745 1.00 27.80  ? 152 ASP B CB  1 
ATOM   1263 C CG  . ASP A 1 146 ? 15.692  6.133   -11.711 1.00 34.15  ? 152 ASP B CG  1 
ATOM   1264 O OD1 . ASP A 1 146 ? 16.288  6.269   -12.817 1.00 30.67  ? 152 ASP B OD1 1 
ATOM   1265 O OD2 . ASP A 1 146 ? 16.172  6.411   -10.590 1.00 31.01  ? 152 ASP B OD2 1 
ATOM   1266 N N   . HIS A 1 147 ? 14.955  2.167   -13.204 1.00 29.12  ? 153 HIS B N   1 
ATOM   1267 C CA  . HIS A 1 147 ? 15.883  1.000   -13.157 1.00 32.13  ? 153 HIS B CA  1 
ATOM   1268 C C   . HIS A 1 147 ? 15.934  0.429   -11.738 1.00 31.01  ? 153 HIS B C   1 
ATOM   1269 O O   . HIS A 1 147 ? 16.976  -0.119  -11.350 1.00 30.56  ? 153 HIS B O   1 
ATOM   1270 C CB  . HIS A 1 147 ? 17.322  1.391   -13.537 1.00 39.94  ? 153 HIS B CB  1 
ATOM   1271 C CG  . HIS A 1 147 ? 17.502  2.172   -14.799 1.00 47.95  ? 153 HIS B CG  1 
ATOM   1272 N ND1 . HIS A 1 147 ? 17.334  1.606   -16.056 1.00 54.53  ? 153 HIS B ND1 1 
ATOM   1273 C CD2 . HIS A 1 147 ? 17.910  3.447   -15.003 1.00 53.27  ? 153 HIS B CD2 1 
ATOM   1274 C CE1 . HIS A 1 147 ? 17.591  2.514   -16.978 1.00 58.18  ? 153 HIS B CE1 1 
ATOM   1275 N NE2 . HIS A 1 147 ? 17.950  3.658   -16.358 1.00 58.12  ? 153 HIS B NE2 1 
ATOM   1276 N N   . GLY A 1 148 ? 14.860  0.540   -10.958 1.00 26.16  ? 154 GLY B N   1 
ATOM   1277 C CA  . GLY A 1 148 ? 14.816  -0.178  -9.671  1.00 21.03  ? 154 GLY B CA  1 
ATOM   1278 C C   . GLY A 1 148 ? 15.539  0.572   -8.568  1.00 19.53  ? 154 GLY B C   1 
ATOM   1279 O O   . GLY A 1 148 ? 15.943  -0.087  -7.611  1.00 20.43  ? 154 GLY B O   1 
ATOM   1280 N N   . SER A 1 149 ? 15.732  1.880   -8.701  1.00 19.98  ? 155 SER B N   1 
ATOM   1281 C CA  . SER A 1 149 ? 16.516  2.683   -7.735  1.00 18.97  ? 155 SER B CA  1 
ATOM   1282 C C   . SER A 1 149 ? 15.830  2.704   -6.358  1.00 18.31  ? 155 SER B C   1 
ATOM   1283 O O   . SER A 1 149 ? 14.580  2.743   -6.281  1.00 18.30  ? 155 SER B O   1 
ATOM   1284 C CB  . SER A 1 149 ? 16.795  4.069   -8.247  1.00 21.30  ? 155 SER B CB  1 
ATOM   1285 O OG  . SER A 1 149 ? 15.621  4.825   -8.492  1.00 23.22  ? 155 SER B OG  1 
ATOM   1286 N N   . LEU A 1 150 ? 16.594  2.690   -5.283  1.00 18.05  ? 156 LEU B N   1 
ATOM   1287 C CA  . LEU A 1 150 ? 15.975  2.721   -3.934  1.00 18.03  ? 156 LEU B CA  1 
ATOM   1288 C C   . LEU A 1 150 ? 15.257  4.046   -3.689  1.00 16.60  ? 156 LEU B C   1 
ATOM   1289 O O   . LEU A 1 150 ? 15.827  5.150   -3.921  1.00 18.07  ? 156 LEU B O   1 
ATOM   1290 C CB  . LEU A 1 150 ? 17.070  2.550   -2.881  1.00 17.94  ? 156 LEU B CB  1 
ATOM   1291 C CG  . LEU A 1 150 ? 16.593  2.434   -1.436  1.00 17.41  ? 156 LEU B CG  1 
ATOM   1292 C CD1 . LEU A 1 150 ? 15.737  1.206   -1.115  1.00 17.88  ? 156 LEU B CD1 1 
ATOM   1293 C CD2 . LEU A 1 150 ? 17.854  2.484   -0.538  1.00 18.21  ? 156 LEU B CD2 1 
ATOM   1294 N N   . ILE A 1 151 ? 14.051  3.947   -3.108  1.00 14.01  ? 157 ILE B N   1 
ATOM   1295 C CA  . ILE A 1 151 ? 13.259  5.092   -2.626  1.00 15.47  ? 157 ILE B CA  1 
ATOM   1296 C C   . ILE A 1 151 ? 13.411  5.243   -1.110  1.00 14.68  ? 157 ILE B C   1 
ATOM   1297 O O   . ILE A 1 151 ? 13.711  6.353   -0.625  1.00 15.66  ? 157 ILE B O   1 
ATOM   1298 C CB  . ILE A 1 151 ? 11.778  4.934   -3.004  1.00 15.22  ? 157 ILE B CB  1 
ATOM   1299 C CG1 . ILE A 1 151 ? 11.586  4.978   -4.516  1.00 15.46  ? 157 ILE B CG1 1 
ATOM   1300 C CG2 . ILE A 1 151 ? 10.930  6.002   -2.332  1.00 16.82  ? 157 ILE B CG2 1 
ATOM   1301 C CD1 . ILE A 1 151 ? 10.186  4.570   -4.975  1.00 16.40  ? 157 ILE B CD1 1 
ATOM   1302 N N   . TYR A 1 152 ? 13.231  4.163   -0.381  1.00 13.97  ? 158 TYR B N   1 
ATOM   1303 C CA  . TYR A 1 152 ? 13.235  4.249   1.101   1.00 12.07  ? 158 TYR B CA  1 
ATOM   1304 C C   . TYR A 1 152 ? 13.396  2.841   1.678   1.00 12.69  ? 158 TYR B C   1 
ATOM   1305 O O   . TYR A 1 152 ? 12.744  1.895   1.157   1.00 14.02  ? 158 TYR B O   1 
ATOM   1306 C CB  . TYR A 1 152 ? 11.933  4.897   1.632   1.00 13.63  ? 158 TYR B CB  1 
ATOM   1307 C CG  . TYR A 1 152 ? 11.983  5.270   3.078   1.00 13.89  ? 158 TYR B CG  1 
ATOM   1308 C CD1 . TYR A 1 152 ? 12.584  6.453   3.496   1.00 13.51  ? 158 TYR B CD1 1 
ATOM   1309 C CD2 . TYR A 1 152 ? 11.491  4.433   4.071   1.00 14.08  ? 158 TYR B CD2 1 
ATOM   1310 C CE1 . TYR A 1 152 ? 12.720  6.755   4.842   1.00 14.50  ? 158 TYR B CE1 1 
ATOM   1311 C CE2 . TYR A 1 152 ? 11.620  4.727   5.419   1.00 14.26  ? 158 TYR B CE2 1 
ATOM   1312 C CZ  . TYR A 1 152 ? 12.220  5.898   5.810   1.00 15.41  ? 158 TYR B CZ  1 
ATOM   1313 O OH  . TYR A 1 152 ? 12.392  6.207   7.122   1.00 18.42  ? 158 TYR B OH  1 
ATOM   1314 N N   . THR A 1 153 ? 14.023  2.774   2.848   1.00 13.51  ? 159 THR B N   1 
ATOM   1315 C CA  . THR A 1 153 ? 14.169  1.529   3.670   1.00 14.45  ? 159 THR B CA  1 
ATOM   1316 C C   . THR A 1 153 ? 13.778  1.809   5.117   1.00 14.14  ? 159 THR B C   1 
ATOM   1317 O O   . THR A 1 153 ? 14.421  2.659   5.772   1.00 15.09  ? 159 THR B O   1 
ATOM   1318 C CB  . THR A 1 153 ? 15.585  0.926   3.607   1.00 15.63  ? 159 THR B CB  1 
ATOM   1319 O OG1 . THR A 1 153 ? 15.748  0.445   2.279   1.00 16.15  ? 159 THR B OG1 1 
ATOM   1320 C CG2 . THR A 1 153 ? 15.805  -0.219  4.575   1.00 17.64  ? 159 THR B CG2 1 
ATOM   1321 N N   . PHE A 1 154 ? 12.726  1.134   5.596   1.00 14.26  ? 160 PHE B N   1 
ATOM   1322 C CA  . PHE A 1 154 ? 12.442  1.028   7.037   1.00 13.22  ? 160 PHE B CA  1 
ATOM   1323 C C   . PHE A 1 154 ? 13.279  -0.147  7.553   1.00 16.19  ? 160 PHE B C   1 
ATOM   1324 O O   . PHE A 1 154 ? 13.113  -1.238  7.040   1.00 15.50  ? 160 PHE B O   1 
ATOM   1325 C CB  . PHE A 1 154 ? 10.965  0.702   7.302   1.00 14.54  ? 160 PHE B CB  1 
ATOM   1326 C CG  . PHE A 1 154 ? 9.978   1.801   6.992   1.00 14.04  ? 160 PHE B CG  1 
ATOM   1327 C CD1 . PHE A 1 154 ? 9.429   1.888   5.710   1.00 13.36  ? 160 PHE B CD1 1 
ATOM   1328 C CD2 . PHE A 1 154 ? 9.525   2.666   7.962   1.00 15.22  ? 160 PHE B CD2 1 
ATOM   1329 C CE1 . PHE A 1 154 ? 8.518   2.896   5.428   1.00 15.54  ? 160 PHE B CE1 1 
ATOM   1330 C CE2 . PHE A 1 154 ? 8.583   3.665   7.681   1.00 15.14  ? 160 PHE B CE2 1 
ATOM   1331 C CZ  . PHE A 1 154 ? 8.054   3.738   6.412   1.00 14.12  ? 160 PHE B CZ  1 
ATOM   1332 N N   . SER A 1 155 ? 14.079  0.092   8.590   1.00 16.44  ? 161 SER B N   1 
ATOM   1333 C CA  . SER A 1 155 ? 14.825  -1.010  9.227   1.00 18.03  ? 161 SER B CA  1 
ATOM   1334 C C   . SER A 1 155 ? 14.546  -1.050  10.734  1.00 18.81  ? 161 SER B C   1 
ATOM   1335 O O   . SER A 1 155 ? 13.831  -0.172  11.301  1.00 20.87  ? 161 SER B O   1 
ATOM   1336 C CB  . SER A 1 155 ? 16.289  -0.863  8.876   1.00 20.72  ? 161 SER B CB  1 
ATOM   1337 O OG  . SER A 1 155 ? 16.845  0.223   9.540   1.00 24.00  ? 161 SER B OG  1 
ATOM   1338 N N   . GLU A 1 156 ? 14.967  -2.149  11.354  1.00 21.62  ? 162 GLU B N   1 
ATOM   1339 C CA  . GLU A 1 156 ? 14.647  -2.414  12.780  1.00 23.82  ? 162 GLU B CA  1 
ATOM   1340 C C   . GLU A 1 156 ? 13.129  -2.399  12.975  1.00 21.89  ? 162 GLU B C   1 
ATOM   1341 O O   . GLU A 1 156 ? 12.677  -1.877  14.034  1.00 22.81  ? 162 GLU B O   1 
ATOM   1342 C CB  . GLU A 1 156 ? 15.225  -1.345  13.699  1.00 28.97  ? 162 GLU B CB  1 
ATOM   1343 C CG  . GLU A 1 156 ? 16.707  -1.121  13.573  1.00 37.72  ? 162 GLU B CG  1 
ATOM   1344 C CD  . GLU A 1 156 ? 17.175  -0.162  14.662  1.00 47.88  ? 162 GLU B CD  1 
ATOM   1345 O OE1 . GLU A 1 156 ? 16.940  1.069   14.530  1.00 52.77  ? 162 GLU B OE1 1 
ATOM   1346 O OE2 . GLU A 1 156 ? 17.725  -0.650  15.668  1.00 54.79  ? 162 GLU B OE2 1 
ATOM   1347 N N   . CYS A 1 157 ? 12.356  -2.887  11.996  1.00 19.17  ? 163 CYS B N   1 
ATOM   1348 C CA  . CYS A 1 157 ? 10.883  -2.838  12.083  1.00 17.92  ? 163 CYS B CA  1 
ATOM   1349 C C   . CYS A 1 157 ? 10.389  -3.775  13.190  1.00 19.63  ? 163 CYS B C   1 
ATOM   1350 O O   . CYS A 1 157 ? 10.937  -4.937  13.281  1.00 20.99  ? 163 CYS B O   1 
ATOM   1351 C CB  . CYS A 1 157 ? 10.208  -3.275  10.795  1.00 17.27  ? 163 CYS B CB  1 
ATOM   1352 S SG  . CYS A 1 157 ? 10.534  -2.171  9.383   1.00 18.29  ? 163 CYS B SG  1 
ATOM   1353 N N   . VAL A 1 158 ? 9.366   -3.352  13.925  1.00 20.17  ? 164 VAL B N   1 
ATOM   1354 C CA  . VAL A 1 158 ? 8.722   -4.200  14.966  1.00 22.44  ? 164 VAL B CA  1 
ATOM   1355 C C   . VAL A 1 158 ? 7.354   -4.618  14.438  1.00 19.51  ? 164 VAL B C   1 
ATOM   1356 O O   . VAL A 1 158 ? 6.299   -3.991  14.731  1.00 21.50  ? 164 VAL B O   1 
ATOM   1357 C CB  . VAL A 1 158 ? 8.696   -3.510  16.349  1.00 25.66  ? 164 VAL B CB  1 
ATOM   1358 C CG1 . VAL A 1 158 ? 8.136   -4.447  17.421  1.00 26.39  ? 164 VAL B CG1 1 
ATOM   1359 C CG2 . VAL A 1 158 ? 10.080  -3.014  16.755  1.00 28.37  ? 164 VAL B CG2 1 
ATOM   1360 N N   . PHE A 1 159 ? 7.313   -5.662  13.620  1.00 16.94  ? 165 PHE B N   1 
ATOM   1361 C CA  . PHE A 1 159 ? 6.093   -6.075  12.910  1.00 16.63  ? 165 PHE B CA  1 
ATOM   1362 C C   . PHE A 1 159 ? 5.072   -6.479  13.968  1.00 21.69  ? 165 PHE B C   1 
ATOM   1363 O O   . PHE A 1 159 ? 3.918   -6.060  13.884  1.00 20.58  ? 165 PHE B O   1 
ATOM   1364 C CB  . PHE A 1 159 ? 6.410   -7.131  11.871  1.00 17.86  ? 165 PHE B CB  1 
ATOM   1365 C CG  . PHE A 1 159 ? 7.301   -6.684  10.735  1.00 16.45  ? 165 PHE B CG  1 
ATOM   1366 C CD1 . PHE A 1 159 ? 7.087   -5.458  10.093  1.00 15.62  ? 165 PHE B CD1 1 
ATOM   1367 C CD2 . PHE A 1 159 ? 8.387   -7.453  10.332  1.00 18.31  ? 165 PHE B CD2 1 
ATOM   1368 C CE1 . PHE A 1 159 ? 7.889   -5.072  9.027   1.00 15.10  ? 165 PHE B CE1 1 
ATOM   1369 C CE2 . PHE A 1 159 ? 9.175   -7.067  9.260   1.00 17.92  ? 165 PHE B CE2 1 
ATOM   1370 C CZ  . PHE A 1 159 ? 8.953   -5.855  8.650   1.00 15.17  ? 165 PHE B CZ  1 
ATOM   1371 N N   . ALA A 1 160 ? 5.488   -7.279  14.948  1.00 17.49  ? 166 ALA B N   1 
ATOM   1372 C CA  . ALA A 1 160 ? 4.637   -7.657  16.104  1.00 18.88  ? 166 ALA B CA  1 
ATOM   1373 C C   . ALA A 1 160 ? 3.378   -8.435  15.686  1.00 18.09  ? 166 ALA B C   1 
ATOM   1374 O O   . ALA A 1 160 ? 2.342   -8.406  16.428  1.00 21.47  ? 166 ALA B O   1 
ATOM   1375 C CB  . ALA A 1 160 ? 4.300   -6.438  16.907  1.00 18.31  ? 166 ALA B CB  1 
ATOM   1376 N N   . GLY A 1 161 ? 3.419   -9.116  14.557  1.00 18.78  ? 167 GLY B N   1 
ATOM   1377 C CA  . GLY A 1 161 ? 2.363   -10.019 14.077  1.00 19.91  ? 167 GLY B CA  1 
ATOM   1378 C C   . GLY A 1 161 ? 2.418   -10.209 12.582  1.00 17.62  ? 167 GLY B C   1 
ATOM   1379 O O   . GLY A 1 161 ? 3.382   -9.783  11.923  1.00 18.38  ? 167 GLY B O   1 
ATOM   1380 N N   . PRO A 1 162 ? 1.419   -10.929 12.062  1.00 17.22  ? 168 PRO B N   1 
ATOM   1381 C CA  . PRO A 1 162 ? 1.353   -11.170 10.639  1.00 16.09  ? 168 PRO B CA  1 
ATOM   1382 C C   . PRO A 1 162 ? 1.209   -9.830  9.919   1.00 16.31  ? 168 PRO B C   1 
ATOM   1383 O O   . PRO A 1 162 ? 0.550   -8.917  10.431  1.00 15.47  ? 168 PRO B O   1 
ATOM   1384 C CB  . PRO A 1 162 ? 0.126   -12.057 10.439  1.00 16.58  ? 168 PRO B CB  1 
ATOM   1385 C CG  . PRO A 1 162 ? -0.243  -12.537 11.842  1.00 16.93  ? 168 PRO B CG  1 
ATOM   1386 C CD  . PRO A 1 162 ? 0.262   -11.488 12.787  1.00 17.19  ? 168 PRO B CD  1 
ATOM   1387 N N   . LEU A 1 163 ? 1.732   -9.800  8.693   1.00 15.61  ? 169 LEU B N   1 
ATOM   1388 C CA  . LEU A 1 163 ? 1.687   -8.569  7.846   1.00 15.97  ? 169 LEU B CA  1 
ATOM   1389 C C   . LEU A 1 163 ? 0.764   -8.788  6.660   1.00 16.91  ? 169 LEU B C   1 
ATOM   1390 O O   . LEU A 1 163 ? 0.635   -9.928  6.154   1.00 18.08  ? 169 LEU B O   1 
ATOM   1391 C CB  . LEU A 1 163 ? 3.079   -8.251  7.314   1.00 15.44  ? 169 LEU B CB  1 
ATOM   1392 C CG  . LEU A 1 163 ? 4.099   -7.734  8.333   1.00 15.15  ? 169 LEU B CG  1 
ATOM   1393 C CD1 . LEU A 1 163 ? 5.407   -7.594  7.640   1.00 16.47  ? 169 LEU B CD1 1 
ATOM   1394 C CD2 . LEU A 1 163 ? 3.626   -6.421  8.961   1.00 17.43  ? 169 LEU B CD2 1 
ATOM   1395 N N   . ARG A 1 164 ? 0.118   -7.693  6.216   1.00 15.17  ? 170 ARG B N   1 
ATOM   1396 C CA  . ARG A 1 164 ? -0.729  -7.727  5.008   1.00 15.01  ? 170 ARG B CA  1 
ATOM   1397 C C   . ARG A 1 164 ? -0.324  -6.607  4.063   1.00 13.38  ? 170 ARG B C   1 
ATOM   1398 O O   . ARG A 1 164 ? 0.049   -5.526  4.523   1.00 14.58  ? 170 ARG B O   1 
ATOM   1399 C CB  . ARG A 1 164 ? -2.200  -7.583  5.402   1.00 16.36  ? 170 ARG B CB  1 
ATOM   1400 C CG  . ARG A 1 164 ? -2.608  -8.804  6.236   1.00 20.84  ? 170 ARG B CG  1 
ATOM   1401 C CD  . ARG A 1 164 ? -4.036  -8.903  6.582   1.00 24.37  ? 170 ARG B CD  1 
ATOM   1402 N NE  . ARG A 1 164 ? -4.785  -9.141  5.381   1.00 22.24  ? 170 ARG B NE  1 
ATOM   1403 C CZ  . ARG A 1 164 ? -6.094  -9.243  5.389   1.00 25.57  ? 170 ARG B CZ  1 
ATOM   1404 N NH1 . ARG A 1 164 ? -6.721  -9.263  6.550   1.00 23.73  ? 170 ARG B NH1 1 
ATOM   1405 N NH2 . ARG A 1 164 ? -6.757  -9.394  4.252   1.00 21.75  ? 170 ARG B NH2 1 
ATOM   1406 N N   . PRO A 1 165 ? -0.317  -6.835  2.736   1.00 13.61  ? 171 PRO B N   1 
ATOM   1407 C CA  . PRO A 1 165 ? -0.085  -5.737  1.781   1.00 13.47  ? 171 PRO B CA  1 
ATOM   1408 C C   . PRO A 1 165 ? -1.146  -4.666  2.038   1.00 13.52  ? 171 PRO B C   1 
ATOM   1409 O O   . PRO A 1 165 ? -2.307  -5.018  2.316   1.00 13.59  ? 171 PRO B O   1 
ATOM   1410 C CB  . PRO A 1 165 ? -0.271  -6.376  0.393   1.00 13.95  ? 171 PRO B CB  1 
ATOM   1411 C CG  . PRO A 1 165 ? -0.006  -7.884  0.666   1.00 14.27  ? 171 PRO B CG  1 
ATOM   1412 C CD  . PRO A 1 165 ? -0.537  -8.134  2.059   1.00 15.41  ? 171 PRO B CD  1 
ATOM   1413 N N   . PHE A 1 166 ? -0.783  -3.389  1.935   1.00 12.98  ? 172 PHE B N   1 
ATOM   1414 C CA  . PHE A 1 166 ? -1.663  -2.247  2.277   1.00 13.14  ? 172 PHE B CA  1 
ATOM   1415 C C   . PHE A 1 166 ? -1.748  -1.296  1.078   1.00 12.91  ? 172 PHE B C   1 
ATOM   1416 O O   . PHE A 1 166 ? -0.696  -0.986  0.478   1.00 13.17  ? 172 PHE B O   1 
ATOM   1417 C CB  . PHE A 1 166 ? -1.088  -1.505  3.486   1.00 13.13  ? 172 PHE B CB  1 
ATOM   1418 C CG  . PHE A 1 166 ? -1.840  -0.238  3.810   1.00 13.41  ? 172 PHE B CG  1 
ATOM   1419 C CD1 . PHE A 1 166 ? -3.068  -0.295  4.467   1.00 13.87  ? 172 PHE B CD1 1 
ATOM   1420 C CD2 . PHE A 1 166 ? -1.343  0.985   3.385   1.00 14.06  ? 172 PHE B CD2 1 
ATOM   1421 C CE1 . PHE A 1 166 ? -3.745  0.878   4.743   1.00 14.93  ? 172 PHE B CE1 1 
ATOM   1422 C CE2 . PHE A 1 166 ? -2.022  2.156   3.667   1.00 14.38  ? 172 PHE B CE2 1 
ATOM   1423 C CZ  . PHE A 1 166 ? -3.205  2.097   4.361   1.00 13.40  ? 172 PHE B CZ  1 
ATOM   1424 N N   . PHE A 1 167 ? -2.936  -0.749  0.803   1.00 12.79  ? 173 PHE B N   1 
ATOM   1425 C CA  . PHE A 1 167 ? -3.204  0.113   -0.375  1.00 13.11  ? 173 PHE B CA  1 
ATOM   1426 C C   . PHE A 1 167 ? -4.142  1.244   0.044   1.00 14.14  ? 173 PHE B C   1 
ATOM   1427 O O   . PHE A 1 167 ? -5.142  0.940   0.739   1.00 14.45  ? 173 PHE B O   1 
ATOM   1428 C CB  . PHE A 1 167 ? -3.882  -0.704  -1.496  1.00 13.06  ? 173 PHE B CB  1 
ATOM   1429 C CG  . PHE A 1 167 ? -3.098  -1.932  -1.909  1.00 12.72  ? 173 PHE B CG  1 
ATOM   1430 C CD1 . PHE A 1 167 ? -3.299  -3.130  -1.244  1.00 13.20  ? 173 PHE B CD1 1 
ATOM   1431 C CD2 . PHE A 1 167 ? -2.144  -1.871  -2.918  1.00 15.01  ? 173 PHE B CD2 1 
ATOM   1432 C CE1 . PHE A 1 167 ? -2.569  -4.266  -1.554  1.00 13.01  ? 173 PHE B CE1 1 
ATOM   1433 C CE2 . PHE A 1 167 ? -1.472  -3.024  -3.283  1.00 15.25  ? 173 PHE B CE2 1 
ATOM   1434 C CZ  . PHE A 1 167 ? -1.660  -4.199  -2.586  1.00 14.62  ? 173 PHE B CZ  1 
ATOM   1435 N N   . ASN A 1 168 ? -3.902  2.458   -0.438  1.00 13.16  ? 174 ASN B N   1 
ATOM   1436 C CA  . ASN A 1 168 ? -4.844  3.605   -0.327  1.00 13.03  ? 174 ASN B CA  1 
ATOM   1437 C C   . ASN A 1 168 ? -4.900  4.260   -1.708  1.00 13.55  ? 174 ASN B C   1 
ATOM   1438 O O   . ASN A 1 168 ? -3.851  4.728   -2.174  1.00 13.59  ? 174 ASN B O   1 
ATOM   1439 C CB  . ASN A 1 168 ? -4.414  4.597   0.731   1.00 11.87  ? 174 ASN B CB  1 
ATOM   1440 C CG  . ASN A 1 168 ? -5.457  5.684   0.949   1.00 13.75  ? 174 ASN B CG  1 
ATOM   1441 O OD1 . ASN A 1 168 ? -6.420  5.770   0.216   1.00 14.92  ? 174 ASN B OD1 1 
ATOM   1442 N ND2 . ASN A 1 168 ? -5.280  6.456   1.994   1.00 15.46  ? 174 ASN B ND2 1 
ATOM   1443 N N   . VAL A 1 169 ? -6.057  4.189   -2.390  1.00 13.40  ? 175 VAL B N   1 
ATOM   1444 C CA  . VAL A 1 169 ? -6.172  4.784   -3.767  1.00 11.46  ? 175 VAL B CA  1 
ATOM   1445 C C   . VAL A 1 169 ? -6.292  6.308   -3.669  1.00 13.90  ? 175 VAL B C   1 
ATOM   1446 O O   . VAL A 1 169 ? -6.215  6.964   -4.723  1.00 14.19  ? 175 VAL B O   1 
ATOM   1447 C CB  . VAL A 1 169 ? -7.341  4.187   -4.579  1.00 13.99  ? 175 VAL B CB  1 
ATOM   1448 C CG1 . VAL A 1 169 ? -7.160  2.716   -4.795  1.00 15.42  ? 175 VAL B CG1 1 
ATOM   1449 C CG2 . VAL A 1 169 ? -8.687  4.453   -3.928  1.00 13.66  ? 175 VAL B CG2 1 
ATOM   1450 N N   . GLY A 1 170 ? -6.523  6.838   -2.464  1.00 14.25  ? 176 GLY B N   1 
ATOM   1451 C CA  . GLY A 1 170 ? -6.725  8.294   -2.282  1.00 14.49  ? 176 GLY B CA  1 
ATOM   1452 C C   . GLY A 1 170 ? -8.111  8.757   -2.639  1.00 13.81  ? 176 GLY B C   1 
ATOM   1453 O O   . GLY A 1 170 ? -8.862  8.058   -3.382  1.00 14.26  ? 176 GLY B O   1 
ATOM   1454 N N   . PHE A 1 171 ? -8.476  9.930   -2.138  1.00 15.06  ? 177 PHE B N   1 
ATOM   1455 C CA  . PHE A 1 171 ? -9.741  10.617  -2.487  1.00 15.62  ? 177 PHE B CA  1 
ATOM   1456 C C   . PHE A 1 171 ? -9.603  11.179  -3.907  1.00 14.28  ? 177 PHE B C   1 
ATOM   1457 O O   . PHE A 1 171 ? -8.505  11.183  -4.466  1.00 13.75  ? 177 PHE B O   1 
ATOM   1458 C CB  . PHE A 1 171 ? -10.120 11.693  -1.468  1.00 16.01  ? 177 PHE B CB  1 
ATOM   1459 C CG  . PHE A 1 171 ? -10.512 11.138  -0.128  1.00 16.51  ? 177 PHE B CG  1 
ATOM   1460 C CD1 . PHE A 1 171 ? -11.801 10.678  0.093   1.00 17.82  ? 177 PHE B CD1 1 
ATOM   1461 C CD2 . PHE A 1 171 ? -9.634  11.152  0.931   1.00 17.79  ? 177 PHE B CD2 1 
ATOM   1462 C CE1 . PHE A 1 171 ? -12.170 10.163  1.337   1.00 19.28  ? 177 PHE B CE1 1 
ATOM   1463 C CE2 . PHE A 1 171 ? -10.004 10.648  2.171   1.00 18.51  ? 177 PHE B CE2 1 
ATOM   1464 C CZ  . PHE A 1 171 ? -11.284 10.194  2.375   1.00 17.73  ? 177 PHE B CZ  1 
ATOM   1465 N N   . ASN A 1 172 ? -10.724 11.600  -4.470  1.00 15.64  ? 178 ASN B N   1 
ATOM   1466 C CA  . ASN A 1 172 ? -10.714 12.218  -5.815  1.00 13.10  ? 178 ASN B CA  1 
ATOM   1467 C C   . ASN A 1 172 ? -11.576 13.479  -5.720  1.00 13.98  ? 178 ASN B C   1 
ATOM   1468 O O   . ASN A 1 172 ? -12.442 13.664  -6.580  1.00 16.94  ? 178 ASN B O   1 
ATOM   1469 C CB  . ASN A 1 172 ? -11.250 11.245  -6.846  1.00 15.31  ? 178 ASN B CB  1 
ATOM   1470 C CG  . ASN A 1 172 ? -11.171 11.747  -8.261  1.00 15.13  ? 178 ASN B CG  1 
ATOM   1471 O OD1 . ASN A 1 172 ? -10.292 12.522  -8.606  1.00 16.03  ? 178 ASN B OD1 1 
ATOM   1472 N ND2 . ASN A 1 172 ? -12.087 11.245  -9.091  1.00 17.04  ? 178 ASN B ND2 1 
ATOM   1473 N N   . TYR A 1 173 ? -11.229 14.367  -4.816  1.00 16.15  ? 179 TYR B N   1 
ATOM   1474 C CA  . TYR A 1 173 ? -11.903 15.694  -4.737  1.00 14.62  ? 179 TYR B CA  1 
ATOM   1475 C C   . TYR A 1 173 ? -11.650 16.476  -6.032  1.00 16.80  ? 179 TYR B C   1 
ATOM   1476 O O   . TYR A 1 173 ? -12.478 17.365  -6.388  1.00 17.52  ? 179 TYR B O   1 
ATOM   1477 C CB  . TYR A 1 173 ? -11.414 16.432  -3.490  1.00 14.82  ? 179 TYR B CB  1 
ATOM   1478 C CG  . TYR A 1 173 ? -11.836 15.838  -2.173  1.00 18.59  ? 179 TYR B CG  1 
ATOM   1479 C CD1 . TYR A 1 173 ? -13.148 15.912  -1.742  1.00 22.67  ? 179 TYR B CD1 1 
ATOM   1480 C CD2 . TYR A 1 173 ? -10.905 15.220  -1.356  1.00 22.24  ? 179 TYR B CD2 1 
ATOM   1481 C CE1 . TYR A 1 173 ? -13.543 15.322  -0.550  1.00 25.05  ? 179 TYR B CE1 1 
ATOM   1482 C CE2 . TYR A 1 173 ? -11.281 14.657  -0.141  1.00 21.98  ? 179 TYR B CE2 1 
ATOM   1483 C CZ  . TYR A 1 173 ? -12.603 14.701  0.251   1.00 24.68  ? 179 TYR B CZ  1 
ATOM   1484 O OH  . TYR A 1 173 ? -12.995 14.170  1.464   1.00 29.95  ? 179 TYR B OH  1 
ATOM   1485 N N   . SER A 1 174 ? -10.452 16.361  -6.606  1.00 16.11  ? 180 SER B N   1 
ATOM   1486 C CA  . SER A 1 174 ? -9.939  17.215  -7.720  1.00 16.68  ? 180 SER B CA  1 
ATOM   1487 C C   . SER A 1 174 ? -10.501 16.751  -9.053  1.00 16.66  ? 180 SER B C   1 
ATOM   1488 O O   . SER A 1 174 ? -10.332 17.525  -10.036 1.00 18.42  ? 180 SER B O   1 
ATOM   1489 C CB  . SER A 1 174 ? -8.408  17.179  -7.862  1.00 17.04  ? 180 SER B CB  1 
ATOM   1490 O OG  . SER A 1 174 ? -8.011  15.811  -8.069  1.00 18.79  ? 180 SER B OG  1 
ATOM   1491 N N   . GLY A 1 175 ? -10.954 15.506  -9.157  1.00 16.35  ? 181 GLY B N   1 
ATOM   1492 C CA  . GLY A 1 175 ? -11.277 14.907  -10.460 1.00 15.83  ? 181 GLY B CA  1 
ATOM   1493 C C   . GLY A 1 175 ? -10.047 14.449  -11.221 1.00 17.60  ? 181 GLY B C   1 
ATOM   1494 O O   . GLY A 1 175 ? -10.238 13.935  -12.324 1.00 22.15  ? 181 GLY B O   1 
ATOM   1495 N N   . GLY A 1 176 ? -8.831  14.617  -10.665 1.00 15.76  ? 182 GLY B N   1 
ATOM   1496 C CA  . GLY A 1 176 ? -7.594  14.159  -11.294 1.00 15.87  ? 182 GLY B CA  1 
ATOM   1497 C C   . GLY A 1 176 ? -7.037  12.873  -10.701 1.00 16.97  ? 182 GLY B C   1 
ATOM   1498 O O   . GLY A 1 176 ? -5.919  12.519  -11.138 1.00 18.49  ? 182 GLY B O   1 
ATOM   1499 N N   . ASN A 1 177 ? -7.716  12.259  -9.732  1.00 14.48  ? 183 ASN B N   1 
ATOM   1500 C CA  . ASN A 1 177 ? -7.163  11.046  -9.101  1.00 13.24  ? 183 ASN B CA  1 
ATOM   1501 C C   . ASN A 1 177 ? -8.052  9.811   -9.246  1.00 14.90  ? 183 ASN B C   1 
ATOM   1502 O O   . ASN A 1 177 ? -7.989  8.941   -8.377  1.00 14.98  ? 183 ASN B O   1 
ATOM   1503 C CB  . ASN A 1 177 ? -6.879  11.321  -7.630  1.00 13.70  ? 183 ASN B CB  1 
ATOM   1504 C CG  . ASN A 1 177 ? -5.944  10.292  -7.026  1.00 13.87  ? 183 ASN B CG  1 
ATOM   1505 O OD1 . ASN A 1 177 ? -4.984  9.895   -7.637  1.00 14.52  ? 183 ASN B OD1 1 
ATOM   1506 N ND2 . ASN A 1 177 ? -6.169  9.979   -5.764  1.00 14.06  ? 183 ASN B ND2 1 
ATOM   1507 N N   . ALA A 1 178 ? -8.782  9.666   -10.339 1.00 15.48  ? 184 ALA B N   1 
ATOM   1508 C CA  . ALA A 1 178 ? -9.687  8.509   -10.502 1.00 16.25  ? 184 ALA B CA  1 
ATOM   1509 C C   . ALA A 1 178 ? -8.941  7.225   -10.852 1.00 15.34  ? 184 ALA B C   1 
ATOM   1510 O O   . ALA A 1 178 ? -9.571  6.151   -10.673 1.00 17.81  ? 184 ALA B O   1 
ATOM   1511 C CB  . ALA A 1 178 ? -10.762 8.774   -11.537 1.00 17.54  ? 184 ALA B CB  1 
ATOM   1512 N N   . ALA A 1 179 ? -7.723  7.329   -11.387 1.00 15.77  ? 185 ALA B N   1 
ATOM   1513 C CA  . ALA A 1 179 ? -7.026  6.135   -11.912 1.00 15.14  ? 185 ALA B CA  1 
ATOM   1514 C C   . ALA A 1 179 ? -6.893  5.055   -10.840 1.00 15.85  ? 185 ALA B C   1 
ATOM   1515 O O   . ALA A 1 179 ? -6.762  5.345   -9.640  1.00 14.90  ? 185 ALA B O   1 
ATOM   1516 C CB  . ALA A 1 179 ? -5.693  6.474   -12.502 1.00 16.00  ? 185 ALA B CB  1 
ATOM   1517 N N   . PRO A 1 180 ? -6.908  3.751   -11.236 1.00 14.36  ? 186 PRO B N   1 
ATOM   1518 C CA  . PRO A 1 180 ? -6.693  2.669   -10.282 1.00 15.97  ? 186 PRO B CA  1 
ATOM   1519 C C   . PRO A 1 180 ? -5.234  2.494   -9.795  1.00 14.91  ? 186 PRO B C   1 
ATOM   1520 O O   . PRO A 1 180 ? -4.299  2.987   -10.437 1.00 15.90  ? 186 PRO B O   1 
ATOM   1521 C CB  . PRO A 1 180 ? -7.101  1.437   -11.106 1.00 17.50  ? 186 PRO B CB  1 
ATOM   1522 C CG  . PRO A 1 180 ? -6.754  1.790   -12.512 1.00 16.66  ? 186 PRO B CG  1 
ATOM   1523 C CD  . PRO A 1 180 ? -7.116  3.264   -12.612 1.00 17.08  ? 186 PRO B CD  1 
ATOM   1524 N N   . LEU A 1 181 ? -5.086  1.803   -8.654  1.00 15.49  ? 187 LEU B N   1 
ATOM   1525 C CA  . LEU A 1 181 ? -3.846  1.049   -8.325  1.00 15.34  ? 187 LEU B CA  1 
ATOM   1526 C C   . LEU A 1 181 ? -3.974  -0.333  -8.990  1.00 16.42  ? 187 LEU B C   1 
ATOM   1527 O O   . LEU A 1 181 ? -5.058  -0.948  -8.892  1.00 16.25  ? 187 LEU B O   1 
ATOM   1528 C CB  . LEU A 1 181 ? -3.718  0.942   -6.799  1.00 14.86  ? 187 LEU B CB  1 
ATOM   1529 C CG  . LEU A 1 181 ? -3.460  2.254   -6.036  1.00 15.16  ? 187 LEU B CG  1 
ATOM   1530 C CD1 . LEU A 1 181 ? -3.417  2.057   -4.532  1.00 16.20  ? 187 LEU B CD1 1 
ATOM   1531 C CD2 . LEU A 1 181 ? -2.137  2.855   -6.434  1.00 16.76  ? 187 LEU B CD2 1 
ATOM   1532 N N   . LYS A 1 182 ? -2.897  -0.832  -9.600  1.00 15.31  ? 188 LYS B N   1 
ATOM   1533 C CA  . LYS A 1 182 ? -2.938  -2.166  -10.255 1.00 16.71  ? 188 LYS B CA  1 
ATOM   1534 C C   . LYS A 1 182 ? -1.758  -2.978  -9.795  1.00 16.91  ? 188 LYS B C   1 
ATOM   1535 O O   . LYS A 1 182 ? -0.627  -2.448  -9.876  1.00 18.35  ? 188 LYS B O   1 
ATOM   1536 C CB  . LYS A 1 182 ? -2.884  -2.055  -11.780 1.00 18.78  ? 188 LYS B CB  1 
ATOM   1537 C CG  . LYS A 1 182 ? -3.839  -1.078  -12.425 1.00 22.49  ? 188 LYS B CG  1 
ATOM   1538 C CD  . LYS A 1 182 ? -3.776  -1.188  -13.950 1.00 27.01  ? 188 LYS B CD  1 
ATOM   1539 C CE  . LYS A 1 182 ? -4.663  -0.214  -14.669 1.00 33.32  ? 188 LYS B CE  1 
ATOM   1540 N NZ  . LYS A 1 182 ? -4.433  -0.301  -16.130 1.00 35.15  ? 188 LYS B NZ  1 
ATOM   1541 N N   . LEU A 1 183 ? -2.008  -4.204  -9.353  1.00 17.30  ? 189 LEU B N   1 
ATOM   1542 C CA  . LEU A 1 183 ? -0.903  -5.167  -9.116  1.00 17.93  ? 189 LEU B CA  1 
ATOM   1543 C C   . LEU A 1 183 ? -0.333  -5.596  -10.472 1.00 19.69  ? 189 LEU B C   1 
ATOM   1544 O O   . LEU A 1 183 ? -1.082  -6.123  -11.300 1.00 22.13  ? 189 LEU B O   1 
ATOM   1545 C CB  . LEU A 1 183 ? -1.411  -6.307  -8.241  1.00 20.24  ? 189 LEU B CB  1 
ATOM   1546 C CG  . LEU A 1 183 ? -1.563  -5.866  -6.785  1.00 19.71  ? 189 LEU B CG  1 
ATOM   1547 C CD1 . LEU A 1 183 ? -2.607  -6.633  -6.018  1.00 24.56  ? 189 LEU B CD1 1 
ATOM   1548 C CD2 . LEU A 1 183 ? -0.213  -5.845  -6.055  1.00 18.24  ? 189 LEU B CD2 1 
ATOM   1549 N N   . CYS A 1 184 ? 0.974   -5.449  -10.653 1.00 20.14  ? 190 CYS B N   1 
ATOM   1550 C CA  . CYS A 1 184 ? 1.698   -5.707  -11.941 1.00 22.45  ? 190 CYS B CA  1 
ATOM   1551 C C   . CYS A 1 184 ? 2.053   -7.169  -12.076 1.00 25.24  ? 190 CYS B C   1 
ATOM   1552 O O   . CYS A 1 184 ? 2.394   -7.829  -11.112 1.00 25.36  ? 190 CYS B O   1 
ATOM   1553 C CB  . CYS A 1 184 ? 3.046   -5.027  -11.975 1.00 24.36  ? 190 CYS B CB  1 
ATOM   1554 S SG  . CYS A 1 184 ? 2.889   -3.259  -11.758 1.00 27.88  ? 190 CYS B SG  1 
ATOM   1555 N N   . PRO A 1 185 ? 2.003   -7.693  -13.307 1.00 30.59  ? 191 PRO B N   1 
ATOM   1556 C CA  . PRO A 1 185 ? 2.417   -9.061  -13.556 1.00 33.30  ? 191 PRO B CA  1 
ATOM   1557 C C   . PRO A 1 185 ? 3.900   -9.239  -13.223 1.00 33.41  ? 191 PRO B C   1 
ATOM   1558 O O   . PRO A 1 185 ? 4.677   -8.307  -13.440 1.00 33.54  ? 191 PRO B O   1 
ATOM   1559 C CB  . PRO A 1 185 ? 2.113   -9.241  -15.063 1.00 33.12  ? 191 PRO B CB  1 
ATOM   1560 C CG  . PRO A 1 185 ? 2.047   -7.853  -15.642 1.00 35.76  ? 191 PRO B CG  1 
ATOM   1561 C CD  . PRO A 1 185 ? 1.534   -6.993  -14.516 1.00 34.31  ? 191 PRO B CD  1 
ATOM   1562 N N   . LEU A 1 186 ? 4.190   -10.404 -12.641 1.00 36.60  ? 192 LEU B N   1 
ATOM   1563 C CA  . LEU A 1 186 ? 5.506   -11.076 -12.493 1.00 44.26  ? 192 LEU B CA  1 
ATOM   1564 C C   . LEU A 1 186 ? 6.169   -11.248 -13.863 1.00 48.43  ? 192 LEU B C   1 
ATOM   1565 O O   . LEU A 1 186 ? 7.408   -11.277 -13.871 1.00 51.64  ? 192 LEU B O   1 
ATOM   1566 C CB  . LEU A 1 186 ? 5.264   -12.447 -11.846 1.00 46.71  ? 192 LEU B CB  1 
HETATM 1567 C C1  . EDO B 2 .   ? -13.927 12.384  -3.271  1.00 36.15  ? 201 EDO B C1  1 
HETATM 1568 O O1  . EDO B 2 .   ? -13.311 11.162  -3.586  1.00 25.35  ? 201 EDO B O1  1 
HETATM 1569 C C2  . EDO B 2 .   ? -14.643 12.434  -1.966  1.00 41.62  ? 201 EDO B C2  1 
HETATM 1570 O O2  . EDO B 2 .   ? -15.772 11.592  -1.880  1.00 49.39  ? 201 EDO B O2  1 
HETATM 1571 N N1  . EPE C 3 .   ? -1.664  9.793   4.640   1.00 44.44  ? 202 EPE B N1  1 
HETATM 1572 C C2  . EPE C 3 .   ? -3.042  9.552   4.195   1.00 40.09  ? 202 EPE B C2  1 
HETATM 1573 C C3  . EPE C 3 .   ? -3.118  9.345   2.699   1.00 40.09  ? 202 EPE B C3  1 
HETATM 1574 N N4  . EPE C 3 .   ? -2.424  10.388  1.920   1.00 38.34  ? 202 EPE B N4  1 
HETATM 1575 C C5  . EPE C 3 .   ? -1.098  10.707  2.466   1.00 36.88  ? 202 EPE B C5  1 
HETATM 1576 C C6  . EPE C 3 .   ? -1.164  10.982  3.948   1.00 38.73  ? 202 EPE B C6  1 
HETATM 1577 C C7  . EPE C 3 .   ? -2.409  10.105  0.481   1.00 35.29  ? 202 EPE B C7  1 
HETATM 1578 C C8  . EPE C 3 .   ? -3.538  9.204   -0.009  1.00 36.22  ? 202 EPE B C8  1 
HETATM 1579 O O8  . EPE C 3 .   ? -4.818  9.589   0.464   1.00 38.14  ? 202 EPE B O8  1 
HETATM 1580 C C9  . EPE C 3 .   ? -1.553  9.876   6.107   1.00 46.33  ? 202 EPE B C9  1 
HETATM 1581 C C10 . EPE C 3 .   ? -1.510  11.271  6.728   1.00 48.45  ? 202 EPE B C10 1 
HETATM 1582 S S   . EPE C 3 .   ? -0.992  11.097  8.421   1.00 47.69  ? 202 EPE B S   1 
HETATM 1583 O O1S . EPE C 3 .   ? -0.488  9.753   8.506   1.00 40.13  ? 202 EPE B O1S 1 
HETATM 1584 O O2S . EPE C 3 .   ? -2.102  11.496  9.241   1.00 46.68  ? 202 EPE B O2S 1 
HETATM 1585 O O3S . EPE C 3 .   ? 0.151   12.125  8.583   1.00 47.13  ? 202 EPE B O3S 1 
HETATM 1586 C C1  . EDO D 2 .   ? -16.722 11.755  14.328  1.00 55.23  ? 203 EDO B C1  1 
HETATM 1587 O O1  . EDO D 2 .   ? -16.463 10.554  13.624  1.00 53.19  ? 203 EDO B O1  1 
HETATM 1588 C C2  . EDO D 2 .   ? -15.846 12.868  13.910  1.00 51.44  ? 203 EDO B C2  1 
HETATM 1589 O O2  . EDO D 2 .   ? -16.441 13.621  12.890  1.00 51.16  ? 203 EDO B O2  1 
HETATM 1590 S S   . SO4 E 4 .   ? -2.762  8.974   15.733  1.00 48.30  ? 204 SO4 B S   1 
HETATM 1591 O O1  . SO4 E 4 .   ? -3.360  7.806   15.123  1.00 29.43  ? 204 SO4 B O1  1 
HETATM 1592 O O2  . SO4 E 4 .   ? -3.430  9.268   16.967  1.00 51.28  ? 204 SO4 B O2  1 
HETATM 1593 O O3  . SO4 E 4 .   ? -1.356  8.719   16.001  1.00 49.88  ? 204 SO4 B O3  1 
HETATM 1594 O O4  . SO4 E 4 .   ? -2.873  10.123  14.857  1.00 46.92  ? 204 SO4 B O4  1 
HETATM 1595 N N1  . UUP F 5 .   ? 6.542   0.400   16.635  0.18 5.63   ? 205 UUP B N1  1 
HETATM 1596 N N3  . UUP F 5 .   ? 9.737   1.859   16.861  0.18 5.87   ? 205 UUP B N3  1 
HETATM 1597 C C4  . UUP F 5 .   ? 8.356   0.485   15.307  0.18 5.47   ? 205 UUP B C4  1 
HETATM 1598 C C5  . UUP F 5 .   ? 7.036   0.031   15.458  0.18 5.54   ? 205 UUP B C5  1 
HETATM 1599 C C6  . UUP F 5 .   ? 7.482   1.700   18.488  0.18 5.79   ? 205 UUP B C6  1 
HETATM 1600 C C7  . UUP F 5 .   ? 8.577   2.368   18.893  0.18 5.91   ? 205 UUP B C7  1 
HETATM 1601 C C8  . UUP F 5 .   ? 9.693   2.420   18.049  0.18 5.91   ? 205 UUP B C8  1 
HETATM 1602 N N   . UUP F 5 .   ? 10.193  1.188   13.897  0.18 5.15   ? 205 UUP B N   1 
HETATM 1603 C C   . UUP F 5 .   ? 9.211   0.305   14.109  0.18 5.29   ? 205 UUP B C   1 
HETATM 1604 O O   . UUP F 5 .   ? 8.972   -0.584  13.289  0.18 5.18   ? 205 UUP B O   1 
HETATM 1605 C C1  . UUP F 5 .   ? 11.073  1.070   12.741  0.18 5.17   ? 205 UUP B C1  1 
HETATM 1606 C C2  . UUP F 5 .   ? 11.255  2.258   11.861  0.18 5.13   ? 205 UUP B C2  1 
HETATM 1607 C C3  . UUP F 5 .   ? 10.466  1.099   11.381  0.18 5.07   ? 205 UUP B C3  1 
HETATM 1608 C C9  . UUP F 5 .   ? 8.651   1.177   16.467  0.18 5.66   ? 205 UUP B C9  1 
HETATM 1609 N N2  . UUP F 5 .   ? 7.525   1.111   17.251  0.18 5.70   ? 205 UUP B N2  1 
HETATM 1610 O O   . HOH G 6 .   ? 9.321   -15.340 11.336  1.00 18.40  ? 301 HOH B O   1 
HETATM 1611 O O   . HOH G 6 .   ? -5.321  1.965   11.813  1.00 37.85  ? 302 HOH B O   1 
HETATM 1612 O O   . HOH G 6 .   ? -4.229  2.952   15.586  1.00 39.70  ? 303 HOH B O   1 
HETATM 1613 O O   . HOH G 6 .   ? 3.240   9.361   9.908   1.00 28.89  ? 304 HOH B O   1 
HETATM 1614 O O   . HOH G 6 .   ? 8.989   15.886  9.096   1.00 39.00  ? 305 HOH B O   1 
HETATM 1615 O O   . HOH G 6 .   ? 2.856   -14.097 13.047  1.00 19.97  ? 306 HOH B O   1 
HETATM 1616 O O   . HOH G 6 .   ? 5.619   -17.905 10.805  1.00 35.70  ? 307 HOH B O   1 
HETATM 1617 O O   . HOH G 6 .   ? 1.616   19.809  1.021   1.00 27.98  ? 308 HOH B O   1 
HETATM 1618 O O   . HOH G 6 .   ? 16.059  -3.897  1.277   1.00 29.40  ? 309 HOH B O   1 
HETATM 1619 O O   . HOH G 6 .   ? 16.618  -4.289  10.489  1.00 23.75  ? 310 HOH B O   1 
HETATM 1620 O O   . HOH G 6 .   ? -1.720  -3.631  16.388  1.00 30.49  ? 311 HOH B O   1 
HETATM 1621 O O   . HOH G 6 .   ? 4.140   4.081   7.679   1.00 16.22  ? 312 HOH B O   1 
HETATM 1622 O O   . HOH G 6 .   ? 12.365  4.564   9.257   1.00 22.19  ? 313 HOH B O   1 
HETATM 1623 O O   . HOH G 6 .   ? 18.229  -0.529  1.774   1.00 22.68  ? 314 HOH B O   1 
HETATM 1624 O O   . HOH G 6 .   ? 19.131  -0.163  10.952  1.00 30.41  ? 315 HOH B O   1 
HETATM 1625 O O   . HOH G 6 .   ? 3.635   19.044  -1.007  1.00 32.09  ? 316 HOH B O   1 
HETATM 1626 O O   . HOH G 6 .   ? 1.716   7.824   15.125  1.00 40.75  ? 317 HOH B O   1 
HETATM 1627 O O   . HOH G 6 .   ? 14.083  8.909   -1.631  1.00 20.38  ? 318 HOH B O   1 
HETATM 1628 O O   . HOH G 6 .   ? 13.999  6.716   -7.253  1.00 24.50  ? 319 HOH B O   1 
HETATM 1629 O O   . HOH G 6 .   ? 0.570   -15.311 9.001   1.00 27.88  ? 320 HOH B O   1 
HETATM 1630 O O   . HOH G 6 .   ? -3.593  0.636   14.305  1.00 21.79  ? 321 HOH B O   1 
HETATM 1631 O O   . HOH G 6 .   ? -6.534  9.124   2.640   1.00 32.55  ? 322 HOH B O   1 
HETATM 1632 O O   . HOH G 6 .   ? -10.882 4.341   8.999   1.00 16.63  ? 323 HOH B O   1 
HETATM 1633 O O   . HOH G 6 .   ? 8.164   -8.180  15.540  1.00 20.38  ? 324 HOH B O   1 
HETATM 1634 O O   . HOH G 6 .   ? 1.263   -2.734  -1.099  1.00 16.65  ? 325 HOH B O   1 
HETATM 1635 O O   . HOH G 6 .   ? 14.625  7.738   -4.676  1.00 22.11  ? 326 HOH B O   1 
HETATM 1636 O O   . HOH G 6 .   ? 9.253   14.413  -2.869  1.00 27.44  ? 327 HOH B O   1 
HETATM 1637 O O   . HOH G 6 .   ? 4.357   -16.525 6.228   1.00 31.23  ? 328 HOH B O   1 
HETATM 1638 O O   . HOH G 6 .   ? -1.787  -15.953 3.230   1.00 30.77  ? 329 HOH B O   1 
HETATM 1639 O O   . HOH G 6 .   ? -3.156  -1.522  16.311  1.00 37.65  ? 330 HOH B O   1 
HETATM 1640 O O   . HOH G 6 .   ? -2.513  13.926  4.046   1.00 51.70  ? 331 HOH B O   1 
HETATM 1641 O O   . HOH G 6 .   ? 11.988  5.915   11.582  1.00 27.81  ? 332 HOH B O   1 
HETATM 1642 O O   . HOH G 6 .   ? -6.874  11.180  4.298   1.00 33.86  ? 333 HOH B O   1 
# 
